data_3RFI
# 
_entry.id   3RFI 
# 
_audit_conform.dict_name       mmcif_pdbx.dic 
_audit_conform.dict_version    5.398 
_audit_conform.dict_location   http://mmcif.pdb.org/dictionaries/ascii/mmcif_pdbx.dic 
# 
loop_
_database_2.database_id 
_database_2.database_code 
_database_2.pdbx_database_accession 
_database_2.pdbx_DOI 
PDB   3RFI         pdb_00003rfi 10.2210/pdb3rfi/pdb 
RCSB  RCSB064866   ?            ?                   
WWPDB D_1000064866 ?            ?                   
# 
loop_
_pdbx_audit_revision_history.ordinal 
_pdbx_audit_revision_history.data_content_type 
_pdbx_audit_revision_history.major_revision 
_pdbx_audit_revision_history.minor_revision 
_pdbx_audit_revision_history.revision_date 
1 'Structure model' 1 0 2011-06-15 
2 'Structure model' 1 1 2011-07-13 
3 'Structure model' 1 2 2011-08-10 
4 'Structure model' 1 3 2011-08-24 
5 'Structure model' 1 4 2024-11-06 
# 
_pdbx_audit_revision_details.ordinal             1 
_pdbx_audit_revision_details.revision_ordinal    1 
_pdbx_audit_revision_details.data_content_type   'Structure model' 
_pdbx_audit_revision_details.provider            repository 
_pdbx_audit_revision_details.type                'Initial release' 
_pdbx_audit_revision_details.description         ? 
_pdbx_audit_revision_details.details             ? 
# 
loop_
_pdbx_audit_revision_group.ordinal 
_pdbx_audit_revision_group.revision_ordinal 
_pdbx_audit_revision_group.data_content_type 
_pdbx_audit_revision_group.group 
1 2 'Structure model' 'Version format compliance' 
2 3 'Structure model' 'Database references'       
3 4 'Structure model' 'Database references'       
4 5 'Structure model' 'Data collection'           
5 5 'Structure model' 'Database references'       
6 5 'Structure model' 'Structure summary'         
# 
loop_
_pdbx_audit_revision_category.ordinal 
_pdbx_audit_revision_category.revision_ordinal 
_pdbx_audit_revision_category.data_content_type 
_pdbx_audit_revision_category.category 
1 5 'Structure model' chem_comp_atom            
2 5 'Structure model' chem_comp_bond            
3 5 'Structure model' database_2                
4 5 'Structure model' pdbx_entry_details        
5 5 'Structure model' pdbx_modification_feature 
6 5 'Structure model' struct_ref_seq_dif        
# 
loop_
_pdbx_audit_revision_item.ordinal 
_pdbx_audit_revision_item.revision_ordinal 
_pdbx_audit_revision_item.data_content_type 
_pdbx_audit_revision_item.item 
1 5 'Structure model' '_database_2.pdbx_DOI'                
2 5 'Structure model' '_database_2.pdbx_database_accession' 
3 5 'Structure model' '_struct_ref_seq_dif.details'         
# 
_pdbx_database_status.status_code                     REL 
_pdbx_database_status.entry_id                        3RFI 
_pdbx_database_status.recvd_initial_deposition_date   2011-04-06 
_pdbx_database_status.deposit_site                    RCSB 
_pdbx_database_status.process_site                    RCSB 
_pdbx_database_status.status_code_sf                  REL 
_pdbx_database_status.status_code_mr                  ? 
_pdbx_database_status.SG_entry                        ? 
_pdbx_database_status.status_code_cs                  ? 
_pdbx_database_status.pdb_format_compatible           Y 
_pdbx_database_status.status_code_nmr_data            ? 
_pdbx_database_status.methods_development_category    ? 
# 
loop_
_audit_author.name 
_audit_author.pdbx_ordinal 
'Bhaumik, P.'  1 
'Wlodawer, A.' 2 
# 
_citation.id                        primary 
_citation.title                     'Structure and Mechanism of the Saposin-like Domain of a Plant Aspartic Protease.' 
_citation.journal_abbrev            J.Biol.Chem. 
_citation.journal_volume            286 
_citation.page_first                28265 
_citation.page_last                 28275 
_citation.year                      2011 
_citation.journal_id_ASTM           JBCHA3 
_citation.country                   US 
_citation.journal_id_ISSN           0021-9258 
_citation.journal_id_CSD            0071 
_citation.book_publisher            ? 
_citation.pdbx_database_id_PubMed   21676875 
_citation.pdbx_database_id_DOI      10.1074/jbc.M111.252619 
# 
loop_
_citation_author.citation_id 
_citation_author.name 
_citation_author.ordinal 
_citation_author.identifier_ORCID 
primary 'Bryksa, B.C.'   1 ? 
primary 'Bhaumik, P.'    2 ? 
primary 'Magracheva, E.' 3 ? 
primary 'De Moura, D.C.' 4 ? 
primary 'Kurylowicz, M.' 5 ? 
primary 'Zdanov, A.'     6 ? 
primary 'Dutcher, J.R.'  7 ? 
primary 'Wlodawer, A.'   8 ? 
primary 'Yada, R.Y.'     9 ? 
# 
loop_
_entity.id 
_entity.type 
_entity.src_method 
_entity.pdbx_description 
_entity.formula_weight 
_entity.pdbx_number_of_molecules 
_entity.pdbx_ec 
_entity.pdbx_mutation 
_entity.pdbx_fragment 
_entity.details 
1 polymer man Asp   11779.507 1  ? ? 'StAP_PSI (UNP Residues 301-403)' ? 
2 water   nat water 18.015    63 ? ? ?                                 ? 
# 
_entity_poly.entity_id                      1 
_entity_poly.type                           'polypeptide(L)' 
_entity_poly.nstd_linkage                   no 
_entity_poly.nstd_monomer                   no 
_entity_poly.pdbx_seq_one_letter_code       
;GSAMAIVSMECKTIVSQYGEMIWDLLVSGVRPDQVCSQAGLCFVDGAQHVSSNIKTVVERETEGSSVGEAPLCTACEMAV
VWMQNQLKQEGTKEKVLEYVNQLCEKIP
;
_entity_poly.pdbx_seq_one_letter_code_can   
;GSAMAIVSMECKTIVSQYGEMIWDLLVSGVRPDQVCSQAGLCFVDGAQHVSSNIKTVVERETEGSSVGEAPLCTACEMAV
VWMQNQLKQEGTKEKVLEYVNQLCEKIP
;
_entity_poly.pdbx_strand_id                 A 
_entity_poly.pdbx_target_identifier         ? 
# 
_pdbx_entity_nonpoly.entity_id   2 
_pdbx_entity_nonpoly.name        water 
_pdbx_entity_nonpoly.comp_id     HOH 
# 
loop_
_entity_poly_seq.entity_id 
_entity_poly_seq.num 
_entity_poly_seq.mon_id 
_entity_poly_seq.hetero 
1 1   GLY n 
1 2   SER n 
1 3   ALA n 
1 4   MET n 
1 5   ALA n 
1 6   ILE n 
1 7   VAL n 
1 8   SER n 
1 9   MET n 
1 10  GLU n 
1 11  CYS n 
1 12  LYS n 
1 13  THR n 
1 14  ILE n 
1 15  VAL n 
1 16  SER n 
1 17  GLN n 
1 18  TYR n 
1 19  GLY n 
1 20  GLU n 
1 21  MET n 
1 22  ILE n 
1 23  TRP n 
1 24  ASP n 
1 25  LEU n 
1 26  LEU n 
1 27  VAL n 
1 28  SER n 
1 29  GLY n 
1 30  VAL n 
1 31  ARG n 
1 32  PRO n 
1 33  ASP n 
1 34  GLN n 
1 35  VAL n 
1 36  CYS n 
1 37  SER n 
1 38  GLN n 
1 39  ALA n 
1 40  GLY n 
1 41  LEU n 
1 42  CYS n 
1 43  PHE n 
1 44  VAL n 
1 45  ASP n 
1 46  GLY n 
1 47  ALA n 
1 48  GLN n 
1 49  HIS n 
1 50  VAL n 
1 51  SER n 
1 52  SER n 
1 53  ASN n 
1 54  ILE n 
1 55  LYS n 
1 56  THR n 
1 57  VAL n 
1 58  VAL n 
1 59  GLU n 
1 60  ARG n 
1 61  GLU n 
1 62  THR n 
1 63  GLU n 
1 64  GLY n 
1 65  SER n 
1 66  SER n 
1 67  VAL n 
1 68  GLY n 
1 69  GLU n 
1 70  ALA n 
1 71  PRO n 
1 72  LEU n 
1 73  CYS n 
1 74  THR n 
1 75  ALA n 
1 76  CYS n 
1 77  GLU n 
1 78  MET n 
1 79  ALA n 
1 80  VAL n 
1 81  VAL n 
1 82  TRP n 
1 83  MET n 
1 84  GLN n 
1 85  ASN n 
1 86  GLN n 
1 87  LEU n 
1 88  LYS n 
1 89  GLN n 
1 90  GLU n 
1 91  GLY n 
1 92  THR n 
1 93  LYS n 
1 94  GLU n 
1 95  LYS n 
1 96  VAL n 
1 97  LEU n 
1 98  GLU n 
1 99  TYR n 
1 100 VAL n 
1 101 ASN n 
1 102 GLN n 
1 103 LEU n 
1 104 CYS n 
1 105 GLU n 
1 106 LYS n 
1 107 ILE n 
1 108 PRO n 
# 
_entity_src_gen.entity_id                          1 
_entity_src_gen.pdbx_src_id                        1 
_entity_src_gen.pdbx_alt_source_flag               sample 
_entity_src_gen.pdbx_seq_type                      ? 
_entity_src_gen.pdbx_beg_seq_num                   ? 
_entity_src_gen.pdbx_end_seq_num                   ? 
_entity_src_gen.gene_src_common_name               potatoes 
_entity_src_gen.gene_src_genus                     ? 
_entity_src_gen.pdbx_gene_src_gene                 ? 
_entity_src_gen.gene_src_species                   ? 
_entity_src_gen.gene_src_strain                    ? 
_entity_src_gen.gene_src_tissue                    ? 
_entity_src_gen.gene_src_tissue_fraction           ? 
_entity_src_gen.gene_src_details                   ? 
_entity_src_gen.pdbx_gene_src_fragment             ? 
_entity_src_gen.pdbx_gene_src_scientific_name      'Solanum tuberosum' 
_entity_src_gen.pdbx_gene_src_ncbi_taxonomy_id     4113 
_entity_src_gen.pdbx_gene_src_variant              ? 
_entity_src_gen.pdbx_gene_src_cell_line            ? 
_entity_src_gen.pdbx_gene_src_atcc                 ? 
_entity_src_gen.pdbx_gene_src_organ                ? 
_entity_src_gen.pdbx_gene_src_organelle            ? 
_entity_src_gen.pdbx_gene_src_cell                 ? 
_entity_src_gen.pdbx_gene_src_cellular_location    ? 
_entity_src_gen.host_org_common_name               ? 
_entity_src_gen.pdbx_host_org_scientific_name      'Escherichia coli' 
_entity_src_gen.pdbx_host_org_ncbi_taxonomy_id     469008 
_entity_src_gen.host_org_genus                     ? 
_entity_src_gen.pdbx_host_org_gene                 ? 
_entity_src_gen.pdbx_host_org_organ                ? 
_entity_src_gen.host_org_species                   ? 
_entity_src_gen.pdbx_host_org_tissue               ? 
_entity_src_gen.pdbx_host_org_tissue_fraction      ? 
_entity_src_gen.pdbx_host_org_strain               'Rosetta-gami B (DE3)pLysS' 
_entity_src_gen.pdbx_host_org_variant              ? 
_entity_src_gen.pdbx_host_org_cell_line            ? 
_entity_src_gen.pdbx_host_org_atcc                 ? 
_entity_src_gen.pdbx_host_org_culture_collection   ? 
_entity_src_gen.pdbx_host_org_cell                 ? 
_entity_src_gen.pdbx_host_org_organelle            ? 
_entity_src_gen.pdbx_host_org_cellular_location    ? 
_entity_src_gen.pdbx_host_org_vector_type          Plasmid 
_entity_src_gen.pdbx_host_org_vector               ? 
_entity_src_gen.host_org_details                   ? 
_entity_src_gen.expression_system_id               ? 
_entity_src_gen.plasmid_name                       'pET32b(+)' 
_entity_src_gen.plasmid_details                    ? 
_entity_src_gen.pdbx_description                   ? 
# 
loop_
_chem_comp.id 
_chem_comp.type 
_chem_comp.mon_nstd_flag 
_chem_comp.name 
_chem_comp.pdbx_synonyms 
_chem_comp.formula 
_chem_comp.formula_weight 
ALA 'L-peptide linking' y ALANINE         ? 'C3 H7 N O2'     89.093  
ARG 'L-peptide linking' y ARGININE        ? 'C6 H15 N4 O2 1' 175.209 
ASN 'L-peptide linking' y ASPARAGINE      ? 'C4 H8 N2 O3'    132.118 
ASP 'L-peptide linking' y 'ASPARTIC ACID' ? 'C4 H7 N O4'     133.103 
CYS 'L-peptide linking' y CYSTEINE        ? 'C3 H7 N O2 S'   121.158 
GLN 'L-peptide linking' y GLUTAMINE       ? 'C5 H10 N2 O3'   146.144 
GLU 'L-peptide linking' y 'GLUTAMIC ACID' ? 'C5 H9 N O4'     147.129 
GLY 'peptide linking'   y GLYCINE         ? 'C2 H5 N O2'     75.067  
HIS 'L-peptide linking' y HISTIDINE       ? 'C6 H10 N3 O2 1' 156.162 
HOH non-polymer         . WATER           ? 'H2 O'           18.015  
ILE 'L-peptide linking' y ISOLEUCINE      ? 'C6 H13 N O2'    131.173 
LEU 'L-peptide linking' y LEUCINE         ? 'C6 H13 N O2'    131.173 
LYS 'L-peptide linking' y LYSINE          ? 'C6 H15 N2 O2 1' 147.195 
MET 'L-peptide linking' y METHIONINE      ? 'C5 H11 N O2 S'  149.211 
PHE 'L-peptide linking' y PHENYLALANINE   ? 'C9 H11 N O2'    165.189 
PRO 'L-peptide linking' y PROLINE         ? 'C5 H9 N O2'     115.130 
SER 'L-peptide linking' y SERINE          ? 'C3 H7 N O3'     105.093 
THR 'L-peptide linking' y THREONINE       ? 'C4 H9 N O3'     119.119 
TRP 'L-peptide linking' y TRYPTOPHAN      ? 'C11 H12 N2 O2'  204.225 
TYR 'L-peptide linking' y TYROSINE        ? 'C9 H11 N O3'    181.189 
VAL 'L-peptide linking' y VALINE          ? 'C5 H11 N O2'    117.146 
# 
loop_
_pdbx_poly_seq_scheme.asym_id 
_pdbx_poly_seq_scheme.entity_id 
_pdbx_poly_seq_scheme.seq_id 
_pdbx_poly_seq_scheme.mon_id 
_pdbx_poly_seq_scheme.ndb_seq_num 
_pdbx_poly_seq_scheme.pdb_seq_num 
_pdbx_poly_seq_scheme.auth_seq_num 
_pdbx_poly_seq_scheme.pdb_mon_id 
_pdbx_poly_seq_scheme.auth_mon_id 
_pdbx_poly_seq_scheme.pdb_strand_id 
_pdbx_poly_seq_scheme.pdb_ins_code 
_pdbx_poly_seq_scheme.hetero 
A 1 1   GLY 1   -4  ?   ?   ?   A . n 
A 1 2   SER 2   -3  ?   ?   ?   A . n 
A 1 3   ALA 3   -2  ?   ?   ?   A . n 
A 1 4   MET 4   -1  ?   ?   ?   A . n 
A 1 5   ALA 5   0   0   ALA ALA A . n 
A 1 6   ILE 6   1   1   ILE ILE A . n 
A 1 7   VAL 7   2   2   VAL VAL A . n 
A 1 8   SER 8   3   3   SER SER A . n 
A 1 9   MET 9   4   4   MET MET A . n 
A 1 10  GLU 10  5   5   GLU GLU A . n 
A 1 11  CYS 11  6   6   CYS CYS A . n 
A 1 12  LYS 12  7   7   LYS LYS A . n 
A 1 13  THR 13  8   8   THR THR A . n 
A 1 14  ILE 14  9   9   ILE ILE A . n 
A 1 15  VAL 15  10  10  VAL VAL A . n 
A 1 16  SER 16  11  11  SER SER A . n 
A 1 17  GLN 17  12  12  GLN GLN A . n 
A 1 18  TYR 18  13  13  TYR TYR A . n 
A 1 19  GLY 19  14  14  GLY GLY A . n 
A 1 20  GLU 20  15  15  GLU GLU A . n 
A 1 21  MET 21  16  16  MET MET A . n 
A 1 22  ILE 22  17  17  ILE ILE A . n 
A 1 23  TRP 23  18  18  TRP TRP A . n 
A 1 24  ASP 24  19  19  ASP ASP A . n 
A 1 25  LEU 25  20  20  LEU LEU A . n 
A 1 26  LEU 26  21  21  LEU LEU A . n 
A 1 27  VAL 27  22  22  VAL VAL A . n 
A 1 28  SER 28  23  23  SER SER A . n 
A 1 29  GLY 29  24  24  GLY GLY A . n 
A 1 30  VAL 30  25  25  VAL VAL A . n 
A 1 31  ARG 31  26  26  ARG ARG A . n 
A 1 32  PRO 32  27  27  PRO PRO A . n 
A 1 33  ASP 33  28  28  ASP ASP A . n 
A 1 34  GLN 34  29  29  GLN GLN A . n 
A 1 35  VAL 35  30  30  VAL VAL A . n 
A 1 36  CYS 36  31  31  CYS CYS A . n 
A 1 37  SER 37  32  32  SER SER A . n 
A 1 38  GLN 38  33  33  GLN GLN A . n 
A 1 39  ALA 39  34  34  ALA ALA A . n 
A 1 40  GLY 40  35  35  GLY GLY A . n 
A 1 41  LEU 41  36  36  LEU LEU A . n 
A 1 42  CYS 42  37  37  CYS CYS A . n 
A 1 43  PHE 43  38  38  PHE PHE A . n 
A 1 44  VAL 44  39  39  VAL VAL A . n 
A 1 45  ASP 45  40  ?   ?   ?   A . n 
A 1 46  GLY 46  41  ?   ?   ?   A . n 
A 1 47  ALA 47  42  ?   ?   ?   A . n 
A 1 48  GLN 48  43  ?   ?   ?   A . n 
A 1 49  HIS 49  44  ?   ?   ?   A . n 
A 1 50  VAL 50  45  ?   ?   ?   A . n 
A 1 51  SER 51  46  ?   ?   ?   A . n 
A 1 52  SER 52  47  ?   ?   ?   A . n 
A 1 53  ASN 53  48  ?   ?   ?   A . n 
A 1 54  ILE 54  49  ?   ?   ?   A . n 
A 1 55  LYS 55  50  ?   ?   ?   A . n 
A 1 56  THR 56  51  ?   ?   ?   A . n 
A 1 57  VAL 57  52  ?   ?   ?   A . n 
A 1 58  VAL 58  53  ?   ?   ?   A . n 
A 1 59  GLU 59  54  ?   ?   ?   A . n 
A 1 60  ARG 60  55  ?   ?   ?   A . n 
A 1 61  GLU 61  56  ?   ?   ?   A . n 
A 1 62  THR 62  57  ?   ?   ?   A . n 
A 1 63  GLU 63  58  ?   ?   ?   A . n 
A 1 64  GLY 64  59  ?   ?   ?   A . n 
A 1 65  SER 65  60  ?   ?   ?   A . n 
A 1 66  SER 66  61  ?   ?   ?   A . n 
A 1 67  VAL 67  62  ?   ?   ?   A . n 
A 1 68  GLY 68  63  ?   ?   ?   A . n 
A 1 69  GLU 69  64  64  GLU GLU A . n 
A 1 70  ALA 70  65  65  ALA ALA A . n 
A 1 71  PRO 71  66  66  PRO PRO A . n 
A 1 72  LEU 72  67  67  LEU LEU A . n 
A 1 73  CYS 73  68  68  CYS CYS A . n 
A 1 74  THR 74  69  69  THR THR A . n 
A 1 75  ALA 75  70  70  ALA ALA A . n 
A 1 76  CYS 76  71  71  CYS CYS A . n 
A 1 77  GLU 77  72  72  GLU GLU A . n 
A 1 78  MET 78  73  73  MET MET A . n 
A 1 79  ALA 79  74  74  ALA ALA A . n 
A 1 80  VAL 80  75  75  VAL VAL A . n 
A 1 81  VAL 81  76  76  VAL VAL A . n 
A 1 82  TRP 82  77  77  TRP TRP A . n 
A 1 83  MET 83  78  78  MET MET A . n 
A 1 84  GLN 84  79  79  GLN GLN A . n 
A 1 85  ASN 85  80  80  ASN ASN A . n 
A 1 86  GLN 86  81  81  GLN GLN A . n 
A 1 87  LEU 87  82  82  LEU LEU A . n 
A 1 88  LYS 88  83  83  LYS LYS A . n 
A 1 89  GLN 89  84  84  GLN GLN A . n 
A 1 90  GLU 90  85  85  GLU GLU A . n 
A 1 91  GLY 91  86  86  GLY GLY A . n 
A 1 92  THR 92  87  87  THR THR A . n 
A 1 93  LYS 93  88  88  LYS LYS A . n 
A 1 94  GLU 94  89  89  GLU GLU A . n 
A 1 95  LYS 95  90  90  LYS LYS A . n 
A 1 96  VAL 96  91  91  VAL VAL A . n 
A 1 97  LEU 97  92  92  LEU LEU A . n 
A 1 98  GLU 98  93  93  GLU GLU A . n 
A 1 99  TYR 99  94  94  TYR TYR A . n 
A 1 100 VAL 100 95  95  VAL VAL A . n 
A 1 101 ASN 101 96  96  ASN ASN A . n 
A 1 102 GLN 102 97  97  GLN GLN A . n 
A 1 103 LEU 103 98  98  LEU LEU A . n 
A 1 104 CYS 104 99  99  CYS CYS A . n 
A 1 105 GLU 105 100 100 GLU GLU A . n 
A 1 106 LYS 106 101 101 LYS LYS A . n 
A 1 107 ILE 107 102 102 ILE ILE A . n 
A 1 108 PRO 108 103 103 PRO PRO A . n 
# 
loop_
_pdbx_nonpoly_scheme.asym_id 
_pdbx_nonpoly_scheme.entity_id 
_pdbx_nonpoly_scheme.mon_id 
_pdbx_nonpoly_scheme.ndb_seq_num 
_pdbx_nonpoly_scheme.pdb_seq_num 
_pdbx_nonpoly_scheme.auth_seq_num 
_pdbx_nonpoly_scheme.pdb_mon_id 
_pdbx_nonpoly_scheme.auth_mon_id 
_pdbx_nonpoly_scheme.pdb_strand_id 
_pdbx_nonpoly_scheme.pdb_ins_code 
B 2 HOH 1  104 104 HOH HOH A . 
B 2 HOH 2  105 1   HOH HOH A . 
B 2 HOH 3  106 2   HOH HOH A . 
B 2 HOH 4  107 107 HOH HOH A . 
B 2 HOH 5  108 3   HOH HOH A . 
B 2 HOH 6  109 4   HOH HOH A . 
B 2 HOH 7  110 110 HOH HOH A . 
B 2 HOH 8  111 111 HOH HOH A . 
B 2 HOH 9  112 112 HOH HOH A . 
B 2 HOH 10 113 113 HOH HOH A . 
B 2 HOH 11 114 114 HOH HOH A . 
B 2 HOH 12 115 115 HOH HOH A . 
B 2 HOH 13 116 116 HOH HOH A . 
B 2 HOH 14 117 5   HOH HOH A . 
B 2 HOH 15 118 6   HOH HOH A . 
B 2 HOH 16 119 7   HOH HOH A . 
B 2 HOH 17 120 8   HOH HOH A . 
B 2 HOH 18 121 9   HOH HOH A . 
B 2 HOH 19 122 10  HOH HOH A . 
B 2 HOH 20 123 11  HOH HOH A . 
B 2 HOH 21 124 13  HOH HOH A . 
B 2 HOH 22 125 14  HOH HOH A . 
B 2 HOH 23 126 126 HOH HOH A . 
B 2 HOH 24 127 127 HOH HOH A . 
B 2 HOH 25 128 17  HOH HOH A . 
B 2 HOH 26 129 21  HOH HOH A . 
B 2 HOH 27 130 23  HOH HOH A . 
B 2 HOH 28 131 24  HOH HOH A . 
B 2 HOH 29 132 132 HOH HOH A . 
B 2 HOH 30 133 133 HOH HOH A . 
B 2 HOH 31 134 134 HOH HOH A . 
B 2 HOH 32 135 135 HOH HOH A . 
B 2 HOH 33 136 136 HOH HOH A . 
B 2 HOH 34 137 27  HOH HOH A . 
B 2 HOH 35 138 138 HOH HOH A . 
B 2 HOH 36 139 30  HOH HOH A . 
B 2 HOH 37 140 33  HOH HOH A . 
B 2 HOH 38 141 35  HOH HOH A . 
B 2 HOH 39 142 142 HOH HOH A . 
B 2 HOH 40 143 39  HOH HOH A . 
B 2 HOH 41 144 144 HOH HOH A . 
B 2 HOH 42 145 41  HOH HOH A . 
B 2 HOH 43 146 146 HOH HOH A . 
B 2 HOH 44 147 147 HOH HOH A . 
B 2 HOH 45 148 44  HOH HOH A . 
B 2 HOH 46 149 149 HOH HOH A . 
B 2 HOH 47 150 45  HOH HOH A . 
B 2 HOH 48 151 49  HOH HOH A . 
B 2 HOH 49 152 152 HOH HOH A . 
B 2 HOH 50 153 153 HOH HOH A . 
B 2 HOH 51 154 154 HOH HOH A . 
B 2 HOH 52 155 50  HOH HOH A . 
B 2 HOH 53 156 52  HOH HOH A . 
B 2 HOH 54 157 56  HOH HOH A . 
B 2 HOH 55 158 63  HOH HOH A . 
B 2 HOH 56 159 68  HOH HOH A . 
B 2 HOH 57 160 72  HOH HOH A . 
B 2 HOH 58 161 78  HOH HOH A . 
B 2 HOH 59 162 83  HOH HOH A . 
B 2 HOH 60 163 163 HOH HOH A . 
B 2 HOH 61 164 98  HOH HOH A . 
B 2 HOH 62 167 167 HOH HOH A . 
B 2 HOH 63 169 169 HOH HOH A . 
# 
loop_
_software.name 
_software.classification 
_software.version 
_software.citation_id 
_software.pdbx_ordinal 
MAR345dtb 'data collection' .        ? 1 
PHASER    phasing           .        ? 2 
REFMAC    refinement        5.5.0104 ? 3 
XDS       'data reduction'  .        ? 4 
XDS       'data scaling'    .        ? 5 
# 
_cell.entry_id           3RFI 
_cell.length_a           56.470 
_cell.length_b           56.470 
_cell.length_c           55.340 
_cell.angle_alpha        90.00 
_cell.angle_beta         90.00 
_cell.angle_gamma        120.00 
_cell.Z_PDB              6 
_cell.pdbx_unique_axis   ? 
_cell.length_a_esd       ? 
_cell.length_b_esd       ? 
_cell.length_c_esd       ? 
_cell.angle_alpha_esd    ? 
_cell.angle_beta_esd     ? 
_cell.angle_gamma_esd    ? 
# 
_symmetry.entry_id                         3RFI 
_symmetry.space_group_name_H-M             'P 32 2 1' 
_symmetry.pdbx_full_space_group_name_H-M   ? 
_symmetry.cell_setting                     ? 
_symmetry.Int_Tables_number                154 
_symmetry.space_group_name_Hall            ? 
# 
_exptl.entry_id          3RFI 
_exptl.method            'X-RAY DIFFRACTION' 
_exptl.crystals_number   1 
# 
_exptl_crystal.id                    1 
_exptl_crystal.density_meas          ? 
_exptl_crystal.density_Matthews      2.16 
_exptl_crystal.density_percent_sol   43.12 
_exptl_crystal.description           ? 
_exptl_crystal.F_000                 ? 
_exptl_crystal.preparation           ? 
# 
_exptl_crystal_grow.crystal_id      1 
_exptl_crystal_grow.method          'VAPOR DIFFUSION, SITTING DROP' 
_exptl_crystal_grow.temp            293 
_exptl_crystal_grow.temp_details    ? 
_exptl_crystal_grow.pH              ? 
_exptl_crystal_grow.pdbx_details    
'0.2M Lithium sulfate monohydrate, 20% PEG 3350, VAPOR DIFFUSION, SITTING DROP, temperature 293K' 
_exptl_crystal_grow.pdbx_pH_range   ? 
# 
_diffrn.id                     1 
_diffrn.ambient_temp           100 
_diffrn.ambient_temp_details   ? 
_diffrn.crystal_id             1 
# 
_diffrn_detector.diffrn_id              1 
_diffrn_detector.detector               'IMAGE PLATE' 
_diffrn_detector.type                   'MAR scanner 345 mm plate' 
_diffrn_detector.pdbx_collection_date   2009-11-09 
_diffrn_detector.details                ? 
# 
_diffrn_radiation.diffrn_id                        1 
_diffrn_radiation.wavelength_id                    1 
_diffrn_radiation.pdbx_monochromatic_or_laue_m_l   M 
_diffrn_radiation.monochromator                    ? 
_diffrn_radiation.pdbx_diffrn_protocol             'SINGLE WAVELENGTH' 
_diffrn_radiation.pdbx_scattering_type             x-ray 
# 
_diffrn_radiation_wavelength.id           1 
_diffrn_radiation_wavelength.wavelength   1.5418 
_diffrn_radiation_wavelength.wt           1.0 
# 
_diffrn_source.diffrn_id                   1 
_diffrn_source.source                      'ROTATING ANODE' 
_diffrn_source.type                        OTHER 
_diffrn_source.pdbx_synchrotron_site       ? 
_diffrn_source.pdbx_synchrotron_beamline   ? 
_diffrn_source.pdbx_wavelength             ? 
_diffrn_source.pdbx_wavelength_list        1.5418 
# 
_reflns.entry_id                     3RFI 
_reflns.observed_criterion_sigma_I   ? 
_reflns.observed_criterion_sigma_F   ? 
_reflns.d_resolution_low             40.0 
_reflns.d_resolution_high            1.9 
_reflns.number_obs                   8355 
_reflns.number_all                   8363 
_reflns.percent_possible_obs         99.9 
_reflns.pdbx_Rmerge_I_obs            0.059 
_reflns.pdbx_Rsym_value              ? 
_reflns.pdbx_netI_over_sigmaI        24.1 
_reflns.B_iso_Wilson_estimate        ? 
_reflns.pdbx_redundancy              10.3 
_reflns.R_free_details               ? 
_reflns.limit_h_max                  ? 
_reflns.limit_h_min                  ? 
_reflns.limit_k_max                  ? 
_reflns.limit_k_min                  ? 
_reflns.limit_l_max                  ? 
_reflns.limit_l_min                  ? 
_reflns.observed_criterion_F_max     ? 
_reflns.observed_criterion_F_min     ? 
_reflns.pdbx_chi_squared             ? 
_reflns.pdbx_scaling_rejects         ? 
_reflns.pdbx_ordinal                 1 
_reflns.pdbx_diffrn_id               1 
# 
_reflns_shell.d_res_high             1.90 
_reflns_shell.d_res_low              2.0 
_reflns_shell.percent_possible_all   100 
_reflns_shell.Rmerge_I_obs           0.900 
_reflns_shell.pdbx_Rsym_value        ? 
_reflns_shell.meanI_over_sigI_obs    2.87 
_reflns_shell.pdbx_redundancy        10.3 
_reflns_shell.percent_possible_obs   ? 
_reflns_shell.number_unique_all      1159 
_reflns_shell.number_measured_all    ? 
_reflns_shell.number_measured_obs    ? 
_reflns_shell.number_unique_obs      ? 
_reflns_shell.pdbx_chi_squared       ? 
_reflns_shell.pdbx_ordinal           1 
_reflns_shell.pdbx_diffrn_id         1 
# 
_refine.entry_id                                 3RFI 
_refine.ls_number_reflns_obs                     7936 
_refine.ls_number_reflns_all                     ? 
_refine.pdbx_ls_sigma_I                          ? 
_refine.pdbx_ls_sigma_F                          ? 
_refine.pdbx_data_cutoff_high_absF               ? 
_refine.pdbx_data_cutoff_low_absF                ? 
_refine.pdbx_data_cutoff_high_rms_absF           ? 
_refine.ls_d_res_low                             25.00 
_refine.ls_d_res_high                            1.90 
_refine.ls_percent_reflns_obs                    100.00 
_refine.ls_R_factor_obs                          0.18995 
_refine.ls_R_factor_all                          ? 
_refine.ls_R_factor_R_work                       0.18697 
_refine.ls_R_factor_R_free                       0.24980 
_refine.ls_R_factor_R_free_error                 ? 
_refine.ls_R_factor_R_free_error_details         ? 
_refine.ls_percent_reflns_R_free                 5.0 
_refine.ls_number_reflns_R_free                  417 
_refine.ls_number_parameters                     ? 
_refine.ls_number_restraints                     ? 
_refine.occupancy_min                            ? 
_refine.occupancy_max                            ? 
_refine.correlation_coeff_Fo_to_Fc               0.960 
_refine.correlation_coeff_Fo_to_Fc_free          0.920 
_refine.B_iso_mean                               18.949 
_refine.aniso_B[1][1]                            -0.02 
_refine.aniso_B[2][2]                            -0.02 
_refine.aniso_B[3][3]                            0.03 
_refine.aniso_B[1][2]                            -0.01 
_refine.aniso_B[1][3]                            0.00 
_refine.aniso_B[2][3]                            0.00 
_refine.solvent_model_details                    MASK 
_refine.solvent_model_param_ksol                 ? 
_refine.solvent_model_param_bsol                 ? 
_refine.pdbx_solvent_vdw_probe_radii             1.20 
_refine.pdbx_solvent_ion_probe_radii             0.80 
_refine.pdbx_solvent_shrinkage_radii             0.80 
_refine.pdbx_ls_cross_valid_method               THROUGHOUT 
_refine.details                                  ? 
_refine.pdbx_starting_model                      ? 
_refine.pdbx_method_to_determine_struct          'MOLECULAR REPLACEMENT' 
_refine.pdbx_isotropic_thermal_model             ? 
_refine.pdbx_stereochemistry_target_values       'MAXIMUM LIKELIHOOD' 
_refine.pdbx_stereochem_target_val_spec_case     ? 
_refine.pdbx_R_Free_selection_details            RANDOM 
_refine.pdbx_overall_ESU_R_Free                  0.143 
_refine.overall_SU_ML                            0.094 
_refine.overall_SU_B                             7.179 
_refine.overall_SU_R_Cruickshank_DPI             ? 
_refine.ls_redundancy_reflns_obs                 ? 
_refine.B_iso_min                                ? 
_refine.B_iso_max                                ? 
_refine.overall_SU_R_free                        ? 
_refine.ls_wR_factor_R_free                      ? 
_refine.ls_wR_factor_R_work                      ? 
_refine.overall_FOM_free_R_set                   ? 
_refine.overall_FOM_work_R_set                   ? 
_refine.pdbx_overall_phase_error                 ? 
_refine.pdbx_refine_id                           'X-RAY DIFFRACTION' 
_refine.pdbx_overall_ESU_R                       0.133 
_refine.pdbx_diffrn_id                           1 
_refine.pdbx_TLS_residual_ADP_flag               ? 
_refine.pdbx_overall_SU_R_free_Cruickshank_DPI   ? 
_refine.pdbx_overall_SU_R_Blow_DPI               ? 
_refine.pdbx_overall_SU_R_free_Blow_DPI          ? 
# 
_refine_hist.pdbx_refine_id                   'X-RAY DIFFRACTION' 
_refine_hist.cycle_id                         LAST 
_refine_hist.pdbx_number_atoms_protein        620 
_refine_hist.pdbx_number_atoms_nucleic_acid   0 
_refine_hist.pdbx_number_atoms_ligand         0 
_refine_hist.number_atoms_solvent             63 
_refine_hist.number_atoms_total               683 
_refine_hist.d_res_high                       1.90 
_refine_hist.d_res_low                        25.00 
# 
loop_
_refine_ls_restr.type 
_refine_ls_restr.dev_ideal 
_refine_ls_restr.dev_ideal_target 
_refine_ls_restr.weight 
_refine_ls_restr.number 
_refine_ls_restr.pdbx_restraint_function 
_refine_ls_restr.pdbx_refine_id 
r_bond_refined_d       0.020  0.022  ? 645 ? 'X-RAY DIFFRACTION' 
r_angle_refined_deg    1.808  1.978  ? 873 ? 'X-RAY DIFFRACTION' 
r_dihedral_angle_1_deg 4.703  5.000  ? 80  ? 'X-RAY DIFFRACTION' 
r_dihedral_angle_2_deg 44.423 27.308 ? 26  ? 'X-RAY DIFFRACTION' 
r_dihedral_angle_3_deg 16.084 15.000 ? 128 ? 'X-RAY DIFFRACTION' 
r_dihedral_angle_4_deg 34.286 15.000 ? 1   ? 'X-RAY DIFFRACTION' 
r_chiral_restr         0.146  0.200  ? 101 ? 'X-RAY DIFFRACTION' 
r_gen_planes_refined   0.008  0.021  ? 460 ? 'X-RAY DIFFRACTION' 
r_mcbond_it            1.049  1.500  ? 401 ? 'X-RAY DIFFRACTION' 
r_mcangle_it           1.983  2.000  ? 653 ? 'X-RAY DIFFRACTION' 
r_scbond_it            3.807  3.000  ? 244 ? 'X-RAY DIFFRACTION' 
r_scangle_it           6.298  4.500  ? 219 ? 'X-RAY DIFFRACTION' 
# 
_refine_ls_shell.pdbx_total_number_of_bins_used   20 
_refine_ls_shell.d_res_high                       1.900 
_refine_ls_shell.d_res_low                        1.949 
_refine_ls_shell.number_reflns_R_work             573 
_refine_ls_shell.R_factor_R_work                  0.342 
_refine_ls_shell.percent_reflns_obs               100.00 
_refine_ls_shell.R_factor_R_free                  0.411 
_refine_ls_shell.R_factor_R_free_error            ? 
_refine_ls_shell.percent_reflns_R_free            ? 
_refine_ls_shell.number_reflns_R_free             30 
_refine_ls_shell.number_reflns_all                ? 
_refine_ls_shell.R_factor_all                     ? 
_refine_ls_shell.number_reflns_obs                ? 
_refine_ls_shell.redundancy_reflns_obs            ? 
_refine_ls_shell.pdbx_refine_id                   'X-RAY DIFFRACTION' 
# 
_struct.entry_id                  3RFI 
_struct.title                     'Crystal structure of the saposin-like domain of plant aspartic protease from Solanum tuberosum' 
_struct.pdbx_model_details        ? 
_struct.pdbx_CASP_flag            ? 
_struct.pdbx_model_type_details   ? 
# 
_struct_keywords.entry_id        3RFI 
_struct_keywords.pdbx_keywords   HYDROLASE 
_struct_keywords.text            'Aspartic protease, PSI, Saposin, HYDROLASE' 
# 
loop_
_struct_asym.id 
_struct_asym.pdbx_blank_PDB_chainid_flag 
_struct_asym.pdbx_modified 
_struct_asym.entity_id 
_struct_asym.details 
A N N 1 ? 
B N N 2 ? 
# 
_struct_ref.id                         1 
_struct_ref.db_name                    UNP 
_struct_ref.db_code                    Q6B9W9_SOLTU 
_struct_ref.pdbx_db_accession          Q6B9W9 
_struct_ref.entity_id                  1 
_struct_ref.pdbx_seq_one_letter_code   
;IVSMECKTIVSQYGEMIWDLLVSGVRPDQVCSQAGLCFVDGAQHVSSNIKTVVERETEGSSVGEAPLCTACEMAVVWMQN
QLKQEGTKEKVLEYVNQLCEKIP
;
_struct_ref.pdbx_align_begin           301 
_struct_ref.pdbx_db_isoform            ? 
# 
_struct_ref_seq.align_id                      1 
_struct_ref_seq.ref_id                        1 
_struct_ref_seq.pdbx_PDB_id_code              3RFI 
_struct_ref_seq.pdbx_strand_id                A 
_struct_ref_seq.seq_align_beg                 6 
_struct_ref_seq.pdbx_seq_align_beg_ins_code   ? 
_struct_ref_seq.seq_align_end                 108 
_struct_ref_seq.pdbx_seq_align_end_ins_code   ? 
_struct_ref_seq.pdbx_db_accession             Q6B9W9 
_struct_ref_seq.db_align_beg                  301 
_struct_ref_seq.pdbx_db_align_beg_ins_code    ? 
_struct_ref_seq.db_align_end                  403 
_struct_ref_seq.pdbx_db_align_end_ins_code    ? 
_struct_ref_seq.pdbx_auth_seq_align_beg       1 
_struct_ref_seq.pdbx_auth_seq_align_end       103 
# 
loop_
_struct_ref_seq_dif.align_id 
_struct_ref_seq_dif.pdbx_pdb_id_code 
_struct_ref_seq_dif.mon_id 
_struct_ref_seq_dif.pdbx_pdb_strand_id 
_struct_ref_seq_dif.seq_num 
_struct_ref_seq_dif.pdbx_pdb_ins_code 
_struct_ref_seq_dif.pdbx_seq_db_name 
_struct_ref_seq_dif.pdbx_seq_db_accession_code 
_struct_ref_seq_dif.db_mon_id 
_struct_ref_seq_dif.pdbx_seq_db_seq_num 
_struct_ref_seq_dif.details 
_struct_ref_seq_dif.pdbx_auth_seq_num 
_struct_ref_seq_dif.pdbx_ordinal 
1 3RFI GLY A 1 ? UNP Q6B9W9 ? ? 'expression tag' -4 1 
1 3RFI SER A 2 ? UNP Q6B9W9 ? ? 'expression tag' -3 2 
1 3RFI ALA A 3 ? UNP Q6B9W9 ? ? 'expression tag' -2 3 
1 3RFI MET A 4 ? UNP Q6B9W9 ? ? 'expression tag' -1 4 
1 3RFI ALA A 5 ? UNP Q6B9W9 ? ? 'expression tag' 0  5 
# 
loop_
_pdbx_struct_assembly.id 
_pdbx_struct_assembly.details 
_pdbx_struct_assembly.method_details 
_pdbx_struct_assembly.oligomeric_details 
_pdbx_struct_assembly.oligomeric_count 
1 author_defined_assembly   ?    monomeric 1 
2 software_defined_assembly PISA dimeric   2 
# 
loop_
_pdbx_struct_assembly_prop.biol_id 
_pdbx_struct_assembly_prop.type 
_pdbx_struct_assembly_prop.value 
_pdbx_struct_assembly_prop.details 
2 'ABSA (A^2)' 3490 ? 
2 MORE         -43  ? 
2 'SSA (A^2)'  8530 ? 
# 
loop_
_pdbx_struct_assembly_gen.assembly_id 
_pdbx_struct_assembly_gen.oper_expression 
_pdbx_struct_assembly_gen.asym_id_list 
1 1   A,B 
2 1,2 A,B 
# 
loop_
_pdbx_struct_oper_list.id 
_pdbx_struct_oper_list.type 
_pdbx_struct_oper_list.name 
_pdbx_struct_oper_list.symmetry_operation 
_pdbx_struct_oper_list.matrix[1][1] 
_pdbx_struct_oper_list.matrix[1][2] 
_pdbx_struct_oper_list.matrix[1][3] 
_pdbx_struct_oper_list.vector[1] 
_pdbx_struct_oper_list.matrix[2][1] 
_pdbx_struct_oper_list.matrix[2][2] 
_pdbx_struct_oper_list.matrix[2][3] 
_pdbx_struct_oper_list.vector[2] 
_pdbx_struct_oper_list.matrix[3][1] 
_pdbx_struct_oper_list.matrix[3][2] 
_pdbx_struct_oper_list.matrix[3][3] 
_pdbx_struct_oper_list.vector[3] 
1 'identity operation'         1_555 x,y,z  1.0000000000  0.0000000000  0.0000000000  0.0000000000  0.0000000000  1.0000000000  0.0000000000 0.0000000000  0.0000000000  0.0000000000 1.0000000000 0.0000000000 
2 'crystal symmetry operation' 4_555 y,x,-z -0.5791217256 -0.2110609134 -0.7874460729 -1.1731259502 -0.2110609134 -0.8941577366 0.3948863544 -4.9706932623 -0.7874460729 0.3948863544 0.4732794623 0.7052874520 
# 
_struct_biol.id        1 
_struct_biol.details   ? 
# 
loop_
_struct_conf.conf_type_id 
_struct_conf.id 
_struct_conf.pdbx_PDB_helix_id 
_struct_conf.beg_label_comp_id 
_struct_conf.beg_label_asym_id 
_struct_conf.beg_label_seq_id 
_struct_conf.pdbx_beg_PDB_ins_code 
_struct_conf.end_label_comp_id 
_struct_conf.end_label_asym_id 
_struct_conf.end_label_seq_id 
_struct_conf.pdbx_end_PDB_ins_code 
_struct_conf.beg_auth_comp_id 
_struct_conf.beg_auth_asym_id 
_struct_conf.beg_auth_seq_id 
_struct_conf.end_auth_comp_id 
_struct_conf.end_auth_asym_id 
_struct_conf.end_auth_seq_id 
_struct_conf.pdbx_PDB_helix_class 
_struct_conf.details 
_struct_conf.pdbx_PDB_helix_length 
HELX_P HELX_P1 1 ALA A 5  ? VAL A 30  ? ALA A 0  VAL A 25  1 ? 26 
HELX_P HELX_P2 2 ARG A 31 ? ALA A 39  ? ARG A 26 ALA A 34  1 ? 9  
HELX_P HELX_P3 3 ALA A 70 ? LYS A 88  ? ALA A 65 LYS A 83  1 ? 19 
HELX_P HELX_P4 4 GLN A 89 ? GLU A 105 ? GLN A 84 GLU A 100 1 ? 17 
# 
_struct_conf_type.id          HELX_P 
_struct_conf_type.criteria    ? 
_struct_conf_type.reference   ? 
# 
loop_
_struct_conn.id 
_struct_conn.conn_type_id 
_struct_conn.pdbx_leaving_atom_flag 
_struct_conn.pdbx_PDB_id 
_struct_conn.ptnr1_label_asym_id 
_struct_conn.ptnr1_label_comp_id 
_struct_conn.ptnr1_label_seq_id 
_struct_conn.ptnr1_label_atom_id 
_struct_conn.pdbx_ptnr1_label_alt_id 
_struct_conn.pdbx_ptnr1_PDB_ins_code 
_struct_conn.pdbx_ptnr1_standard_comp_id 
_struct_conn.ptnr1_symmetry 
_struct_conn.ptnr2_label_asym_id 
_struct_conn.ptnr2_label_comp_id 
_struct_conn.ptnr2_label_seq_id 
_struct_conn.ptnr2_label_atom_id 
_struct_conn.pdbx_ptnr2_label_alt_id 
_struct_conn.pdbx_ptnr2_PDB_ins_code 
_struct_conn.ptnr1_auth_asym_id 
_struct_conn.ptnr1_auth_comp_id 
_struct_conn.ptnr1_auth_seq_id 
_struct_conn.ptnr2_auth_asym_id 
_struct_conn.ptnr2_auth_comp_id 
_struct_conn.ptnr2_auth_seq_id 
_struct_conn.ptnr2_symmetry 
_struct_conn.pdbx_ptnr3_label_atom_id 
_struct_conn.pdbx_ptnr3_label_seq_id 
_struct_conn.pdbx_ptnr3_label_comp_id 
_struct_conn.pdbx_ptnr3_label_asym_id 
_struct_conn.pdbx_ptnr3_label_alt_id 
_struct_conn.pdbx_ptnr3_PDB_ins_code 
_struct_conn.details 
_struct_conn.pdbx_dist_value 
_struct_conn.pdbx_value_order 
_struct_conn.pdbx_role 
disulf1 disulf ? ? A CYS 11 SG ? ? ? 1_555 A CYS 104 SG ? ? A CYS 6  A CYS 99 1_555 ? ? ? ? ? ? ? 2.008 ? ? 
disulf2 disulf ? ? A CYS 36 SG ? ? ? 1_555 A CYS 76  SG ? ? A CYS 31 A CYS 71 1_555 ? ? ? ? ? ? ? 2.045 ? ? 
disulf3 disulf ? ? A CYS 42 SG ? ? ? 1_555 A CYS 73  SG ? ? A CYS 37 A CYS 68 1_555 ? ? ? ? ? ? ? 2.057 ? ? 
# 
_struct_conn_type.id          disulf 
_struct_conn_type.criteria    ? 
_struct_conn_type.reference   ? 
# 
loop_
_pdbx_modification_feature.ordinal 
_pdbx_modification_feature.label_comp_id 
_pdbx_modification_feature.label_asym_id 
_pdbx_modification_feature.label_seq_id 
_pdbx_modification_feature.label_alt_id 
_pdbx_modification_feature.modified_residue_label_comp_id 
_pdbx_modification_feature.modified_residue_label_asym_id 
_pdbx_modification_feature.modified_residue_label_seq_id 
_pdbx_modification_feature.modified_residue_label_alt_id 
_pdbx_modification_feature.auth_comp_id 
_pdbx_modification_feature.auth_asym_id 
_pdbx_modification_feature.auth_seq_id 
_pdbx_modification_feature.PDB_ins_code 
_pdbx_modification_feature.symmetry 
_pdbx_modification_feature.modified_residue_auth_comp_id 
_pdbx_modification_feature.modified_residue_auth_asym_id 
_pdbx_modification_feature.modified_residue_auth_seq_id 
_pdbx_modification_feature.modified_residue_PDB_ins_code 
_pdbx_modification_feature.modified_residue_symmetry 
_pdbx_modification_feature.comp_id_linking_atom 
_pdbx_modification_feature.modified_residue_id_linking_atom 
_pdbx_modification_feature.modified_residue_id 
_pdbx_modification_feature.ref_pcm_id 
_pdbx_modification_feature.ref_comp_id 
_pdbx_modification_feature.type 
_pdbx_modification_feature.category 
1 CYS A 11 ? CYS A 104 ? CYS A 6  ? 1_555 CYS A 99 ? 1_555 SG SG . . . None 'Disulfide bridge' 
2 CYS A 36 ? CYS A 76  ? CYS A 31 ? 1_555 CYS A 71 ? 1_555 SG SG . . . None 'Disulfide bridge' 
3 CYS A 42 ? CYS A 73  ? CYS A 37 ? 1_555 CYS A 68 ? 1_555 SG SG . . . None 'Disulfide bridge' 
# 
_pdbx_entry_details.entry_id                   3RFI 
_pdbx_entry_details.compound_details           ? 
_pdbx_entry_details.source_details             ? 
_pdbx_entry_details.nonpolymer_details         ? 
_pdbx_entry_details.sequence_details           ? 
_pdbx_entry_details.has_ligand_of_interest     ? 
_pdbx_entry_details.has_protein_modification   Y 
# 
_pdbx_validate_symm_contact.id                1 
_pdbx_validate_symm_contact.PDB_model_num     1 
_pdbx_validate_symm_contact.auth_atom_id_1    NE2 
_pdbx_validate_symm_contact.auth_asym_id_1    A 
_pdbx_validate_symm_contact.auth_comp_id_1    GLN 
_pdbx_validate_symm_contact.auth_seq_id_1     33 
_pdbx_validate_symm_contact.PDB_ins_code_1    ? 
_pdbx_validate_symm_contact.label_alt_id_1    ? 
_pdbx_validate_symm_contact.site_symmetry_1   1_555 
_pdbx_validate_symm_contact.auth_atom_id_2    O 
_pdbx_validate_symm_contact.auth_asym_id_2    A 
_pdbx_validate_symm_contact.auth_comp_id_2    HOH 
_pdbx_validate_symm_contact.auth_seq_id_2     169 
_pdbx_validate_symm_contact.PDB_ins_code_2    ? 
_pdbx_validate_symm_contact.label_alt_id_2    ? 
_pdbx_validate_symm_contact.site_symmetry_2   4_555 
_pdbx_validate_symm_contact.dist              1.96 
# 
_pdbx_struct_special_symmetry.id              1 
_pdbx_struct_special_symmetry.PDB_model_num   1 
_pdbx_struct_special_symmetry.auth_asym_id    A 
_pdbx_struct_special_symmetry.auth_comp_id    HOH 
_pdbx_struct_special_symmetry.auth_seq_id     153 
_pdbx_struct_special_symmetry.PDB_ins_code    ? 
_pdbx_struct_special_symmetry.label_asym_id   B 
_pdbx_struct_special_symmetry.label_comp_id   HOH 
_pdbx_struct_special_symmetry.label_seq_id    . 
# 
loop_
_pdbx_refine_tls.pdbx_refine_id 
_pdbx_refine_tls.id 
_pdbx_refine_tls.details 
_pdbx_refine_tls.method 
_pdbx_refine_tls.origin_x 
_pdbx_refine_tls.origin_y 
_pdbx_refine_tls.origin_z 
_pdbx_refine_tls.T[1][1] 
_pdbx_refine_tls.T[2][2] 
_pdbx_refine_tls.T[3][3] 
_pdbx_refine_tls.T[1][2] 
_pdbx_refine_tls.T[1][3] 
_pdbx_refine_tls.T[2][3] 
_pdbx_refine_tls.L[1][1] 
_pdbx_refine_tls.L[2][2] 
_pdbx_refine_tls.L[3][3] 
_pdbx_refine_tls.L[1][2] 
_pdbx_refine_tls.L[1][3] 
_pdbx_refine_tls.L[2][3] 
_pdbx_refine_tls.S[1][1] 
_pdbx_refine_tls.S[1][2] 
_pdbx_refine_tls.S[1][3] 
_pdbx_refine_tls.S[2][1] 
_pdbx_refine_tls.S[2][2] 
_pdbx_refine_tls.S[2][3] 
_pdbx_refine_tls.S[3][1] 
_pdbx_refine_tls.S[3][2] 
_pdbx_refine_tls.S[3][3] 
'X-RAY DIFFRACTION' 1 ? refined 5.0865  8.8383   -0.0620 0.1297 0.0826 0.1762 0.0158  0.0468  0.0444  3.9801  7.6866 5.6128 2.7989  0.8727  0.7635 -0.0372 -0.1174 0.1768  0.3633  -0.0143 0.0755  -0.1648 -0.1399 0.0515  
'X-RAY DIFFRACTION' 2 ? refined -6.6372 -12.0282 -6.8977 0.1354 0.0933 0.0738 -0.0078 -0.0027 0.0340  3.2178  9.5052 2.7253 -2.4327 -0.8990 3.0142 0.1215  0.2515  -0.0404 -0.5863 -0.0995 -0.0337 -0.0113 -0.0208 -0.0219 
'X-RAY DIFFRACTION' 3 ? refined 2.4945  6.9670   9.7067  0.2024 0.1454 0.1545 0.0313  0.0253  -0.0331 14.7292 4.7818 5.7824 3.1326  5.9803  2.1043 -0.0801 -0.5784 0.5906  0.2918  -0.1784 0.3055  -0.3650 -0.4108 0.2586  
# 
loop_
_pdbx_refine_tls_group.pdbx_refine_id 
_pdbx_refine_tls_group.id 
_pdbx_refine_tls_group.refine_tls_id 
_pdbx_refine_tls_group.beg_auth_asym_id 
_pdbx_refine_tls_group.beg_auth_seq_id 
_pdbx_refine_tls_group.beg_label_asym_id 
_pdbx_refine_tls_group.beg_label_seq_id 
_pdbx_refine_tls_group.end_auth_asym_id 
_pdbx_refine_tls_group.end_auth_seq_id 
_pdbx_refine_tls_group.end_label_asym_id 
_pdbx_refine_tls_group.end_label_seq_id 
_pdbx_refine_tls_group.selection 
_pdbx_refine_tls_group.selection_details 
'X-RAY DIFFRACTION' 1 1 A 0  ? ? A 26  ? ? ? ? 
'X-RAY DIFFRACTION' 2 2 A 27 ? ? A 82  ? ? ? ? 
'X-RAY DIFFRACTION' 3 3 A 83 ? ? A 103 ? ? ? ? 
# 
loop_
_pdbx_unobs_or_zero_occ_residues.id 
_pdbx_unobs_or_zero_occ_residues.PDB_model_num 
_pdbx_unobs_or_zero_occ_residues.polymer_flag 
_pdbx_unobs_or_zero_occ_residues.occupancy_flag 
_pdbx_unobs_or_zero_occ_residues.auth_asym_id 
_pdbx_unobs_or_zero_occ_residues.auth_comp_id 
_pdbx_unobs_or_zero_occ_residues.auth_seq_id 
_pdbx_unobs_or_zero_occ_residues.PDB_ins_code 
_pdbx_unobs_or_zero_occ_residues.label_asym_id 
_pdbx_unobs_or_zero_occ_residues.label_comp_id 
_pdbx_unobs_or_zero_occ_residues.label_seq_id 
1  1 Y 1 A GLY -4 ? A GLY 1  
2  1 Y 1 A SER -3 ? A SER 2  
3  1 Y 1 A ALA -2 ? A ALA 3  
4  1 Y 1 A MET -1 ? A MET 4  
5  1 Y 1 A ASP 40 ? A ASP 45 
6  1 Y 1 A GLY 41 ? A GLY 46 
7  1 Y 1 A ALA 42 ? A ALA 47 
8  1 Y 1 A GLN 43 ? A GLN 48 
9  1 Y 1 A HIS 44 ? A HIS 49 
10 1 Y 1 A VAL 45 ? A VAL 50 
11 1 Y 1 A SER 46 ? A SER 51 
12 1 Y 1 A SER 47 ? A SER 52 
13 1 Y 1 A ASN 48 ? A ASN 53 
14 1 Y 1 A ILE 49 ? A ILE 54 
15 1 Y 1 A LYS 50 ? A LYS 55 
16 1 Y 1 A THR 51 ? A THR 56 
17 1 Y 1 A VAL 52 ? A VAL 57 
18 1 Y 1 A VAL 53 ? A VAL 58 
19 1 Y 1 A GLU 54 ? A GLU 59 
20 1 Y 1 A ARG 55 ? A ARG 60 
21 1 Y 1 A GLU 56 ? A GLU 61 
22 1 Y 1 A THR 57 ? A THR 62 
23 1 Y 1 A GLU 58 ? A GLU 63 
24 1 Y 1 A GLY 59 ? A GLY 64 
25 1 Y 1 A SER 60 ? A SER 65 
26 1 Y 1 A SER 61 ? A SER 66 
27 1 Y 1 A VAL 62 ? A VAL 67 
28 1 Y 1 A GLY 63 ? A GLY 68 
# 
loop_
_chem_comp_atom.comp_id 
_chem_comp_atom.atom_id 
_chem_comp_atom.type_symbol 
_chem_comp_atom.pdbx_aromatic_flag 
_chem_comp_atom.pdbx_stereo_config 
_chem_comp_atom.pdbx_ordinal 
ALA N    N N N 1   
ALA CA   C N S 2   
ALA C    C N N 3   
ALA O    O N N 4   
ALA CB   C N N 5   
ALA OXT  O N N 6   
ALA H    H N N 7   
ALA H2   H N N 8   
ALA HA   H N N 9   
ALA HB1  H N N 10  
ALA HB2  H N N 11  
ALA HB3  H N N 12  
ALA HXT  H N N 13  
ARG N    N N N 14  
ARG CA   C N S 15  
ARG C    C N N 16  
ARG O    O N N 17  
ARG CB   C N N 18  
ARG CG   C N N 19  
ARG CD   C N N 20  
ARG NE   N N N 21  
ARG CZ   C N N 22  
ARG NH1  N N N 23  
ARG NH2  N N N 24  
ARG OXT  O N N 25  
ARG H    H N N 26  
ARG H2   H N N 27  
ARG HA   H N N 28  
ARG HB2  H N N 29  
ARG HB3  H N N 30  
ARG HG2  H N N 31  
ARG HG3  H N N 32  
ARG HD2  H N N 33  
ARG HD3  H N N 34  
ARG HE   H N N 35  
ARG HH11 H N N 36  
ARG HH12 H N N 37  
ARG HH21 H N N 38  
ARG HH22 H N N 39  
ARG HXT  H N N 40  
ASN N    N N N 41  
ASN CA   C N S 42  
ASN C    C N N 43  
ASN O    O N N 44  
ASN CB   C N N 45  
ASN CG   C N N 46  
ASN OD1  O N N 47  
ASN ND2  N N N 48  
ASN OXT  O N N 49  
ASN H    H N N 50  
ASN H2   H N N 51  
ASN HA   H N N 52  
ASN HB2  H N N 53  
ASN HB3  H N N 54  
ASN HD21 H N N 55  
ASN HD22 H N N 56  
ASN HXT  H N N 57  
ASP N    N N N 58  
ASP CA   C N S 59  
ASP C    C N N 60  
ASP O    O N N 61  
ASP CB   C N N 62  
ASP CG   C N N 63  
ASP OD1  O N N 64  
ASP OD2  O N N 65  
ASP OXT  O N N 66  
ASP H    H N N 67  
ASP H2   H N N 68  
ASP HA   H N N 69  
ASP HB2  H N N 70  
ASP HB3  H N N 71  
ASP HD2  H N N 72  
ASP HXT  H N N 73  
CYS N    N N N 74  
CYS CA   C N R 75  
CYS C    C N N 76  
CYS O    O N N 77  
CYS CB   C N N 78  
CYS SG   S N N 79  
CYS OXT  O N N 80  
CYS H    H N N 81  
CYS H2   H N N 82  
CYS HA   H N N 83  
CYS HB2  H N N 84  
CYS HB3  H N N 85  
CYS HG   H N N 86  
CYS HXT  H N N 87  
GLN N    N N N 88  
GLN CA   C N S 89  
GLN C    C N N 90  
GLN O    O N N 91  
GLN CB   C N N 92  
GLN CG   C N N 93  
GLN CD   C N N 94  
GLN OE1  O N N 95  
GLN NE2  N N N 96  
GLN OXT  O N N 97  
GLN H    H N N 98  
GLN H2   H N N 99  
GLN HA   H N N 100 
GLN HB2  H N N 101 
GLN HB3  H N N 102 
GLN HG2  H N N 103 
GLN HG3  H N N 104 
GLN HE21 H N N 105 
GLN HE22 H N N 106 
GLN HXT  H N N 107 
GLU N    N N N 108 
GLU CA   C N S 109 
GLU C    C N N 110 
GLU O    O N N 111 
GLU CB   C N N 112 
GLU CG   C N N 113 
GLU CD   C N N 114 
GLU OE1  O N N 115 
GLU OE2  O N N 116 
GLU OXT  O N N 117 
GLU H    H N N 118 
GLU H2   H N N 119 
GLU HA   H N N 120 
GLU HB2  H N N 121 
GLU HB3  H N N 122 
GLU HG2  H N N 123 
GLU HG3  H N N 124 
GLU HE2  H N N 125 
GLU HXT  H N N 126 
GLY N    N N N 127 
GLY CA   C N N 128 
GLY C    C N N 129 
GLY O    O N N 130 
GLY OXT  O N N 131 
GLY H    H N N 132 
GLY H2   H N N 133 
GLY HA2  H N N 134 
GLY HA3  H N N 135 
GLY HXT  H N N 136 
HIS N    N N N 137 
HIS CA   C N S 138 
HIS C    C N N 139 
HIS O    O N N 140 
HIS CB   C N N 141 
HIS CG   C Y N 142 
HIS ND1  N Y N 143 
HIS CD2  C Y N 144 
HIS CE1  C Y N 145 
HIS NE2  N Y N 146 
HIS OXT  O N N 147 
HIS H    H N N 148 
HIS H2   H N N 149 
HIS HA   H N N 150 
HIS HB2  H N N 151 
HIS HB3  H N N 152 
HIS HD1  H N N 153 
HIS HD2  H N N 154 
HIS HE1  H N N 155 
HIS HE2  H N N 156 
HIS HXT  H N N 157 
HOH O    O N N 158 
HOH H1   H N N 159 
HOH H2   H N N 160 
ILE N    N N N 161 
ILE CA   C N S 162 
ILE C    C N N 163 
ILE O    O N N 164 
ILE CB   C N S 165 
ILE CG1  C N N 166 
ILE CG2  C N N 167 
ILE CD1  C N N 168 
ILE OXT  O N N 169 
ILE H    H N N 170 
ILE H2   H N N 171 
ILE HA   H N N 172 
ILE HB   H N N 173 
ILE HG12 H N N 174 
ILE HG13 H N N 175 
ILE HG21 H N N 176 
ILE HG22 H N N 177 
ILE HG23 H N N 178 
ILE HD11 H N N 179 
ILE HD12 H N N 180 
ILE HD13 H N N 181 
ILE HXT  H N N 182 
LEU N    N N N 183 
LEU CA   C N S 184 
LEU C    C N N 185 
LEU O    O N N 186 
LEU CB   C N N 187 
LEU CG   C N N 188 
LEU CD1  C N N 189 
LEU CD2  C N N 190 
LEU OXT  O N N 191 
LEU H    H N N 192 
LEU H2   H N N 193 
LEU HA   H N N 194 
LEU HB2  H N N 195 
LEU HB3  H N N 196 
LEU HG   H N N 197 
LEU HD11 H N N 198 
LEU HD12 H N N 199 
LEU HD13 H N N 200 
LEU HD21 H N N 201 
LEU HD22 H N N 202 
LEU HD23 H N N 203 
LEU HXT  H N N 204 
LYS N    N N N 205 
LYS CA   C N S 206 
LYS C    C N N 207 
LYS O    O N N 208 
LYS CB   C N N 209 
LYS CG   C N N 210 
LYS CD   C N N 211 
LYS CE   C N N 212 
LYS NZ   N N N 213 
LYS OXT  O N N 214 
LYS H    H N N 215 
LYS H2   H N N 216 
LYS HA   H N N 217 
LYS HB2  H N N 218 
LYS HB3  H N N 219 
LYS HG2  H N N 220 
LYS HG3  H N N 221 
LYS HD2  H N N 222 
LYS HD3  H N N 223 
LYS HE2  H N N 224 
LYS HE3  H N N 225 
LYS HZ1  H N N 226 
LYS HZ2  H N N 227 
LYS HZ3  H N N 228 
LYS HXT  H N N 229 
MET N    N N N 230 
MET CA   C N S 231 
MET C    C N N 232 
MET O    O N N 233 
MET CB   C N N 234 
MET CG   C N N 235 
MET SD   S N N 236 
MET CE   C N N 237 
MET OXT  O N N 238 
MET H    H N N 239 
MET H2   H N N 240 
MET HA   H N N 241 
MET HB2  H N N 242 
MET HB3  H N N 243 
MET HG2  H N N 244 
MET HG3  H N N 245 
MET HE1  H N N 246 
MET HE2  H N N 247 
MET HE3  H N N 248 
MET HXT  H N N 249 
PHE N    N N N 250 
PHE CA   C N S 251 
PHE C    C N N 252 
PHE O    O N N 253 
PHE CB   C N N 254 
PHE CG   C Y N 255 
PHE CD1  C Y N 256 
PHE CD2  C Y N 257 
PHE CE1  C Y N 258 
PHE CE2  C Y N 259 
PHE CZ   C Y N 260 
PHE OXT  O N N 261 
PHE H    H N N 262 
PHE H2   H N N 263 
PHE HA   H N N 264 
PHE HB2  H N N 265 
PHE HB3  H N N 266 
PHE HD1  H N N 267 
PHE HD2  H N N 268 
PHE HE1  H N N 269 
PHE HE2  H N N 270 
PHE HZ   H N N 271 
PHE HXT  H N N 272 
PRO N    N N N 273 
PRO CA   C N S 274 
PRO C    C N N 275 
PRO O    O N N 276 
PRO CB   C N N 277 
PRO CG   C N N 278 
PRO CD   C N N 279 
PRO OXT  O N N 280 
PRO H    H N N 281 
PRO HA   H N N 282 
PRO HB2  H N N 283 
PRO HB3  H N N 284 
PRO HG2  H N N 285 
PRO HG3  H N N 286 
PRO HD2  H N N 287 
PRO HD3  H N N 288 
PRO HXT  H N N 289 
SER N    N N N 290 
SER CA   C N S 291 
SER C    C N N 292 
SER O    O N N 293 
SER CB   C N N 294 
SER OG   O N N 295 
SER OXT  O N N 296 
SER H    H N N 297 
SER H2   H N N 298 
SER HA   H N N 299 
SER HB2  H N N 300 
SER HB3  H N N 301 
SER HG   H N N 302 
SER HXT  H N N 303 
THR N    N N N 304 
THR CA   C N S 305 
THR C    C N N 306 
THR O    O N N 307 
THR CB   C N R 308 
THR OG1  O N N 309 
THR CG2  C N N 310 
THR OXT  O N N 311 
THR H    H N N 312 
THR H2   H N N 313 
THR HA   H N N 314 
THR HB   H N N 315 
THR HG1  H N N 316 
THR HG21 H N N 317 
THR HG22 H N N 318 
THR HG23 H N N 319 
THR HXT  H N N 320 
TRP N    N N N 321 
TRP CA   C N S 322 
TRP C    C N N 323 
TRP O    O N N 324 
TRP CB   C N N 325 
TRP CG   C Y N 326 
TRP CD1  C Y N 327 
TRP CD2  C Y N 328 
TRP NE1  N Y N 329 
TRP CE2  C Y N 330 
TRP CE3  C Y N 331 
TRP CZ2  C Y N 332 
TRP CZ3  C Y N 333 
TRP CH2  C Y N 334 
TRP OXT  O N N 335 
TRP H    H N N 336 
TRP H2   H N N 337 
TRP HA   H N N 338 
TRP HB2  H N N 339 
TRP HB3  H N N 340 
TRP HD1  H N N 341 
TRP HE1  H N N 342 
TRP HE3  H N N 343 
TRP HZ2  H N N 344 
TRP HZ3  H N N 345 
TRP HH2  H N N 346 
TRP HXT  H N N 347 
TYR N    N N N 348 
TYR CA   C N S 349 
TYR C    C N N 350 
TYR O    O N N 351 
TYR CB   C N N 352 
TYR CG   C Y N 353 
TYR CD1  C Y N 354 
TYR CD2  C Y N 355 
TYR CE1  C Y N 356 
TYR CE2  C Y N 357 
TYR CZ   C Y N 358 
TYR OH   O N N 359 
TYR OXT  O N N 360 
TYR H    H N N 361 
TYR H2   H N N 362 
TYR HA   H N N 363 
TYR HB2  H N N 364 
TYR HB3  H N N 365 
TYR HD1  H N N 366 
TYR HD2  H N N 367 
TYR HE1  H N N 368 
TYR HE2  H N N 369 
TYR HH   H N N 370 
TYR HXT  H N N 371 
VAL N    N N N 372 
VAL CA   C N S 373 
VAL C    C N N 374 
VAL O    O N N 375 
VAL CB   C N N 376 
VAL CG1  C N N 377 
VAL CG2  C N N 378 
VAL OXT  O N N 379 
VAL H    H N N 380 
VAL H2   H N N 381 
VAL HA   H N N 382 
VAL HB   H N N 383 
VAL HG11 H N N 384 
VAL HG12 H N N 385 
VAL HG13 H N N 386 
VAL HG21 H N N 387 
VAL HG22 H N N 388 
VAL HG23 H N N 389 
VAL HXT  H N N 390 
# 
loop_
_chem_comp_bond.comp_id 
_chem_comp_bond.atom_id_1 
_chem_comp_bond.atom_id_2 
_chem_comp_bond.value_order 
_chem_comp_bond.pdbx_aromatic_flag 
_chem_comp_bond.pdbx_stereo_config 
_chem_comp_bond.pdbx_ordinal 
ALA N   CA   sing N N 1   
ALA N   H    sing N N 2   
ALA N   H2   sing N N 3   
ALA CA  C    sing N N 4   
ALA CA  CB   sing N N 5   
ALA CA  HA   sing N N 6   
ALA C   O    doub N N 7   
ALA C   OXT  sing N N 8   
ALA CB  HB1  sing N N 9   
ALA CB  HB2  sing N N 10  
ALA CB  HB3  sing N N 11  
ALA OXT HXT  sing N N 12  
ARG N   CA   sing N N 13  
ARG N   H    sing N N 14  
ARG N   H2   sing N N 15  
ARG CA  C    sing N N 16  
ARG CA  CB   sing N N 17  
ARG CA  HA   sing N N 18  
ARG C   O    doub N N 19  
ARG C   OXT  sing N N 20  
ARG CB  CG   sing N N 21  
ARG CB  HB2  sing N N 22  
ARG CB  HB3  sing N N 23  
ARG CG  CD   sing N N 24  
ARG CG  HG2  sing N N 25  
ARG CG  HG3  sing N N 26  
ARG CD  NE   sing N N 27  
ARG CD  HD2  sing N N 28  
ARG CD  HD3  sing N N 29  
ARG NE  CZ   sing N N 30  
ARG NE  HE   sing N N 31  
ARG CZ  NH1  sing N N 32  
ARG CZ  NH2  doub N N 33  
ARG NH1 HH11 sing N N 34  
ARG NH1 HH12 sing N N 35  
ARG NH2 HH21 sing N N 36  
ARG NH2 HH22 sing N N 37  
ARG OXT HXT  sing N N 38  
ASN N   CA   sing N N 39  
ASN N   H    sing N N 40  
ASN N   H2   sing N N 41  
ASN CA  C    sing N N 42  
ASN CA  CB   sing N N 43  
ASN CA  HA   sing N N 44  
ASN C   O    doub N N 45  
ASN C   OXT  sing N N 46  
ASN CB  CG   sing N N 47  
ASN CB  HB2  sing N N 48  
ASN CB  HB3  sing N N 49  
ASN CG  OD1  doub N N 50  
ASN CG  ND2  sing N N 51  
ASN ND2 HD21 sing N N 52  
ASN ND2 HD22 sing N N 53  
ASN OXT HXT  sing N N 54  
ASP N   CA   sing N N 55  
ASP N   H    sing N N 56  
ASP N   H2   sing N N 57  
ASP CA  C    sing N N 58  
ASP CA  CB   sing N N 59  
ASP CA  HA   sing N N 60  
ASP C   O    doub N N 61  
ASP C   OXT  sing N N 62  
ASP CB  CG   sing N N 63  
ASP CB  HB2  sing N N 64  
ASP CB  HB3  sing N N 65  
ASP CG  OD1  doub N N 66  
ASP CG  OD2  sing N N 67  
ASP OD2 HD2  sing N N 68  
ASP OXT HXT  sing N N 69  
CYS N   CA   sing N N 70  
CYS N   H    sing N N 71  
CYS N   H2   sing N N 72  
CYS CA  C    sing N N 73  
CYS CA  CB   sing N N 74  
CYS CA  HA   sing N N 75  
CYS C   O    doub N N 76  
CYS C   OXT  sing N N 77  
CYS CB  SG   sing N N 78  
CYS CB  HB2  sing N N 79  
CYS CB  HB3  sing N N 80  
CYS SG  HG   sing N N 81  
CYS OXT HXT  sing N N 82  
GLN N   CA   sing N N 83  
GLN N   H    sing N N 84  
GLN N   H2   sing N N 85  
GLN CA  C    sing N N 86  
GLN CA  CB   sing N N 87  
GLN CA  HA   sing N N 88  
GLN C   O    doub N N 89  
GLN C   OXT  sing N N 90  
GLN CB  CG   sing N N 91  
GLN CB  HB2  sing N N 92  
GLN CB  HB3  sing N N 93  
GLN CG  CD   sing N N 94  
GLN CG  HG2  sing N N 95  
GLN CG  HG3  sing N N 96  
GLN CD  OE1  doub N N 97  
GLN CD  NE2  sing N N 98  
GLN NE2 HE21 sing N N 99  
GLN NE2 HE22 sing N N 100 
GLN OXT HXT  sing N N 101 
GLU N   CA   sing N N 102 
GLU N   H    sing N N 103 
GLU N   H2   sing N N 104 
GLU CA  C    sing N N 105 
GLU CA  CB   sing N N 106 
GLU CA  HA   sing N N 107 
GLU C   O    doub N N 108 
GLU C   OXT  sing N N 109 
GLU CB  CG   sing N N 110 
GLU CB  HB2  sing N N 111 
GLU CB  HB3  sing N N 112 
GLU CG  CD   sing N N 113 
GLU CG  HG2  sing N N 114 
GLU CG  HG3  sing N N 115 
GLU CD  OE1  doub N N 116 
GLU CD  OE2  sing N N 117 
GLU OE2 HE2  sing N N 118 
GLU OXT HXT  sing N N 119 
GLY N   CA   sing N N 120 
GLY N   H    sing N N 121 
GLY N   H2   sing N N 122 
GLY CA  C    sing N N 123 
GLY CA  HA2  sing N N 124 
GLY CA  HA3  sing N N 125 
GLY C   O    doub N N 126 
GLY C   OXT  sing N N 127 
GLY OXT HXT  sing N N 128 
HIS N   CA   sing N N 129 
HIS N   H    sing N N 130 
HIS N   H2   sing N N 131 
HIS CA  C    sing N N 132 
HIS CA  CB   sing N N 133 
HIS CA  HA   sing N N 134 
HIS C   O    doub N N 135 
HIS C   OXT  sing N N 136 
HIS CB  CG   sing N N 137 
HIS CB  HB2  sing N N 138 
HIS CB  HB3  sing N N 139 
HIS CG  ND1  sing Y N 140 
HIS CG  CD2  doub Y N 141 
HIS ND1 CE1  doub Y N 142 
HIS ND1 HD1  sing N N 143 
HIS CD2 NE2  sing Y N 144 
HIS CD2 HD2  sing N N 145 
HIS CE1 NE2  sing Y N 146 
HIS CE1 HE1  sing N N 147 
HIS NE2 HE2  sing N N 148 
HIS OXT HXT  sing N N 149 
HOH O   H1   sing N N 150 
HOH O   H2   sing N N 151 
ILE N   CA   sing N N 152 
ILE N   H    sing N N 153 
ILE N   H2   sing N N 154 
ILE CA  C    sing N N 155 
ILE CA  CB   sing N N 156 
ILE CA  HA   sing N N 157 
ILE C   O    doub N N 158 
ILE C   OXT  sing N N 159 
ILE CB  CG1  sing N N 160 
ILE CB  CG2  sing N N 161 
ILE CB  HB   sing N N 162 
ILE CG1 CD1  sing N N 163 
ILE CG1 HG12 sing N N 164 
ILE CG1 HG13 sing N N 165 
ILE CG2 HG21 sing N N 166 
ILE CG2 HG22 sing N N 167 
ILE CG2 HG23 sing N N 168 
ILE CD1 HD11 sing N N 169 
ILE CD1 HD12 sing N N 170 
ILE CD1 HD13 sing N N 171 
ILE OXT HXT  sing N N 172 
LEU N   CA   sing N N 173 
LEU N   H    sing N N 174 
LEU N   H2   sing N N 175 
LEU CA  C    sing N N 176 
LEU CA  CB   sing N N 177 
LEU CA  HA   sing N N 178 
LEU C   O    doub N N 179 
LEU C   OXT  sing N N 180 
LEU CB  CG   sing N N 181 
LEU CB  HB2  sing N N 182 
LEU CB  HB3  sing N N 183 
LEU CG  CD1  sing N N 184 
LEU CG  CD2  sing N N 185 
LEU CG  HG   sing N N 186 
LEU CD1 HD11 sing N N 187 
LEU CD1 HD12 sing N N 188 
LEU CD1 HD13 sing N N 189 
LEU CD2 HD21 sing N N 190 
LEU CD2 HD22 sing N N 191 
LEU CD2 HD23 sing N N 192 
LEU OXT HXT  sing N N 193 
LYS N   CA   sing N N 194 
LYS N   H    sing N N 195 
LYS N   H2   sing N N 196 
LYS CA  C    sing N N 197 
LYS CA  CB   sing N N 198 
LYS CA  HA   sing N N 199 
LYS C   O    doub N N 200 
LYS C   OXT  sing N N 201 
LYS CB  CG   sing N N 202 
LYS CB  HB2  sing N N 203 
LYS CB  HB3  sing N N 204 
LYS CG  CD   sing N N 205 
LYS CG  HG2  sing N N 206 
LYS CG  HG3  sing N N 207 
LYS CD  CE   sing N N 208 
LYS CD  HD2  sing N N 209 
LYS CD  HD3  sing N N 210 
LYS CE  NZ   sing N N 211 
LYS CE  HE2  sing N N 212 
LYS CE  HE3  sing N N 213 
LYS NZ  HZ1  sing N N 214 
LYS NZ  HZ2  sing N N 215 
LYS NZ  HZ3  sing N N 216 
LYS OXT HXT  sing N N 217 
MET N   CA   sing N N 218 
MET N   H    sing N N 219 
MET N   H2   sing N N 220 
MET CA  C    sing N N 221 
MET CA  CB   sing N N 222 
MET CA  HA   sing N N 223 
MET C   O    doub N N 224 
MET C   OXT  sing N N 225 
MET CB  CG   sing N N 226 
MET CB  HB2  sing N N 227 
MET CB  HB3  sing N N 228 
MET CG  SD   sing N N 229 
MET CG  HG2  sing N N 230 
MET CG  HG3  sing N N 231 
MET SD  CE   sing N N 232 
MET CE  HE1  sing N N 233 
MET CE  HE2  sing N N 234 
MET CE  HE3  sing N N 235 
MET OXT HXT  sing N N 236 
PHE N   CA   sing N N 237 
PHE N   H    sing N N 238 
PHE N   H2   sing N N 239 
PHE CA  C    sing N N 240 
PHE CA  CB   sing N N 241 
PHE CA  HA   sing N N 242 
PHE C   O    doub N N 243 
PHE C   OXT  sing N N 244 
PHE CB  CG   sing N N 245 
PHE CB  HB2  sing N N 246 
PHE CB  HB3  sing N N 247 
PHE CG  CD1  doub Y N 248 
PHE CG  CD2  sing Y N 249 
PHE CD1 CE1  sing Y N 250 
PHE CD1 HD1  sing N N 251 
PHE CD2 CE2  doub Y N 252 
PHE CD2 HD2  sing N N 253 
PHE CE1 CZ   doub Y N 254 
PHE CE1 HE1  sing N N 255 
PHE CE2 CZ   sing Y N 256 
PHE CE2 HE2  sing N N 257 
PHE CZ  HZ   sing N N 258 
PHE OXT HXT  sing N N 259 
PRO N   CA   sing N N 260 
PRO N   CD   sing N N 261 
PRO N   H    sing N N 262 
PRO CA  C    sing N N 263 
PRO CA  CB   sing N N 264 
PRO CA  HA   sing N N 265 
PRO C   O    doub N N 266 
PRO C   OXT  sing N N 267 
PRO CB  CG   sing N N 268 
PRO CB  HB2  sing N N 269 
PRO CB  HB3  sing N N 270 
PRO CG  CD   sing N N 271 
PRO CG  HG2  sing N N 272 
PRO CG  HG3  sing N N 273 
PRO CD  HD2  sing N N 274 
PRO CD  HD3  sing N N 275 
PRO OXT HXT  sing N N 276 
SER N   CA   sing N N 277 
SER N   H    sing N N 278 
SER N   H2   sing N N 279 
SER CA  C    sing N N 280 
SER CA  CB   sing N N 281 
SER CA  HA   sing N N 282 
SER C   O    doub N N 283 
SER C   OXT  sing N N 284 
SER CB  OG   sing N N 285 
SER CB  HB2  sing N N 286 
SER CB  HB3  sing N N 287 
SER OG  HG   sing N N 288 
SER OXT HXT  sing N N 289 
THR N   CA   sing N N 290 
THR N   H    sing N N 291 
THR N   H2   sing N N 292 
THR CA  C    sing N N 293 
THR CA  CB   sing N N 294 
THR CA  HA   sing N N 295 
THR C   O    doub N N 296 
THR C   OXT  sing N N 297 
THR CB  OG1  sing N N 298 
THR CB  CG2  sing N N 299 
THR CB  HB   sing N N 300 
THR OG1 HG1  sing N N 301 
THR CG2 HG21 sing N N 302 
THR CG2 HG22 sing N N 303 
THR CG2 HG23 sing N N 304 
THR OXT HXT  sing N N 305 
TRP N   CA   sing N N 306 
TRP N   H    sing N N 307 
TRP N   H2   sing N N 308 
TRP CA  C    sing N N 309 
TRP CA  CB   sing N N 310 
TRP CA  HA   sing N N 311 
TRP C   O    doub N N 312 
TRP C   OXT  sing N N 313 
TRP CB  CG   sing N N 314 
TRP CB  HB2  sing N N 315 
TRP CB  HB3  sing N N 316 
TRP CG  CD1  doub Y N 317 
TRP CG  CD2  sing Y N 318 
TRP CD1 NE1  sing Y N 319 
TRP CD1 HD1  sing N N 320 
TRP CD2 CE2  doub Y N 321 
TRP CD2 CE3  sing Y N 322 
TRP NE1 CE2  sing Y N 323 
TRP NE1 HE1  sing N N 324 
TRP CE2 CZ2  sing Y N 325 
TRP CE3 CZ3  doub Y N 326 
TRP CE3 HE3  sing N N 327 
TRP CZ2 CH2  doub Y N 328 
TRP CZ2 HZ2  sing N N 329 
TRP CZ3 CH2  sing Y N 330 
TRP CZ3 HZ3  sing N N 331 
TRP CH2 HH2  sing N N 332 
TRP OXT HXT  sing N N 333 
TYR N   CA   sing N N 334 
TYR N   H    sing N N 335 
TYR N   H2   sing N N 336 
TYR CA  C    sing N N 337 
TYR CA  CB   sing N N 338 
TYR CA  HA   sing N N 339 
TYR C   O    doub N N 340 
TYR C   OXT  sing N N 341 
TYR CB  CG   sing N N 342 
TYR CB  HB2  sing N N 343 
TYR CB  HB3  sing N N 344 
TYR CG  CD1  doub Y N 345 
TYR CG  CD2  sing Y N 346 
TYR CD1 CE1  sing Y N 347 
TYR CD1 HD1  sing N N 348 
TYR CD2 CE2  doub Y N 349 
TYR CD2 HD2  sing N N 350 
TYR CE1 CZ   doub Y N 351 
TYR CE1 HE1  sing N N 352 
TYR CE2 CZ   sing Y N 353 
TYR CE2 HE2  sing N N 354 
TYR CZ  OH   sing N N 355 
TYR OH  HH   sing N N 356 
TYR OXT HXT  sing N N 357 
VAL N   CA   sing N N 358 
VAL N   H    sing N N 359 
VAL N   H2   sing N N 360 
VAL CA  C    sing N N 361 
VAL CA  CB   sing N N 362 
VAL CA  HA   sing N N 363 
VAL C   O    doub N N 364 
VAL C   OXT  sing N N 365 
VAL CB  CG1  sing N N 366 
VAL CB  CG2  sing N N 367 
VAL CB  HB   sing N N 368 
VAL CG1 HG11 sing N N 369 
VAL CG1 HG12 sing N N 370 
VAL CG1 HG13 sing N N 371 
VAL CG2 HG21 sing N N 372 
VAL CG2 HG22 sing N N 373 
VAL CG2 HG23 sing N N 374 
VAL OXT HXT  sing N N 375 
# 
_atom_sites.entry_id                    3RFI 
_atom_sites.fract_transf_matrix[1][1]   0.01646144 
_atom_sites.fract_transf_matrix[1][2]   0.00096313 
_atom_sites.fract_transf_matrix[1][3]   -0.01209265 
_atom_sites.fract_transf_matrix[2][1]   -0.00021390 
_atom_sites.fract_transf_matrix[2][2]   -0.00911051 
_atom_sites.fract_transf_matrix[2][3]   -0.01830502 
_atom_sites.fract_transf_matrix[3][1]   -0.00637743 
_atom_sites.fract_transf_matrix[3][2]   0.01516573 
_atom_sites.fract_transf_matrix[3][3]   -0.00747354 
_atom_sites.fract_transf_vector[1]      0.463526 
_atom_sites.fract_transf_vector[2]      0.430893 
_atom_sites.fract_transf_vector[3]      0.036587 
# 
loop_
_atom_type.symbol 
C 
N 
O 
S 
# 
loop_
_atom_site.group_PDB 
_atom_site.id 
_atom_site.type_symbol 
_atom_site.label_atom_id 
_atom_site.label_alt_id 
_atom_site.label_comp_id 
_atom_site.label_asym_id 
_atom_site.label_entity_id 
_atom_site.label_seq_id 
_atom_site.pdbx_PDB_ins_code 
_atom_site.Cartn_x 
_atom_site.Cartn_y 
_atom_site.Cartn_z 
_atom_site.occupancy 
_atom_site.B_iso_or_equiv 
_atom_site.pdbx_formal_charge 
_atom_site.auth_seq_id 
_atom_site.auth_comp_id 
_atom_site.auth_asym_id 
_atom_site.auth_atom_id 
_atom_site.pdbx_PDB_model_num 
ATOM   1   N N   . ALA A 1 5   ? 19.667  14.943  11.174  1.00 74.70 ? 0   ALA A N   1 
ATOM   2   C CA  . ALA A 1 5   ? 19.029  16.222  10.737  1.00 72.59 ? 0   ALA A CA  1 
ATOM   3   C C   . ALA A 1 5   ? 18.490  16.124  9.296   1.00 67.77 ? 0   ALA A C   1 
ATOM   4   O O   . ALA A 1 5   ? 17.272  16.113  9.089   1.00 65.34 ? 0   ALA A O   1 
ATOM   5   C CB  . ALA A 1 5   ? 20.022  17.428  10.908  1.00 76.43 ? 0   ALA A CB  1 
ATOM   6   N N   . ILE A 1 6   ? 19.395  16.018  8.320   1.00 66.89 ? 1   ILE A N   1 
ATOM   7   C CA  . ILE A 1 6   ? 19.047  15.991  6.886   1.00 61.97 ? 1   ILE A CA  1 
ATOM   8   C C   . ILE A 1 6   ? 18.109  14.829  6.463   1.00 56.10 ? 1   ILE A C   1 
ATOM   9   O O   . ILE A 1 6   ? 17.041  15.070  5.859   1.00 52.13 ? 1   ILE A O   1 
ATOM   10  C CB  . ILE A 1 6   ? 20.358  16.104  5.990   1.00 65.55 ? 1   ILE A CB  1 
ATOM   11  C CG1 . ILE A 1 6   ? 20.056  16.779  4.639   1.00 64.22 ? 1   ILE A CG1 1 
ATOM   12  C CG2 . ILE A 1 6   ? 21.175  14.736  5.907   1.00 67.35 ? 1   ILE A CG2 1 
ATOM   13  C CD1 . ILE A 1 6   ? 19.817  15.834  3.520   1.00 63.47 ? 1   ILE A CD1 1 
ATOM   14  N N   . VAL A 1 7   ? 18.486  13.586  6.776   1.00 54.08 ? 2   VAL A N   1 
ATOM   15  C CA  . VAL A 1 7   ? 17.691  12.441  6.334   1.00 49.24 ? 2   VAL A CA  1 
ATOM   16  C C   . VAL A 1 7   ? 16.311  12.489  7.014   1.00 46.28 ? 2   VAL A C   1 
ATOM   17  O O   . VAL A 1 7   ? 15.304  12.242  6.398   1.00 42.41 ? 2   VAL A O   1 
ATOM   18  C CB  . VAL A 1 7   ? 18.433  11.063  6.501   1.00 51.16 ? 2   VAL A CB  1 
ATOM   19  C CG1 . VAL A 1 7   ? 17.476  9.891   6.289   1.00 48.07 ? 2   VAL A CG1 1 
ATOM   20  C CG2 . VAL A 1 7   ? 19.545  10.946  5.493   1.00 52.64 ? 2   VAL A CG2 1 
ATOM   21  N N   . SER A 1 8   ? 16.270  12.820  8.294   1.00 47.58 ? 3   SER A N   1 
ATOM   22  C CA  . SER A 1 8   ? 15.000  12.916  8.987   1.00 46.14 ? 3   SER A CA  1 
ATOM   23  C C   . SER A 1 8   ? 14.062  13.932  8.297   1.00 43.47 ? 3   SER A C   1 
ATOM   24  O O   . SER A 1 8   ? 12.902  13.638  7.983   1.00 40.05 ? 3   SER A O   1 
ATOM   25  C CB  . SER A 1 8   ? 15.260  13.307  10.437  1.00 50.66 ? 3   SER A CB  1 
ATOM   26  O OG  . SER A 1 8   ? 14.021  13.284  11.099  1.00 54.12 ? 3   SER A OG  1 
ATOM   27  N N   . MET A 1 9   ? 14.593  15.123  8.022   1.00 44.06 ? 4   MET A N   1 
ATOM   28  C CA  . MET A 1 9   ? 13.863  16.154  7.286   1.00 43.18 ? 4   MET A CA  1 
ATOM   29  C C   . MET A 1 9   ? 13.325  15.654  5.965   1.00 38.87 ? 4   MET A C   1 
ATOM   30  O O   . MET A 1 9   ? 12.160  15.927  5.612   1.00 37.82 ? 4   MET A O   1 
ATOM   31  C CB  . MET A 1 9   ? 14.768  17.367  6.989   1.00 44.32 ? 4   MET A CB  1 
ATOM   32  C CG  . MET A 1 9   ? 14.941  18.341  8.099   1.00 53.87 ? 4   MET A CG  1 
ATOM   33  S SD  . MET A 1 9   ? 16.108  19.663  7.610   1.00 65.81 ? 4   MET A SD  1 
ATOM   34  C CE  . MET A 1 9   ? 17.097  19.911  9.106   1.00 70.06 ? 4   MET A CE  1 
ATOM   35  N N   . GLU A 1 10  ? 14.180  14.957  5.217   1.00 37.47 ? 5   GLU A N   1 
ATOM   36  C CA  . GLU A 1 10  ? 13.797  14.372  3.935   1.00 36.03 ? 5   GLU A CA  1 
ATOM   37  C C   . GLU A 1 10  ? 12.691  13.318  4.089   1.00 34.20 ? 5   GLU A C   1 
ATOM   38  O O   . GLU A 1 10  ? 11.786  13.240  3.267   1.00 32.69 ? 5   GLU A O   1 
ATOM   39  C CB  . GLU A 1 10  ? 15.027  13.745  3.233   1.00 37.37 ? 5   GLU A CB  1 
ATOM   40  C CG  . GLU A 1 10  ? 15.952  14.775  2.646   0.50 43.08 ? 5   GLU A CG  1 
ATOM   41  C CD  A GLU A 1 10  ? 15.345  15.470  1.453   0.50 45.10 ? 5   GLU A CD  1 
ATOM   42  C CD  B GLU A 1 10  ? 17.340  14.281  2.388   0.50 48.53 ? 5   GLU A CD  1 
ATOM   43  O OE1 A GLU A 1 10  ? 14.687  16.498  1.658   0.50 47.35 ? 5   GLU A OE1 1 
ATOM   44  O OE1 B GLU A 1 10  ? 17.613  13.086  2.593   0.50 50.87 ? 5   GLU A OE1 1 
ATOM   45  O OE2 A GLU A 1 10  ? 15.523  14.990  0.321   0.50 45.03 ? 5   GLU A OE2 1 
ATOM   46  O OE2 B GLU A 1 10  ? 18.187  15.114  1.982   0.50 54.24 ? 5   GLU A OE2 1 
ATOM   47  N N   . CYS A 1 11  ? 12.788  12.508  5.141   1.00 34.07 ? 6   CYS A N   1 
ATOM   48  C CA  . CYS A 1 11  ? 11.730  11.582  5.491   1.00 33.37 ? 6   CYS A CA  1 
ATOM   49  C C   . CYS A 1 11  ? 10.425  12.324  5.755   1.00 32.57 ? 6   CYS A C   1 
ATOM   50  O O   . CYS A 1 11  ? 9.399   11.963  5.216   1.00 31.03 ? 6   CYS A O   1 
ATOM   51  C CB  . CYS A 1 11  ? 12.113  10.810  6.775   1.00 35.16 ? 6   CYS A CB  1 
ATOM   52  S SG  . CYS A 1 11  ? 10.961  9.439   7.101   1.00 37.98 ? 6   CYS A SG  1 
ATOM   53  N N   . LYS A 1 12  ? 10.488  13.360  6.587   1.00 34.29 ? 7   LYS A N   1 
ATOM   54  C CA  . LYS A 1 12  ? 9.293   14.161  6.868   1.00 36.09 ? 7   LYS A CA  1 
ATOM   55  C C   . LYS A 1 12  ? 8.715   14.858  5.671   1.00 34.27 ? 7   LYS A C   1 
ATOM   56  O O   . LYS A 1 12  ? 7.491   14.956  5.557   1.00 34.90 ? 7   LYS A O   1 
ATOM   57  C CB  . LYS A 1 12  ? 9.504   15.128  8.018   1.00 39.11 ? 7   LYS A CB  1 
ATOM   58  C CG  . LYS A 1 12  ? 9.499   14.401  9.363   1.00 41.34 ? 7   LYS A CG  1 
ATOM   59  C CD  . LYS A 1 12  ? 9.714   15.406  10.489  1.00 51.23 ? 7   LYS A CD  1 
ATOM   60  C CE  . LYS A 1 12  ? 10.334  14.762  11.711  1.00 58.31 ? 7   LYS A CE  1 
ATOM   61  N NZ  . LYS A 1 12  ? 11.011  15.775  12.605  1.00 63.46 ? 7   LYS A NZ  1 
ATOM   62  N N   . THR A 1 13  ? 9.581   15.288  4.766   1.00 33.83 ? 8   THR A N   1 
ATOM   63  C CA  . THR A 1 13  ? 9.134   15.899  3.524   1.00 33.36 ? 8   THR A CA  1 
ATOM   64  C C   . THR A 1 13  ? 8.389   14.886  2.694   1.00 30.18 ? 8   THR A C   1 
ATOM   65  O O   . THR A 1 13  ? 7.308   15.172  2.173   1.00 29.81 ? 8   THR A O   1 
ATOM   66  C CB  . THR A 1 13  ? 10.301  16.478  2.751   1.00 33.57 ? 8   THR A CB  1 
ATOM   67  O OG1 . THR A 1 13  ? 10.841  17.539  3.556   1.00 40.17 ? 8   THR A OG1 1 
ATOM   68  C CG2 . THR A 1 13  ? 9.837   17.078  1.397   1.00 36.35 ? 8   THR A CG2 1 
ATOM   69  N N   . ILE A 1 14  ? 8.947   13.673  2.610   1.00 27.96 ? 9   ILE A N   1 
ATOM   70  C CA  . ILE A 1 14  ? 8.245   12.627  1.931   1.00 27.16 ? 9   ILE A CA  1 
ATOM   71  C C   . ILE A 1 14  ? 6.828   12.493  2.511   1.00 27.83 ? 9   ILE A C   1 
ATOM   72  O O   . ILE A 1 14  ? 5.847   12.477  1.770   1.00 27.38 ? 9   ILE A O   1 
ATOM   73  C CB  . ILE A 1 14  ? 8.983   11.251  2.050   1.00 25.31 ? 9   ILE A CB  1 
ATOM   74  C CG1 . ILE A 1 14  ? 10.243  11.212  1.173   1.00 27.99 ? 9   ILE A CG1 1 
ATOM   75  C CG2 . ILE A 1 14  ? 8.012   10.084  1.787   1.00 26.43 ? 9   ILE A CG2 1 
ATOM   76  C CD1 . ILE A 1 14  ? 10.011  11.305  -0.366  1.00 26.11 ? 9   ILE A CD1 1 
ATOM   77  N N   . VAL A 1 15  ? 6.710   12.339  3.827   1.00 28.79 ? 10  VAL A N   1 
ATOM   78  C CA  . VAL A 1 15  ? 5.383   12.094  4.375   1.00 30.39 ? 10  VAL A CA  1 
ATOM   79  C C   . VAL A 1 15  ? 4.451   13.311  4.127   1.00 32.71 ? 10  VAL A C   1 
ATOM   80  O O   . VAL A 1 15  ? 3.325   13.151  3.623   1.00 35.31 ? 10  VAL A O   1 
ATOM   81  C CB  . VAL A 1 15  ? 5.443   11.715  5.896   1.00 32.60 ? 10  VAL A CB  1 
ATOM   82  C CG1 . VAL A 1 15  ? 4.031   11.450  6.453   1.00 36.46 ? 10  VAL A CG1 1 
ATOM   83  C CG2 . VAL A 1 15  ? 6.331   10.484  6.118   1.00 30.44 ? 10  VAL A CG2 1 
ATOM   84  N N   . SER A 1 16  ? 4.902   14.499  4.482   1.00 33.26 ? 11  SER A N   1 
ATOM   85  C CA  . SER A 1 16  ? 4.033   15.688  4.429   1.00 37.35 ? 11  SER A CA  1 
ATOM   86  C C   . SER A 1 16  ? 3.718   16.066  2.991   1.00 36.03 ? 11  SER A C   1 
ATOM   87  O O   . SER A 1 16  ? 2.571   16.319  2.684   1.00 38.44 ? 11  SER A O   1 
ATOM   88  C CB  . SER A 1 16  ? 4.647   16.867  5.163   1.00 38.22 ? 11  SER A CB  1 
ATOM   89  O OG  . SER A 1 16  ? 5.814   17.277  4.497   1.00 42.46 ? 11  SER A OG  1 
ATOM   90  N N   . GLN A 1 17  ? 4.731   16.070  2.123   1.00 34.47 ? 12  GLN A N   1 
ATOM   91  C CA  . GLN A 1 17  ? 4.556   16.518  0.736   1.00 34.46 ? 12  GLN A CA  1 
ATOM   92  C C   . GLN A 1 17  ? 4.159   15.433  -0.231  1.00 31.10 ? 12  GLN A C   1 
ATOM   93  O O   . GLN A 1 17  ? 3.502   15.719  -1.219  1.00 31.15 ? 12  GLN A O   1 
ATOM   94  C CB  . GLN A 1 17  ? 5.815   17.181  0.213   1.00 32.93 ? 12  GLN A CB  1 
ATOM   95  C CG  . GLN A 1 17  ? 6.046   18.435  0.959   1.00 43.40 ? 12  GLN A CG  1 
ATOM   96  C CD  . GLN A 1 17  ? 6.942   19.321  0.211   1.00 48.33 ? 12  GLN A CD  1 
ATOM   97  O OE1 . GLN A 1 17  ? 6.813   19.455  -1.016  1.00 53.40 ? 12  GLN A OE1 1 
ATOM   98  N NE2 . GLN A 1 17  ? 7.884   19.947  0.925   1.00 48.81 ? 12  GLN A NE2 1 
ATOM   99  N N   . TYR A 1 18  ? 4.560   14.206  0.043   1.00 27.47 ? 13  TYR A N   1 
ATOM   100 C CA  . TYR A 1 18  ? 4.370   13.141  -0.928  1.00 26.52 ? 13  TYR A CA  1 
ATOM   101 C C   . TYR A 1 18  ? 3.650   11.929  -0.365  1.00 26.77 ? 13  TYR A C   1 
ATOM   102 O O   . TYR A 1 18  ? 3.416   10.984  -1.084  1.00 24.74 ? 13  TYR A O   1 
ATOM   103 C CB  . TYR A 1 18  ? 5.727   12.624  -1.444  1.00 24.53 ? 13  TYR A CB  1 
ATOM   104 C CG  . TYR A 1 18  ? 6.508   13.665  -2.174  1.00 24.24 ? 13  TYR A CG  1 
ATOM   105 C CD1 . TYR A 1 18  ? 7.422   14.451  -1.503  1.00 21.48 ? 13  TYR A CD1 1 
ATOM   106 C CD2 . TYR A 1 18  ? 6.326   13.861  -3.537  1.00 27.75 ? 13  TYR A CD2 1 
ATOM   107 C CE1 . TYR A 1 18  ? 8.182   15.418  -2.159  1.00 25.51 ? 13  TYR A CE1 1 
ATOM   108 C CE2 . TYR A 1 18  ? 7.055   14.814  -4.206  1.00 25.06 ? 13  TYR A CE2 1 
ATOM   109 C CZ  . TYR A 1 18  ? 7.988   15.579  -3.528  1.00 26.08 ? 13  TYR A CZ  1 
ATOM   110 O OH  . TYR A 1 18  ? 8.734   16.505  -4.191  1.00 25.66 ? 13  TYR A OH  1 
ATOM   111 N N   . GLY A 1 19  ? 3.279   11.968  0.911   1.00 30.18 ? 14  GLY A N   1 
ATOM   112 C CA  . GLY A 1 19  ? 2.894   10.704  1.597   1.00 28.97 ? 14  GLY A CA  1 
ATOM   113 C C   . GLY A 1 19  ? 1.612   10.136  1.033   1.00 29.90 ? 14  GLY A C   1 
ATOM   114 O O   . GLY A 1 19  ? 1.532   8.949   0.753   1.00 31.04 ? 14  GLY A O   1 
ATOM   115 N N   . GLU A 1 20  ? 0.584   10.955  0.897   1.00 30.89 ? 15  GLU A N   1 
ATOM   116 C CA  . GLU A 1 20  ? -0.673  10.467  0.351   1.00 33.28 ? 15  GLU A CA  1 
ATOM   117 C C   . GLU A 1 20  ? -0.475  9.995   -1.077  1.00 31.27 ? 15  GLU A C   1 
ATOM   118 O O   . GLU A 1 20  ? -1.040  8.978   -1.486  1.00 30.03 ? 15  GLU A O   1 
ATOM   119 C CB  . GLU A 1 20  ? -1.774  11.538  0.375   1.00 36.07 ? 15  GLU A CB  1 
ATOM   120 C CG  . GLU A 1 20  ? -2.238  11.840  1.741   1.00 45.50 ? 15  GLU A CG  1 
ATOM   121 C CD  . GLU A 1 20  ? -3.583  12.500  1.740   1.00 55.57 ? 15  GLU A CD  1 
ATOM   122 O OE1 . GLU A 1 20  ? -3.993  12.990  0.659   1.00 58.88 ? 15  GLU A OE1 1 
ATOM   123 O OE2 . GLU A 1 20  ? -4.221  12.524  2.823   1.00 63.45 ? 15  GLU A OE2 1 
ATOM   124 N N   . MET A 1 21  ? 0.297   10.746  -1.856  1.00 30.14 ? 16  MET A N   1 
ATOM   125 C CA  . MET A 1 21  ? 0.548   10.355  -3.228  1.00 28.83 ? 16  MET A CA  1 
ATOM   126 C C   . MET A 1 21  ? 1.264   8.996   -3.294  1.00 27.12 ? 16  MET A C   1 
ATOM   127 O O   . MET A 1 21  ? 0.912   8.101   -4.091  1.00 25.92 ? 16  MET A O   1 
ATOM   128 C CB  . MET A 1 21  ? 1.385   11.410  -3.876  1.00 29.16 ? 16  MET A CB  1 
ATOM   129 C CG  . MET A 1 21  ? 1.743   11.165  -5.309  1.00 27.37 ? 16  MET A CG  1 
ATOM   130 S SD  A MET A 1 21  ? 2.344   12.649  -6.072  0.50 28.66 ? 16  MET A SD  1 
ATOM   131 S SD  B MET A 1 21  ? 3.284   12.004  -5.872  0.50 32.32 ? 16  MET A SD  1 
ATOM   132 C CE  A MET A 1 21  ? 3.008   11.875  -7.551  0.50 21.37 ? 16  MET A CE  1 
ATOM   133 C CE  B MET A 1 21  ? 3.199   13.591  -5.106  0.50 27.13 ? 16  MET A CE  1 
ATOM   134 N N   . ILE A 1 22  ? 2.272   8.824   -2.452  1.00 26.14 ? 17  ILE A N   1 
ATOM   135 C CA  . ILE A 1 22  ? 3.007   7.578   -2.470  1.00 24.60 ? 17  ILE A CA  1 
ATOM   136 C C   . ILE A 1 22  ? 2.125   6.415   -2.033  1.00 26.09 ? 17  ILE A C   1 
ATOM   137 O O   . ILE A 1 22  ? 2.142   5.355   -2.666  1.00 24.79 ? 17  ILE A O   1 
ATOM   138 C CB  . ILE A 1 22  ? 4.280   7.676   -1.601  1.00 25.03 ? 17  ILE A CB  1 
ATOM   139 C CG1 . ILE A 1 22  ? 5.240   8.747   -2.208  1.00 21.91 ? 17  ILE A CG1 1 
ATOM   140 C CG2 . ILE A 1 22  ? 4.844   6.279   -1.226  1.00 24.59 ? 17  ILE A CG2 1 
ATOM   141 C CD1 A ILE A 1 22  ? 6.404   9.193   -1.262  0.50 12.87 ? 17  ILE A CD1 1 
ATOM   142 C CD1 B ILE A 1 22  ? 5.974   8.365   -3.395  0.50 29.83 ? 17  ILE A CD1 1 
ATOM   143 N N   . TRP A 1 23  ? 1.378   6.611   -0.955  1.00 26.66 ? 18  TRP A N   1 
ATOM   144 C CA  . TRP A 1 23  ? 0.480   5.589   -0.474  1.00 28.37 ? 18  TRP A CA  1 
ATOM   145 C C   . TRP A 1 23  ? -0.523  5.252   -1.556  1.00 28.92 ? 18  TRP A C   1 
ATOM   146 O O   . TRP A 1 23  ? -0.832  4.086   -1.759  1.00 29.44 ? 18  TRP A O   1 
ATOM   147 C CB  . TRP A 1 23  ? -0.312  6.108   0.725   1.00 30.45 ? 18  TRP A CB  1 
ATOM   148 C CG  . TRP A 1 23  ? -1.322  5.150   1.198   1.00 30.51 ? 18  TRP A CG  1 
ATOM   149 C CD1 . TRP A 1 23  ? -2.694  5.294   1.184   1.00 32.01 ? 18  TRP A CD1 1 
ATOM   150 C CD2 . TRP A 1 23  ? -1.043  3.894   1.800   1.00 28.52 ? 18  TRP A CD2 1 
ATOM   151 N NE1 . TRP A 1 23  ? -3.290  4.153   1.744   1.00 34.25 ? 18  TRP A NE1 1 
ATOM   152 C CE2 . TRP A 1 23  ? -2.288  3.283   2.113   1.00 30.35 ? 18  TRP A CE2 1 
ATOM   153 C CE3 . TRP A 1 23  ? 0.151   3.191   2.066   1.00 28.00 ? 18  TRP A CE3 1 
ATOM   154 C CZ2 . TRP A 1 23  ? -2.369  2.036   2.751   1.00 31.20 ? 18  TRP A CZ2 1 
ATOM   155 C CZ3 . TRP A 1 23  ? 0.057   1.959   2.658   1.00 25.28 ? 18  TRP A CZ3 1 
ATOM   156 C CH2 . TRP A 1 23  ? -1.174  1.391   2.978   1.00 27.90 ? 18  TRP A CH2 1 
ATOM   157 N N   . ASP A 1 24  ? -1.056  6.264   -2.240  1.00 29.57 ? 19  ASP A N   1 
ATOM   158 C CA  . ASP A 1 24  ? -2.003  5.990   -3.327  1.00 32.31 ? 19  ASP A CA  1 
ATOM   159 C C   . ASP A 1 24  ? -1.424  5.062   -4.406  1.00 30.33 ? 19  ASP A C   1 
ATOM   160 O O   . ASP A 1 24  ? -2.072  4.118   -4.927  1.00 31.16 ? 19  ASP A O   1 
ATOM   161 C CB  . ASP A 1 24  ? -2.483  7.295   -3.913  1.00 35.17 ? 19  ASP A CB  1 
ATOM   162 C CG  . ASP A 1 24  ? -3.503  8.010   -2.978  1.00 41.24 ? 19  ASP A CG  1 
ATOM   163 O OD1 . ASP A 1 24  ? -3.943  9.096   -3.351  1.00 48.57 ? 19  ASP A OD1 1 
ATOM   164 O OD2 . ASP A 1 24  ? -3.833  7.498   -1.869  1.00 42.68 ? 19  ASP A OD2 1 
ATOM   165 N N   . LEU A 1 25  ? -0.175  5.329   -4.714  1.00 28.11 ? 20  LEU A N   1 
ATOM   166 C CA  . LEU A 1 25  ? 0.551   4.584   -5.700  1.00 27.19 ? 20  LEU A CA  1 
ATOM   167 C C   . LEU A 1 25  ? 0.878   3.187   -5.214  1.00 25.92 ? 20  LEU A C   1 
ATOM   168 O O   . LEU A 1 25  ? 0.879   2.290   -6.013  1.00 27.47 ? 20  LEU A O   1 
ATOM   169 C CB  . LEU A 1 25  ? 1.835   5.319   -6.140  1.00 24.33 ? 20  LEU A CB  1 
ATOM   170 C CG  . LEU A 1 25  ? 1.548   6.601   -6.939  1.00 27.86 ? 20  LEU A CG  1 
ATOM   171 C CD1 . LEU A 1 25  ? 2.777   7.526   -6.934  1.00 26.56 ? 20  LEU A CD1 1 
ATOM   172 C CD2 . LEU A 1 25  ? 1.068   6.329   -8.386  1.00 30.57 ? 20  LEU A CD2 1 
ATOM   173 N N   . LEU A 1 26  ? 1.176   3.031   -3.931  1.00 25.68 ? 21  LEU A N   1 
ATOM   174 C CA  . LEU A 1 26  ? 1.488   1.738   -3.355  1.00 26.54 ? 21  LEU A CA  1 
ATOM   175 C C   . LEU A 1 26  ? 0.217   0.919   -3.530  1.00 27.78 ? 21  LEU A C   1 
ATOM   176 O O   . LEU A 1 26  ? 0.269   -0.184  -4.034  1.00 29.11 ? 21  LEU A O   1 
ATOM   177 C CB  . LEU A 1 26  ? 1.854   1.851   -1.857  1.00 25.63 ? 21  LEU A CB  1 
ATOM   178 C CG  . LEU A 1 26  ? 2.264   0.615   -1.066  1.00 26.80 ? 21  LEU A CG  1 
ATOM   179 C CD1 . LEU A 1 26  ? 2.917   1.106   0.243   1.00 26.13 ? 21  LEU A CD1 1 
ATOM   180 C CD2 . LEU A 1 26  ? 0.976   -0.161  -0.707  1.00 29.61 ? 21  LEU A CD2 1 
ATOM   181 N N   . VAL A 1 27  ? -0.896  1.493   -3.107  1.00 28.28 ? 22  VAL A N   1 
ATOM   182 C CA  . VAL A 1 27  ? -2.178  0.857   -3.168  1.00 30.47 ? 22  VAL A CA  1 
ATOM   183 C C   . VAL A 1 27  ? -2.548  0.502   -4.635  1.00 30.11 ? 22  VAL A C   1 
ATOM   184 O O   . VAL A 1 27  ? -2.901  -0.659  -4.932  1.00 29.69 ? 22  VAL A O   1 
ATOM   185 C CB  . VAL A 1 27  ? -3.252  1.686   -2.456  1.00 31.94 ? 22  VAL A CB  1 
ATOM   186 C CG1 . VAL A 1 27  ? -4.644  1.004   -2.587  1.00 37.25 ? 22  VAL A CG1 1 
ATOM   187 C CG2 . VAL A 1 27  ? -2.934  1.801   -0.969  1.00 33.44 ? 22  VAL A CG2 1 
ATOM   188 N N   . SER A 1 28  ? -2.432  1.466   -5.542  1.00 29.68 ? 23  SER A N   1 
ATOM   189 C CA  A SER A 1 28  ? -2.835  1.265   -6.937  0.50 32.52 ? 23  SER A CA  1 
ATOM   190 C CA  B SER A 1 28  ? -2.843  1.264   -6.942  0.50 31.51 ? 23  SER A CA  1 
ATOM   191 C C   . SER A 1 28  ? -1.877  0.368   -7.708  1.00 32.22 ? 23  SER A C   1 
ATOM   192 O O   . SER A 1 28  ? -2.266  -0.238  -8.749  1.00 34.63 ? 23  SER A O   1 
ATOM   193 C CB  A SER A 1 28  ? -2.997  2.608   -7.659  0.50 33.38 ? 23  SER A CB  1 
ATOM   194 C CB  B SER A 1 28  ? -2.966  2.596   -7.691  0.50 32.14 ? 23  SER A CB  1 
ATOM   195 O OG  A SER A 1 28  ? -4.200  3.219   -7.214  0.50 37.87 ? 23  SER A OG  1 
ATOM   196 O OG  B SER A 1 28  ? -1.709  3.207   -7.796  0.50 27.16 ? 23  SER A OG  1 
ATOM   197 N N   . GLY A 1 29  ? -0.644  0.253   -7.194  1.00 29.56 ? 24  GLY A N   1 
ATOM   198 C CA  . GLY A 1 29  ? 0.357   -0.609  -7.819  1.00 30.14 ? 24  GLY A CA  1 
ATOM   199 C C   . GLY A 1 29  ? 0.101   -2.089  -7.512  1.00 31.41 ? 24  GLY A C   1 
ATOM   200 O O   . GLY A 1 29  ? 0.586   -2.957  -8.214  1.00 34.56 ? 24  GLY A O   1 
ATOM   201 N N   . VAL A 1 30  ? -0.681  -2.405  -6.507  1.00 31.70 ? 25  VAL A N   1 
ATOM   202 C CA  . VAL A 1 30  ? -0.966  -3.840  -6.281  1.00 33.50 ? 25  VAL A CA  1 
ATOM   203 C C   . VAL A 1 30  ? -1.750  -4.473  -7.437  1.00 34.89 ? 25  VAL A C   1 
ATOM   204 O O   . VAL A 1 30  ? -2.696  -3.885  -7.935  1.00 33.83 ? 25  VAL A O   1 
ATOM   205 C CB  . VAL A 1 30  ? -1.498  -4.153  -4.908  1.00 33.35 ? 25  VAL A CB  1 
ATOM   206 C CG1 . VAL A 1 30  ? -2.149  -3.047  -4.267  1.00 39.00 ? 25  VAL A CG1 1 
ATOM   207 C CG2 . VAL A 1 30  ? -2.420  -5.398  -4.914  1.00 35.81 ? 25  VAL A CG2 1 
ATOM   208 N N   . ARG A 1 31  ? -1.322  -5.643  -7.905  1.00 36.16 ? 26  ARG A N   1 
ATOM   209 C CA  . ARG A 1 31  ? -2.004  -6.271  -9.042  1.00 39.26 ? 26  ARG A CA  1 
ATOM   210 C C   . ARG A 1 31  ? -2.596  -7.555  -8.558  1.00 40.95 ? 26  ARG A C   1 
ATOM   211 O O   . ARG A 1 31  ? -1.859  -8.453  -8.242  1.00 38.59 ? 26  ARG A O   1 
ATOM   212 C CB  . ARG A 1 31  ? -1.034  -6.546  -10.193 1.00 40.71 ? 26  ARG A CB  1 
ATOM   213 C CG  . ARG A 1 31  ? -0.574  -5.252  -10.910 1.00 45.75 ? 26  ARG A CG  1 
ATOM   214 C CD  . ARG A 1 31  ? 0.729   -5.489  -11.675 1.00 57.76 ? 26  ARG A CD  1 
ATOM   215 N NE  . ARG A 1 31  ? 1.820   -6.014  -10.829 1.00 65.09 ? 26  ARG A NE  1 
ATOM   216 C CZ  . ARG A 1 31  ? 3.119   -5.718  -10.989 1.00 68.78 ? 26  ARG A CZ  1 
ATOM   217 N NH1 . ARG A 1 31  ? 3.521   -4.874  -11.951 1.00 71.00 ? 26  ARG A NH1 1 
ATOM   218 N NH2 . ARG A 1 31  ? 4.024   -6.259  -10.176 1.00 69.33 ? 26  ARG A NH2 1 
ATOM   219 N N   . PRO A 1 32  ? -3.936  -7.615  -8.450  1.00 26.84 ? 27  PRO A N   1 
ATOM   220 C CA  . PRO A 1 32  ? -4.619  -8.796  -7.917  1.00 26.52 ? 27  PRO A CA  1 
ATOM   221 C C   . PRO A 1 32  ? -4.122  -10.023 -8.620  1.00 27.64 ? 27  PRO A C   1 
ATOM   222 O O   . PRO A 1 32  ? -3.909  -11.043 -7.993  1.00 26.85 ? 27  PRO A O   1 
ATOM   223 C CB  . PRO A 1 32  ? -6.088  -8.518  -8.307  1.00 26.11 ? 27  PRO A CB  1 
ATOM   224 C CG  . PRO A 1 32  ? -6.148  -7.077  -8.030  1.00 28.82 ? 27  PRO A CG  1 
ATOM   225 C CD  . PRO A 1 32  ? -4.910  -6.545  -8.753  1.00 27.04 ? 27  PRO A CD  1 
ATOM   226 N N   . ASP A 1 33  ? -3.962  -9.953  -9.931  1.00 29.00 ? 28  ASP A N   1 
ATOM   227 C CA  . ASP A 1 33  ? -3.535  -11.156 -10.629 1.00 31.79 ? 28  ASP A CA  1 
ATOM   228 C C   . ASP A 1 33  ? -2.157  -11.681 -10.270 1.00 31.50 ? 28  ASP A C   1 
ATOM   229 O O   . ASP A 1 33  ? -1.930  -12.896 -10.189 1.00 30.93 ? 28  ASP A O   1 
ATOM   230 C CB  . ASP A 1 33  ? -3.744  -11.068 -12.137 1.00 33.21 ? 28  ASP A CB  1 
ATOM   231 C CG  . ASP A 1 33  ? -2.917  -9.999  -12.806 1.00 40.13 ? 28  ASP A CG  1 
ATOM   232 O OD1 . ASP A 1 33  ? -2.858  -10.060 -14.042 1.00 49.64 ? 28  ASP A OD1 1 
ATOM   233 O OD2 . ASP A 1 33  ? -2.359  -9.082  -12.156 1.00 46.19 ? 28  ASP A OD2 1 
ATOM   234 N N   . GLN A 1 34  ? -1.255  -10.751 -10.018 1.00 31.77 ? 29  GLN A N   1 
ATOM   235 C CA  . GLN A 1 34  ? 0.120   -11.062 -9.651  1.00 32.50 ? 29  GLN A CA  1 
ATOM   236 C C   . GLN A 1 34  ? 0.146   -11.609 -8.238  1.00 29.79 ? 29  GLN A C   1 
ATOM   237 O O   . GLN A 1 34  ? 0.853   -12.570 -7.960  1.00 29.50 ? 29  GLN A O   1 
ATOM   238 C CB  . GLN A 1 34  ? 0.935   -9.764  -9.674  1.00 34.24 ? 29  GLN A CB  1 
ATOM   239 C CG  . GLN A 1 34  ? 2.263   -9.962  -10.113 1.00 45.59 ? 29  GLN A CG  1 
ATOM   240 C CD  . GLN A 1 34  ? 2.323   -10.585 -11.512 1.00 56.71 ? 29  GLN A CD  1 
ATOM   241 O OE1 . GLN A 1 34  ? 1.829   -10.019 -12.513 1.00 61.85 ? 29  GLN A OE1 1 
ATOM   242 N NE2 . GLN A 1 34  ? 2.940   -11.759 -11.584 1.00 59.51 ? 29  GLN A NE2 1 
ATOM   243 N N   . VAL A 1 35  ? -0.601  -10.963 -7.350  1.00 26.68 ? 30  VAL A N   1 
ATOM   244 C CA  . VAL A 1 35  ? -0.649  -11.374 -5.955  1.00 25.66 ? 30  VAL A CA  1 
ATOM   245 C C   . VAL A 1 35  ? -1.269  -12.775 -5.915  1.00 24.94 ? 30  VAL A C   1 
ATOM   246 O O   . VAL A 1 35  ? -0.717  -13.672 -5.302  1.00 24.40 ? 30  VAL A O   1 
ATOM   247 C CB  . VAL A 1 35  ? -1.545  -10.444 -5.120  1.00 23.73 ? 30  VAL A CB  1 
ATOM   248 C CG1 . VAL A 1 35  ? -1.713  -11.028 -3.730  1.00 21.52 ? 30  VAL A CG1 1 
ATOM   249 C CG2 . VAL A 1 35  ? -0.891  -9.103  -4.934  1.00 26.70 ? 30  VAL A CG2 1 
ATOM   250 N N   . CYS A 1 36  ? -2.368  -12.958 -6.646  1.00 24.70 ? 31  CYS A N   1 
ATOM   251 C CA  . CYS A 1 36  ? -3.036  -14.277 -6.720  1.00 24.07 ? 31  CYS A CA  1 
ATOM   252 C C   . CYS A 1 36  ? -2.210  -15.369 -7.377  1.00 24.27 ? 31  CYS A C   1 
ATOM   253 O O   . CYS A 1 36  ? -2.269  -16.526 -6.970  1.00 25.18 ? 31  CYS A O   1 
ATOM   254 C CB  . CYS A 1 36  ? -4.356  -14.072 -7.407  1.00 21.91 ? 31  CYS A CB  1 
ATOM   255 S SG  . CYS A 1 36  ? -5.401  -13.154 -6.219  1.00 24.88 ? 31  CYS A SG  1 
ATOM   256 N N   . SER A 1 37  ? -1.409  -15.007 -8.365  1.00 25.77 ? 32  SER A N   1 
ATOM   257 C CA  . SER A 1 37  ? -0.430  -15.932 -8.914  1.00 27.36 ? 32  SER A CA  1 
ATOM   258 C C   . SER A 1 37  ? 0.642   -16.354 -7.885  1.00 28.09 ? 32  SER A C   1 
ATOM   259 O O   . SER A 1 37  ? 0.955   -17.538 -7.760  1.00 26.25 ? 32  SER A O   1 
ATOM   260 C CB  . SER A 1 37  ? 0.234   -15.342 -10.151 1.00 29.92 ? 32  SER A CB  1 
ATOM   261 O OG  A SER A 1 37  ? -0.675  -15.376 -11.222 0.50 33.53 ? 32  SER A OG  1 
ATOM   262 O OG  B SER A 1 37  ? 1.236   -16.190 -10.600 0.50 28.48 ? 32  SER A OG  1 
ATOM   263 N N   . GLN A 1 38  ? 1.174   -15.397 -7.142  1.00 27.51 ? 33  GLN A N   1 
ATOM   264 C CA  . GLN A 1 38  ? 2.110   -15.752 -6.077  1.00 30.81 ? 33  GLN A CA  1 
ATOM   265 C C   . GLN A 1 38  ? 1.457   -16.606 -4.992  1.00 27.75 ? 33  GLN A C   1 
ATOM   266 O O   . GLN A 1 38  ? 2.142   -17.389 -4.373  1.00 27.89 ? 33  GLN A O   1 
ATOM   267 C CB  . GLN A 1 38  ? 2.687   -14.520 -5.473  1.00 31.25 ? 33  GLN A CB  1 
ATOM   268 C CG  . GLN A 1 38  ? 3.477   -13.745 -6.482  1.00 42.10 ? 33  GLN A CG  1 
ATOM   269 C CD  . GLN A 1 38  ? 3.896   -12.441 -5.887  1.00 48.94 ? 33  GLN A CD  1 
ATOM   270 O OE1 . GLN A 1 38  ? 5.040   -12.284 -5.507  1.00 58.04 ? 33  GLN A OE1 1 
ATOM   271 N NE2 . GLN A 1 38  ? 2.950   -11.521 -5.722  1.00 52.01 ? 33  GLN A NE2 1 
ATOM   272 N N   . ALA A 1 39  ? 0.152   -16.441 -4.786  1.00 24.80 ? 34  ALA A N   1 
ATOM   273 C CA  . ALA A 1 39  ? -0.598  -17.335 -3.876  1.00 24.70 ? 34  ALA A CA  1 
ATOM   274 C C   . ALA A 1 39  ? -0.910  -18.702 -4.465  1.00 25.16 ? 34  ALA A C   1 
ATOM   275 O O   . ALA A 1 39  ? -1.494  -19.522 -3.785  1.00 26.56 ? 34  ALA A O   1 
ATOM   276 C CB  . ALA A 1 39  ? -1.885  -16.663 -3.426  1.00 21.31 ? 34  ALA A CB  1 
ATOM   277 N N   . GLY A 1 40  ? -0.580  -18.907 -5.749  1.00 24.92 ? 35  GLY A N   1 
ATOM   278 C CA  . GLY A 1 40  ? -0.751  -20.192 -6.383  1.00 26.24 ? 35  GLY A CA  1 
ATOM   279 C C   . GLY A 1 40  ? -2.187  -20.346 -6.868  1.00 23.99 ? 35  GLY A C   1 
ATOM   280 O O   . GLY A 1 40  ? -2.633  -21.452 -7.110  1.00 22.56 ? 35  GLY A O   1 
ATOM   281 N N   . LEU A 1 41  ? -2.955  -19.263 -6.952  1.00 24.63 ? 36  LEU A N   1 
ATOM   282 C CA  . LEU A 1 41  ? -4.356  -19.444 -7.251  1.00 23.82 ? 36  LEU A CA  1 
ATOM   283 C C   . LEU A 1 41  ? -4.715  -18.977 -8.657  1.00 27.05 ? 36  LEU A C   1 
ATOM   284 O O   . LEU A 1 41  ? -5.767  -19.369 -9.157  1.00 26.73 ? 36  LEU A O   1 
ATOM   285 C CB  . LEU A 1 41  ? -5.277  -18.725 -6.255  1.00 22.71 ? 36  LEU A CB  1 
ATOM   286 C CG  . LEU A 1 41  ? -5.063  -19.180 -4.802  1.00 22.32 ? 36  LEU A CG  1 
ATOM   287 C CD1 . LEU A 1 41  ? -5.927  -18.345 -3.912  1.00 18.87 ? 36  LEU A CD1 1 
ATOM   288 C CD2 . LEU A 1 41  ? -5.431  -20.644 -4.707  1.00 19.95 ? 36  LEU A CD2 1 
ATOM   289 N N   . CYS A 1 42  ? -3.827  -18.208 -9.290  1.00 27.59 ? 37  CYS A N   1 
ATOM   290 C CA  . CYS A 1 42  ? -4.033  -17.732 -10.657 1.00 30.11 ? 37  CYS A CA  1 
ATOM   291 C C   . CYS A 1 42  ? -2.827  -18.021 -11.455 1.00 32.82 ? 37  CYS A C   1 
ATOM   292 O O   . CYS A 1 42  ? -1.748  -18.147 -10.917 1.00 30.80 ? 37  CYS A O   1 
ATOM   293 C CB  . CYS A 1 42  ? -4.210  -16.196 -10.692 1.00 29.12 ? 37  CYS A CB  1 
ATOM   294 S SG  . CYS A 1 42  ? -5.755  -15.696 -9.914  1.00 33.54 ? 37  CYS A SG  1 
ATOM   295 N N   . PHE A 1 43  ? -2.996  -18.059 -12.766 1.00 36.65 ? 38  PHE A N   1 
ATOM   296 C CA  . PHE A 1 43  ? -1.864  -18.172 -13.640 1.00 43.10 ? 38  PHE A CA  1 
ATOM   297 C C   . PHE A 1 43  ? -1.536  -16.839 -14.326 1.00 47.12 ? 38  PHE A C   1 
ATOM   298 O O   . PHE A 1 43  ? -2.418  -16.165 -14.824 1.00 48.34 ? 38  PHE A O   1 
ATOM   299 C CB  . PHE A 1 43  ? -2.039  -19.286 -14.660 1.00 44.76 ? 38  PHE A CB  1 
ATOM   300 C CG  . PHE A 1 43  ? -1.131  -19.137 -15.836 1.00 51.78 ? 38  PHE A CG  1 
ATOM   301 C CD1 . PHE A 1 43  ? 0.269   -19.088 -15.659 1.00 54.73 ? 38  PHE A CD1 1 
ATOM   302 C CD2 . PHE A 1 43  ? -1.659  -18.996 -17.142 1.00 56.89 ? 38  PHE A CD2 1 
ATOM   303 C CE1 . PHE A 1 43  ? 1.163   -18.931 -16.804 1.00 57.00 ? 38  PHE A CE1 1 
ATOM   304 C CE2 . PHE A 1 43  ? -0.789  -18.839 -18.268 1.00 61.94 ? 38  PHE A CE2 1 
ATOM   305 C CZ  . PHE A 1 43  ? 0.620   -18.809 -18.088 1.00 61.34 ? 38  PHE A CZ  1 
ATOM   306 N N   . VAL A 1 44  ? -0.246  -16.477 -14.260 1.00 51.30 ? 39  VAL A N   1 
ATOM   307 C CA  . VAL A 1 44  ? 0.429   -15.372 -14.954 1.00 55.51 ? 39  VAL A CA  1 
ATOM   308 C C   . VAL A 1 44  ? -0.291  -14.921 -16.241 1.00 58.48 ? 39  VAL A C   1 
ATOM   309 O O   . VAL A 1 44  ? 0.218   -15.107 -17.369 1.00 61.55 ? 39  VAL A O   1 
ATOM   310 C CB  . VAL A 1 44  ? 1.935   -15.823 -15.297 1.00 59.03 ? 39  VAL A CB  1 
ATOM   311 C CG1 . VAL A 1 44  ? 2.685   -14.829 -16.200 1.00 63.61 ? 39  VAL A CG1 1 
ATOM   312 C CG2 . VAL A 1 44  ? 2.739   -16.169 -14.001 1.00 59.00 ? 39  VAL A CG2 1 
ATOM   313 N N   . GLU A 1 69  ? -8.452  -18.408 -14.488 1.00 52.72 ? 64  GLU A N   1 
ATOM   314 C CA  . GLU A 1 69  ? -9.684  -19.059 -14.938 1.00 54.25 ? 64  GLU A CA  1 
ATOM   315 C C   . GLU A 1 69  ? -10.324 -19.980 -13.885 1.00 52.29 ? 64  GLU A C   1 
ATOM   316 O O   . GLU A 1 69  ? -11.553 -20.146 -13.879 1.00 54.78 ? 64  GLU A O   1 
ATOM   317 C CB  . GLU A 1 69  ? -9.520  -19.755 -16.304 1.00 56.71 ? 64  GLU A CB  1 
ATOM   318 C CG  . GLU A 1 69  ? -10.094 -18.854 -17.434 1.00 62.16 ? 64  GLU A CG  1 
ATOM   319 C CD  . GLU A 1 69  ? -9.929  -19.420 -18.840 1.00 68.42 ? 64  GLU A CD  1 
ATOM   320 O OE1 . GLU A 1 69  ? -10.137 -18.650 -19.811 1.00 74.08 ? 64  GLU A OE1 1 
ATOM   321 O OE2 . GLU A 1 69  ? -9.603  -20.623 -18.988 1.00 66.08 ? 64  GLU A OE2 1 
ATOM   322 N N   . ALA A 1 70  ? -9.526  -20.540 -12.974 1.00 47.77 ? 65  ALA A N   1 
ATOM   323 C CA  . ALA A 1 70  ? -10.114 -21.290 -11.862 1.00 44.82 ? 65  ALA A CA  1 
ATOM   324 C C   . ALA A 1 70  ? -11.000 -20.374 -10.944 1.00 41.94 ? 65  ALA A C   1 
ATOM   325 O O   . ALA A 1 70  ? -10.735 -19.169 -10.783 1.00 38.79 ? 65  ALA A O   1 
ATOM   326 C CB  . ALA A 1 70  ? -9.043  -21.979 -11.060 1.00 43.33 ? 65  ALA A CB  1 
ATOM   327 N N   . PRO A 1 71  ? -12.040 -20.962 -10.322 1.00 41.26 ? 66  PRO A N   1 
ATOM   328 C CA  . PRO A 1 71  ? -12.867 -20.153 -9.439  1.00 39.74 ? 66  PRO A CA  1 
ATOM   329 C C   . PRO A 1 71  ? -12.124 -19.511 -8.266  1.00 35.40 ? 66  PRO A C   1 
ATOM   330 O O   . PRO A 1 71  ? -12.477 -18.400 -7.864  1.00 32.88 ? 66  PRO A O   1 
ATOM   331 C CB  . PRO A 1 71  ? -13.931 -21.135 -8.953  1.00 42.38 ? 66  PRO A CB  1 
ATOM   332 C CG  . PRO A 1 71  ? -14.040 -22.116 -10.100 1.00 44.61 ? 66  PRO A CG  1 
ATOM   333 C CD  . PRO A 1 71  ? -12.622 -22.308 -10.554 1.00 43.80 ? 66  PRO A CD  1 
ATOM   334 N N   . LEU A 1 72  ? -11.112 -20.174 -7.700  1.00 32.66 ? 67  LEU A N   1 
ATOM   335 C CA  . LEU A 1 72  ? -10.401 -19.512 -6.619  1.00 30.23 ? 67  LEU A CA  1 
ATOM   336 C C   . LEU A 1 72  ? -9.534  -18.388 -7.162  1.00 27.56 ? 67  LEU A C   1 
ATOM   337 O O   . LEU A 1 72  ? -9.115  -17.540 -6.429  1.00 27.72 ? 67  LEU A O   1 
ATOM   338 C CB  . LEU A 1 72  ? -9.528  -20.462 -5.803  1.00 29.43 ? 67  LEU A CB  1 
ATOM   339 C CG  . LEU A 1 72  ? -10.330 -21.497 -5.001  1.00 34.10 ? 67  LEU A CG  1 
ATOM   340 C CD1 . LEU A 1 72  ? -9.283  -22.502 -4.536  1.00 32.81 ? 67  LEU A CD1 1 
ATOM   341 C CD2 . LEU A 1 72  ? -10.916 -20.717 -3.854  1.00 31.73 ? 67  LEU A CD2 1 
ATOM   342 N N   . CYS A 1 73  ? -9.180  -18.447 -8.435  1.00 27.49 ? 68  CYS A N   1 
ATOM   343 C CA  . CYS A 1 73  ? -8.412  -17.370 -9.005  1.00 26.13 ? 68  CYS A CA  1 
ATOM   344 C C   . CYS A 1 73  ? -9.301  -16.096 -8.993  1.00 26.39 ? 68  CYS A C   1 
ATOM   345 O O   . CYS A 1 73  ? -8.918  -15.019 -8.529  1.00 24.50 ? 68  CYS A O   1 
ATOM   346 C CB  . CYS A 1 73  ? -8.048  -17.695 -10.456 1.00 27.92 ? 68  CYS A CB  1 
ATOM   347 S SG  . CYS A 1 73  ? -7.277  -16.233 -11.190 1.00 30.86 ? 68  CYS A SG  1 
ATOM   348 N N   . THR A 1 74  ? -10.487 -16.229 -9.539  1.00 28.65 ? 69  THR A N   1 
ATOM   349 C CA  . THR A 1 74  ? -11.398 -15.112 -9.601  1.00 30.09 ? 69  THR A CA  1 
ATOM   350 C C   . THR A 1 74  ? -11.734 -14.594 -8.187  1.00 27.78 ? 69  THR A C   1 
ATOM   351 O O   . THR A 1 74  ? -11.794 -13.400 -7.967  1.00 25.30 ? 69  THR A O   1 
ATOM   352 C CB  . THR A 1 74  ? -12.667 -15.558 -10.327 1.00 33.57 ? 69  THR A CB  1 
ATOM   353 O OG1 . THR A 1 74  ? -12.282 -16.207 -11.542 1.00 38.13 ? 69  THR A OG1 1 
ATOM   354 C CG2 . THR A 1 74  ? -13.554 -14.375 -10.652 1.00 37.57 ? 69  THR A CG2 1 
ATOM   355 N N   . ALA A 1 75  ? -11.969 -15.499 -7.241  1.00 26.35 ? 70  ALA A N   1 
ATOM   356 C CA  . ALA A 1 75  ? -12.283 -15.074 -5.863  1.00 24.76 ? 70  ALA A CA  1 
ATOM   357 C C   . ALA A 1 75  ? -11.083 -14.418 -5.225  1.00 23.29 ? 70  ALA A C   1 
ATOM   358 O O   . ALA A 1 75  ? -11.224 -13.407 -4.515  1.00 22.69 ? 70  ALA A O   1 
ATOM   359 C CB  . ALA A 1 75  ? -12.793 -16.312 -5.006  1.00 25.55 ? 70  ALA A CB  1 
ATOM   360 N N   . CYS A 1 76  ? -9.901  -14.949 -5.473  1.00 22.16 ? 71  CYS A N   1 
ATOM   361 C CA  . CYS A 1 76  ? -8.725  -14.349 -4.934  1.00 21.82 ? 71  CYS A CA  1 
ATOM   362 C C   . CYS A 1 76  ? -8.614  -12.916 -5.484  1.00 20.52 ? 71  CYS A C   1 
ATOM   363 O O   . CYS A 1 76  ? -8.245  -12.002 -4.756  1.00 20.80 ? 71  CYS A O   1 
ATOM   364 C CB  . CYS A 1 76  ? -7.479  -15.133 -5.419  1.00 21.58 ? 71  CYS A CB  1 
ATOM   365 S SG  . CYS A 1 76  ? -5.918  -14.498 -4.767  1.00 25.29 ? 71  CYS A SG  1 
ATOM   366 N N   . GLU A 1 77  ? -8.774  -12.741 -6.791  1.00 21.28 ? 72  GLU A N   1 
ATOM   367 C CA  . GLU A 1 77  ? -8.571  -11.418 -7.346  1.00 22.69 ? 72  GLU A CA  1 
ATOM   368 C C   . GLU A 1 77  ? -9.629  -10.428 -6.765  1.00 23.34 ? 72  GLU A C   1 
ATOM   369 O O   . GLU A 1 77  ? -9.296  -9.294  -6.470  1.00 23.09 ? 72  GLU A O   1 
ATOM   370 C CB  . GLU A 1 77  ? -8.752  -11.461 -8.842  1.00 24.46 ? 72  GLU A CB  1 
ATOM   371 C CG  . GLU A 1 77  ? -7.429  -12.002 -9.480  1.00 25.25 ? 72  GLU A CG  1 
ATOM   372 C CD  . GLU A 1 77  ? -7.530  -12.330 -10.937 1.00 33.36 ? 72  GLU A CD  1 
ATOM   373 O OE1 . GLU A 1 77  ? -6.455  -12.441 -11.559 1.00 35.85 ? 72  GLU A OE1 1 
ATOM   374 O OE2 . GLU A 1 77  ? -8.645  -12.530 -11.455 1.00 36.70 ? 72  GLU A OE2 1 
ATOM   375 N N   . MET A 1 78  ? -10.851 -10.890 -6.602  1.00 24.06 ? 73  MET A N   1 
ATOM   376 C CA  . MET A 1 78  ? -11.909 -10.088 -5.942  1.00 25.48 ? 73  MET A CA  1 
ATOM   377 C C   . MET A 1 78  ? -11.490 -9.739  -4.549  1.00 24.51 ? 73  MET A C   1 
ATOM   378 O O   . MET A 1 78  ? -11.640 -8.568  -4.171  1.00 25.33 ? 73  MET A O   1 
ATOM   379 C CB  . MET A 1 78  ? -13.230 -10.841 -5.885  1.00 27.04 ? 73  MET A CB  1 
ATOM   380 C CG  A MET A 1 78  ? -14.093 -10.734 -7.084  0.50 29.74 ? 73  MET A CG  1 
ATOM   381 C CG  B MET A 1 78  ? -14.412 -10.139 -5.312  0.50 26.48 ? 73  MET A CG  1 
ATOM   382 S SD  A MET A 1 78  ? -15.451 -11.907 -7.155  0.50 31.62 ? 73  MET A SD  1 
ATOM   383 S SD  B MET A 1 78  ? -15.856 -11.221 -5.401  0.50 33.62 ? 73  MET A SD  1 
ATOM   384 C CE  A MET A 1 78  ? -15.485 -12.502 -5.479  0.50 30.67 ? 73  MET A CE  1 
ATOM   385 C CE  B MET A 1 78  ? -16.497 -10.810 -7.002  0.50 31.43 ? 73  MET A CE  1 
ATOM   386 N N   . ALA A 1 79  ? -10.937 -10.710 -3.793  1.00 23.54 ? 74  ALA A N   1 
ATOM   387 C CA  . ALA A 1 79  ? -10.461 -10.428 -2.465  1.00 23.86 ? 74  ALA A CA  1 
ATOM   388 C C   . ALA A 1 79  ? -9.348  -9.360  -2.487  1.00 22.27 ? 74  ALA A C   1 
ATOM   389 O O   . ALA A 1 79  ? -9.377  -8.500  -1.634  1.00 21.56 ? 74  ALA A O   1 
ATOM   390 C CB  . ALA A 1 79  ? -10.006 -11.670 -1.712  1.00 21.78 ? 74  ALA A CB  1 
ATOM   391 N N   . VAL A 1 80  ? -8.383  -9.439  -3.415  1.00 21.28 ? 75  VAL A N   1 
ATOM   392 C CA  . VAL A 1 80  ? -7.290  -8.456  -3.498  1.00 20.08 ? 75  VAL A CA  1 
ATOM   393 C C   . VAL A 1 80  ? -7.836  -7.074  -3.863  1.00 20.73 ? 75  VAL A C   1 
ATOM   394 O O   . VAL A 1 80  ? -7.442  -6.088  -3.270  1.00 20.10 ? 75  VAL A O   1 
ATOM   395 C CB  . VAL A 1 80  ? -6.152  -8.859  -4.466  1.00 20.30 ? 75  VAL A CB  1 
ATOM   396 C CG1 . VAL A 1 80  ? -5.070  -7.736  -4.602  1.00 19.34 ? 75  VAL A CG1 1 
ATOM   397 C CG2 . VAL A 1 80  ? -5.479  -10.179 -3.912  1.00 19.68 ? 75  VAL A CG2 1 
ATOM   398 N N   . VAL A 1 81  ? -8.721  -7.001  -4.846  1.00 21.07 ? 76  VAL A N   1 
ATOM   399 C CA  . VAL A 1 81  ? -9.386  -5.706  -5.123  1.00 21.85 ? 76  VAL A CA  1 
ATOM   400 C C   . VAL A 1 81  ? -10.060 -5.139  -3.845  1.00 21.38 ? 76  VAL A C   1 
ATOM   401 O O   . VAL A 1 81  ? -9.983  -3.952  -3.547  1.00 23.71 ? 76  VAL A O   1 
ATOM   402 C CB  . VAL A 1 81  ? -10.458 -5.922  -6.224  1.00 21.87 ? 76  VAL A CB  1 
ATOM   403 C CG1 . VAL A 1 81  ? -11.385 -4.692  -6.329  1.00 24.83 ? 76  VAL A CG1 1 
ATOM   404 C CG2 . VAL A 1 81  ? -9.769  -6.280  -7.511  1.00 25.22 ? 76  VAL A CG2 1 
ATOM   405 N N   . TRP A 1 82  ? -10.722 -5.975  -3.085  1.00 21.47 ? 77  TRP A N   1 
ATOM   406 C CA  . TRP A 1 82  ? -11.302 -5.457  -1.854  1.00 21.60 ? 77  TRP A CA  1 
ATOM   407 C C   . TRP A 1 82  ? -10.259 -5.081  -0.815  1.00 21.47 ? 77  TRP A C   1 
ATOM   408 O O   . TRP A 1 82  ? -10.501 -4.148  -0.046  1.00 23.09 ? 77  TRP A O   1 
ATOM   409 C CB  . TRP A 1 82  ? -12.278 -6.448  -1.298  1.00 22.19 ? 77  TRP A CB  1 
ATOM   410 C CG  . TRP A 1 82  ? -13.548 -6.441  -2.081  1.00 24.76 ? 77  TRP A CG  1 
ATOM   411 C CD1 . TRP A 1 82  ? -14.075 -5.373  -2.798  1.00 23.87 ? 77  TRP A CD1 1 
ATOM   412 C CD2 . TRP A 1 82  ? -14.491 -7.495  -2.180  1.00 25.12 ? 77  TRP A CD2 1 
ATOM   413 N NE1 . TRP A 1 82  ? -15.295 -5.721  -3.307  1.00 22.70 ? 77  TRP A NE1 1 
ATOM   414 C CE2 . TRP A 1 82  ? -15.572 -7.020  -2.960  1.00 22.14 ? 77  TRP A CE2 1 
ATOM   415 C CE3 . TRP A 1 82  ? -14.528 -8.821  -1.702  1.00 24.83 ? 77  TRP A CE3 1 
ATOM   416 C CZ2 . TRP A 1 82  ? -16.680 -7.803  -3.249  1.00 23.93 ? 77  TRP A CZ2 1 
ATOM   417 C CZ3 . TRP A 1 82  ? -15.655 -9.582  -1.942  1.00 22.29 ? 77  TRP A CZ3 1 
ATOM   418 C CH2 . TRP A 1 82  ? -16.701 -9.087  -2.749  1.00 26.72 ? 77  TRP A CH2 1 
ATOM   419 N N   . MET A 1 83  ? -9.125  -5.827  -0.753  1.00 20.64 ? 78  MET A N   1 
ATOM   420 C CA  . MET A 1 83  ? -8.024  -5.424  0.123   1.00 20.89 ? 78  MET A CA  1 
ATOM   421 C C   . MET A 1 83  ? -7.524  -4.051  -0.263  1.00 20.36 ? 78  MET A C   1 
ATOM   422 O O   . MET A 1 83  ? -7.275  -3.236  0.615   1.00 20.97 ? 78  MET A O   1 
ATOM   423 C CB  . MET A 1 83  ? -6.864  -6.425  0.118   1.00 19.91 ? 78  MET A CB  1 
ATOM   424 C CG  . MET A 1 83  ? -7.323  -7.765  0.690   1.00 19.91 ? 78  MET A CG  1 
ATOM   425 S SD  . MET A 1 83  ? -5.937  -8.877  0.416   1.00 23.68 ? 78  MET A SD  1 
ATOM   426 C CE  . MET A 1 83  ? -6.608  -10.382 1.079   1.00 23.38 ? 78  MET A CE  1 
ATOM   427 N N   . GLN A 1 84  ? -7.353  -3.819  -1.554  1.00 21.45 ? 79  GLN A N   1 
ATOM   428 C CA  . GLN A 1 84  ? -6.886  -2.520  -2.016  1.00 22.79 ? 79  GLN A CA  1 
ATOM   429 C C   . GLN A 1 84  ? -7.859  -1.441  -1.654  1.00 21.56 ? 79  GLN A C   1 
ATOM   430 O O   . GLN A 1 84  ? -7.434  -0.330  -1.373  1.00 22.14 ? 79  GLN A O   1 
ATOM   431 C CB  . GLN A 1 84  ? -6.732  -2.484  -3.520  1.00 22.03 ? 79  GLN A CB  1 
ATOM   432 C CG  . GLN A 1 84  ? -5.473  -3.282  -4.008  1.00 29.87 ? 79  GLN A CG  1 
ATOM   433 C CD  . GLN A 1 84  ? -5.472  -3.400  -5.532  1.00 33.50 ? 79  GLN A CD  1 
ATOM   434 O OE1 . GLN A 1 84  ? -6.170  -4.252  -6.072  1.00 32.34 ? 79  GLN A OE1 1 
ATOM   435 N NE2 . GLN A 1 84  ? -4.752  -2.490  -6.231  1.00 34.47 ? 79  GLN A NE2 1 
ATOM   436 N N   . ASN A 1 85  ? -9.147  -1.761  -1.728  1.00 20.91 ? 80  ASN A N   1 
ATOM   437 C CA  . ASN A 1 85  ? -10.144 -0.739  -1.387  1.00 23.00 ? 80  ASN A CA  1 
ATOM   438 C C   . ASN A 1 85  ? -10.095 -0.408  0.105   1.00 21.90 ? 80  ASN A C   1 
ATOM   439 O O   . ASN A 1 85  ? -10.249 0.788   0.442   1.00 25.04 ? 80  ASN A O   1 
ATOM   440 C CB  . ASN A 1 85  ? -11.549 -1.166  -1.735  1.00 23.35 ? 80  ASN A CB  1 
ATOM   441 C CG  . ASN A 1 85  ? -12.459 0.015   -1.895  1.00 27.74 ? 80  ASN A CG  1 
ATOM   442 O OD1 . ASN A 1 85  ? -12.287 0.790   -2.799  1.00 27.83 ? 80  ASN A OD1 1 
ATOM   443 N ND2 . ASN A 1 85  ? -13.464 0.142   -1.017  1.00 25.94 ? 80  ASN A ND2 1 
ATOM   444 N N   . GLN A 1 86  ? -9.865  -1.409  0.967   1.00 21.68 ? 81  GLN A N   1 
ATOM   445 C CA  . GLN A 1 86  ? -9.668  -1.148  2.396   1.00 23.75 ? 81  GLN A CA  1 
ATOM   446 C C   . GLN A 1 86  ? -8.460  -0.236  2.546   1.00 23.82 ? 81  GLN A C   1 
ATOM   447 O O   . GLN A 1 86  ? -8.458  0.703   3.346   1.00 25.92 ? 81  GLN A O   1 
ATOM   448 C CB  . GLN A 1 86  ? -9.496  -2.417  3.231   1.00 25.32 ? 81  GLN A CB  1 
ATOM   449 C CG  . GLN A 1 86  ? -9.934  -2.289  4.698   1.00 32.59 ? 81  GLN A CG  1 
ATOM   450 C CD  . GLN A 1 86  ? -9.035  -1.480  5.484   1.00 39.96 ? 81  GLN A CD  1 
ATOM   451 O OE1 . GLN A 1 86  ? -9.464  -0.571  6.239   1.00 44.84 ? 81  GLN A OE1 1 
ATOM   452 N NE2 . GLN A 1 86  ? -7.749  -1.758  5.341   1.00 37.18 ? 81  GLN A NE2 1 
ATOM   453 N N   . LEU A 1 87  ? -7.444  -0.438  1.738   1.00 22.86 ? 82  LEU A N   1 
ATOM   454 C CA  . LEU A 1 87  ? -6.223  0.331   1.969   1.00 25.24 ? 82  LEU A CA  1 
ATOM   455 C C   . LEU A 1 87  ? -6.406  1.808   1.593   1.00 24.96 ? 82  LEU A C   1 
ATOM   456 O O   . LEU A 1 87  ? -5.634  2.649   2.056   1.00 27.78 ? 82  LEU A O   1 
ATOM   457 C CB  . LEU A 1 87  ? -5.070  -0.275  1.172   1.00 25.22 ? 82  LEU A CB  1 
ATOM   458 C CG  . LEU A 1 87  ? -4.586  -1.604  1.710   1.00 29.06 ? 82  LEU A CG  1 
ATOM   459 C CD1 . LEU A 1 87  ? -3.313  -1.950  0.955   1.00 32.22 ? 82  LEU A CD1 1 
ATOM   460 C CD2 . LEU A 1 87  ? -4.329  -1.446  3.213   1.00 30.75 ? 82  LEU A CD2 1 
ATOM   461 N N   . LYS A 1 88  ? -7.427  2.098   0.790   1.00 33.13 ? 83  LYS A N   1 
ATOM   462 C CA  . LYS A 1 88  ? -7.744  3.478   0.367   1.00 34.89 ? 83  LYS A CA  1 
ATOM   463 C C   . LYS A 1 88  ? -8.459  4.220   1.474   1.00 35.21 ? 83  LYS A C   1 
ATOM   464 O O   . LYS A 1 88  ? -8.630  5.448   1.395   1.00 37.50 ? 83  LYS A O   1 
ATOM   465 C CB  . LYS A 1 88  ? -8.720  3.451   -0.831  1.00 38.23 ? 83  LYS A CB  1 
ATOM   466 C CG  . LYS A 1 88  ? -8.153  2.944   -2.140  1.00 40.46 ? 83  LYS A CG  1 
ATOM   467 C CD  . LYS A 1 88  ? -9.290  2.903   -3.200  1.00 45.61 ? 83  LYS A CD  1 
ATOM   468 C CE  . LYS A 1 88  ? -9.236  1.642   -4.145  1.00 47.93 ? 83  LYS A CE  1 
ATOM   469 N NZ  . LYS A 1 88  ? -10.587 1.161   -4.688  1.00 40.52 ? 83  LYS A NZ  1 
ATOM   470 N N   . GLN A 1 89  ? -8.959  3.482   2.464   1.00 33.80 ? 84  GLN A N   1 
ATOM   471 C CA  . GLN A 1 89  ? -9.843  4.078   3.450   1.00 35.72 ? 84  GLN A CA  1 
ATOM   472 C C   . GLN A 1 89  ? -9.077  5.158   4.218   1.00 35.57 ? 84  GLN A C   1 
ATOM   473 O O   . GLN A 1 89  ? -7.890  5.013   4.427   1.00 30.87 ? 84  GLN A O   1 
ATOM   474 C CB  . GLN A 1 89  ? -10.480 3.029   4.390   1.00 37.29 ? 84  GLN A CB  1 
ATOM   475 C CG  . GLN A 1 89  ? -11.406 1.943   3.708   1.00 40.20 ? 84  GLN A CG  1 
ATOM   476 C CD  . GLN A 1 89  ? -12.585 2.494   2.914   1.00 50.24 ? 84  GLN A CD  1 
ATOM   477 O OE1 . GLN A 1 89  ? -13.342 3.331   3.420   1.00 55.33 ? 84  GLN A OE1 1 
ATOM   478 N NE2 . GLN A 1 89  ? -12.785 1.990   1.682   1.00 48.13 ? 84  GLN A NE2 1 
ATOM   479 N N   . GLU A 1 90  ? -9.743  6.258   4.596   1.00 38.75 ? 85  GLU A N   1 
ATOM   480 C CA  . GLU A 1 90  ? -9.054  7.363   5.327   1.00 42.10 ? 85  GLU A CA  1 
ATOM   481 C C   . GLU A 1 90  ? -8.271  6.928   6.560   1.00 40.19 ? 85  GLU A C   1 
ATOM   482 O O   . GLU A 1 90  ? -7.092  7.253   6.705   1.00 37.88 ? 85  GLU A O   1 
ATOM   483 C CB  . GLU A 1 90  ? -10.039 8.479   5.771   1.00 46.72 ? 85  GLU A CB  1 
ATOM   484 C CG  . GLU A 1 90  ? -10.125 9.684   4.866   1.00 56.20 ? 85  GLU A CG  1 
ATOM   485 C CD  . GLU A 1 90  ? -8.769  10.187  4.346   1.00 58.90 ? 85  GLU A CD  1 
ATOM   486 O OE1 . GLU A 1 90  ? -8.603  10.148  3.107   1.00 63.00 ? 85  GLU A OE1 1 
ATOM   487 O OE2 . GLU A 1 90  ? -7.898  10.633  5.134   1.00 57.36 ? 85  GLU A OE2 1 
ATOM   488 N N   . GLY A 1 91  ? -8.958  6.228   7.462   1.00 42.37 ? 86  GLY A N   1 
ATOM   489 C CA  . GLY A 1 91  ? -8.340  5.684   8.653   1.00 44.01 ? 86  GLY A CA  1 
ATOM   490 C C   . GLY A 1 91  ? -7.058  4.921   8.360   1.00 41.25 ? 86  GLY A C   1 
ATOM   491 O O   . GLY A 1 91  ? -6.066  5.094   9.041   1.00 40.61 ? 86  GLY A O   1 
ATOM   492 N N   . THR A 1 92  ? -7.081  4.058   7.345   1.00 39.94 ? 87  THR A N   1 
ATOM   493 C CA  . THR A 1 92  ? -5.935  3.222   7.060   1.00 38.25 ? 87  THR A CA  1 
ATOM   494 C C   . THR A 1 92  ? -4.744  4.057   6.546   1.00 36.01 ? 87  THR A C   1 
ATOM   495 O O   . THR A 1 92  ? -3.630  3.924   7.043   1.00 35.27 ? 87  THR A O   1 
ATOM   496 C CB  . THR A 1 92  ? -6.318  2.129   6.078   1.00 38.89 ? 87  THR A CB  1 
ATOM   497 O OG1 . THR A 1 92  ? -7.310  1.304   6.693   1.00 41.74 ? 87  THR A OG1 1 
ATOM   498 C CG2 . THR A 1 92  ? -5.075  1.299   5.644   1.00 33.49 ? 87  THR A CG2 1 
ATOM   499 N N   . LYS A 1 93  ? -5.012  4.908   5.559   1.00 36.63 ? 88  LYS A N   1 
ATOM   500 C CA  . LYS A 1 93  ? -4.050  5.863   5.031   1.00 36.73 ? 88  LYS A CA  1 
ATOM   501 C C   . LYS A 1 93  ? -3.451  6.679   6.154   1.00 36.35 ? 88  LYS A C   1 
ATOM   502 O O   . LYS A 1 93  ? -2.234  6.785   6.243   1.00 35.48 ? 88  LYS A O   1 
ATOM   503 C CB  . LYS A 1 93  ? -4.729  6.793   4.012   1.00 39.18 ? 88  LYS A CB  1 
ATOM   504 C CG  . LYS A 1 93  ? -3.887  8.030   3.644   1.00 43.31 ? 88  LYS A CG  1 
ATOM   505 C CD  . LYS A 1 93  ? -4.775  9.212   3.148   1.00 54.12 ? 88  LYS A CD  1 
ATOM   506 C CE  . LYS A 1 93  ? -5.854  8.731   2.161   1.00 56.61 ? 88  LYS A CE  1 
ATOM   507 N NZ  . LYS A 1 93  ? -6.136  9.723   1.100   1.00 61.22 ? 88  LYS A NZ  1 
ATOM   508 N N   . GLU A 1 94  ? -4.294  7.237   7.026   1.00 37.59 ? 89  GLU A N   1 
ATOM   509 C CA  . GLU A 1 94  ? -3.799  8.164   8.052   1.00 39.38 ? 89  GLU A CA  1 
ATOM   510 C C   . GLU A 1 94  ? -2.925  7.394   9.068   1.00 37.70 ? 89  GLU A C   1 
ATOM   511 O O   . GLU A 1 94  ? -1.917  7.914   9.561   1.00 37.11 ? 89  GLU A O   1 
ATOM   512 C CB  . GLU A 1 94  ? -4.946  8.891   8.758   1.00 43.59 ? 89  GLU A CB  1 
ATOM   513 C CG  . GLU A 1 94  ? -5.845  9.785   7.830   1.00 49.77 ? 89  GLU A CG  1 
ATOM   514 C CD  . GLU A 1 94  ? -7.143  10.289  8.538   1.00 60.16 ? 89  GLU A CD  1 
ATOM   515 O OE1 . GLU A 1 94  ? -7.236  10.193  9.782   1.00 61.92 ? 89  GLU A OE1 1 
ATOM   516 O OE2 . GLU A 1 94  ? -8.094  10.762  7.859   1.00 64.81 ? 89  GLU A OE2 1 
ATOM   517 N N   . LYS A 1 95  ? -3.314  6.153   9.362   1.00 36.24 ? 90  LYS A N   1 
ATOM   518 C CA  . LYS A 1 95  ? -2.567  5.304   10.299  1.00 36.28 ? 90  LYS A CA  1 
ATOM   519 C C   . LYS A 1 95  ? -1.190  5.025   9.682   1.00 32.78 ? 90  LYS A C   1 
ATOM   520 O O   . LYS A 1 95  ? -0.162  5.051   10.358  1.00 31.36 ? 90  LYS A O   1 
ATOM   521 C CB  . LYS A 1 95  ? -3.337  3.983   10.472  1.00 38.54 ? 90  LYS A CB  1 
ATOM   522 C CG  . LYS A 1 95  ? -2.745  2.956   11.429  1.00 43.05 ? 90  LYS A CG  1 
ATOM   523 C CD  . LYS A 1 95  ? -3.900  2.070   11.931  1.00 50.12 ? 90  LYS A CD  1 
ATOM   524 C CE  . LYS A 1 95  ? -3.429  0.695   12.334  1.00 56.64 ? 90  LYS A CE  1 
ATOM   525 N NZ  . LYS A 1 95  ? -2.579  0.770   13.563  1.00 61.10 ? 90  LYS A NZ  1 
ATOM   526 N N   . VAL A 1 96  ? -1.167  4.764   8.385   1.00 29.98 ? 91  VAL A N   1 
ATOM   527 C CA  . VAL A 1 96  ? 0.073   4.386   7.769   1.00 28.75 ? 91  VAL A CA  1 
ATOM   528 C C   . VAL A 1 96  ? 0.989   5.596   7.718   1.00 27.45 ? 91  VAL A C   1 
ATOM   529 O O   . VAL A 1 96  ? 2.157   5.478   8.057   1.00 27.56 ? 91  VAL A O   1 
ATOM   530 C CB  . VAL A 1 96  ? -0.124  3.879   6.356   1.00 28.75 ? 91  VAL A CB  1 
ATOM   531 C CG1 . VAL A 1 96  ? 1.244   3.698   5.659   1.00 32.90 ? 91  VAL A CG1 1 
ATOM   532 C CG2 . VAL A 1 96  ? -0.815  2.527   6.401   1.00 32.42 ? 91  VAL A CG2 1 
ATOM   533 N N   . LEU A 1 97  ? 0.474   6.740   7.278   1.00 28.03 ? 92  LEU A N   1 
ATOM   534 C CA  . LEU A 1 97  ? 1.296   7.970   7.239   1.00 29.71 ? 92  LEU A CA  1 
ATOM   535 C C   . LEU A 1 97  ? 1.819   8.398   8.610   1.00 30.37 ? 92  LEU A C   1 
ATOM   536 O O   . LEU A 1 97  ? 2.971   8.809   8.727   1.00 31.10 ? 92  LEU A O   1 
ATOM   537 C CB  . LEU A 1 97  ? 0.597   9.092   6.506   1.00 32.52 ? 92  LEU A CB  1 
ATOM   538 C CG  . LEU A 1 97  ? 0.232   8.749   5.053   1.00 33.71 ? 92  LEU A CG  1 
ATOM   539 C CD1 . LEU A 1 97  ? -0.422  9.947   4.371   1.00 38.62 ? 92  LEU A CD1 1 
ATOM   540 C CD2 . LEU A 1 97  ? 1.456   8.309   4.285   1.00 33.36 ? 92  LEU A CD2 1 
ATOM   541 N N   . GLU A 1 98  ? 0.986   8.284   9.639   1.00 30.81 ? 93  GLU A N   1 
ATOM   542 C CA  . GLU A 1 98  ? 1.386   8.601   10.986  1.00 32.02 ? 93  GLU A CA  1 
ATOM   543 C C   . GLU A 1 98  ? 2.480   7.618   11.445  1.00 29.98 ? 93  GLU A C   1 
ATOM   544 O O   . GLU A 1 98  ? 3.467   8.026   12.003  1.00 29.97 ? 93  GLU A O   1 
ATOM   545 C CB  . GLU A 1 98  ? 0.175   8.612   11.938  1.00 35.74 ? 93  GLU A CB  1 
ATOM   546 C CG  . GLU A 1 98  ? 0.485   8.990   13.367  1.00 45.33 ? 93  GLU A CG  1 
ATOM   547 C CD  . GLU A 1 98  ? 1.328   10.234  13.449  1.00 54.37 ? 93  GLU A CD  1 
ATOM   548 O OE1 . GLU A 1 98  ? 2.311   10.222  14.220  1.00 59.20 ? 93  GLU A OE1 1 
ATOM   549 O OE2 . GLU A 1 98  ? 1.025   11.208  12.719  1.00 59.59 ? 93  GLU A OE2 1 
ATOM   550 N N   . TYR A 1 99  ? 2.290   6.330   11.198  1.00 27.60 ? 94  TYR A N   1 
ATOM   551 C CA  . TYR A 1 99  ? 3.357   5.342   11.501  1.00 27.53 ? 94  TYR A CA  1 
ATOM   552 C C   . TYR A 1 99  ? 4.710   5.725   10.883  1.00 25.01 ? 94  TYR A C   1 
ATOM   553 O O   . TYR A 1 99  ? 5.762   5.692   11.553  1.00 25.09 ? 94  TYR A O   1 
ATOM   554 C CB  . TYR A 1 99  ? 2.931   3.977   10.931  1.00 26.99 ? 94  TYR A CB  1 
ATOM   555 C CG  . TYR A 1 99  ? 3.912   2.875   11.178  1.00 28.81 ? 94  TYR A CG  1 
ATOM   556 C CD1 . TYR A 1 99  ? 4.818   2.511   10.201  1.00 23.78 ? 94  TYR A CD1 1 
ATOM   557 C CD2 . TYR A 1 99  ? 3.931   2.200   12.409  1.00 31.15 ? 94  TYR A CD2 1 
ATOM   558 C CE1 . TYR A 1 99  ? 5.697   1.475   10.400  1.00 28.57 ? 94  TYR A CE1 1 
ATOM   559 C CE2 . TYR A 1 99  ? 4.802   1.170   12.638  1.00 31.48 ? 94  TYR A CE2 1 
ATOM   560 C CZ  . TYR A 1 99  ? 5.706   0.818   11.625  1.00 32.03 ? 94  TYR A CZ  1 
ATOM   561 O OH  . TYR A 1 99  ? 6.595   -0.188  11.851  1.00 31.48 ? 94  TYR A OH  1 
ATOM   562 N N   . VAL A 1 100 ? 4.697   6.041   9.598   1.00 23.06 ? 95  VAL A N   1 
ATOM   563 C CA  . VAL A 1 100 ? 5.920   6.418   8.873   1.00 22.71 ? 95  VAL A CA  1 
ATOM   564 C C   . VAL A 1 100 ? 6.491   7.706   9.463   1.00 24.41 ? 95  VAL A C   1 
ATOM   565 O O   . VAL A 1 100 ? 7.707   7.817   9.684   1.00 24.50 ? 95  VAL A O   1 
ATOM   566 C CB  . VAL A 1 100 ? 5.637   6.641   7.404   1.00 22.83 ? 95  VAL A CB  1 
ATOM   567 C CG1 . VAL A 1 100 ? 6.891   7.193   6.681   1.00 23.17 ? 95  VAL A CG1 1 
ATOM   568 C CG2 . VAL A 1 100 ? 5.120   5.315   6.795   1.00 23.49 ? 95  VAL A CG2 1 
ATOM   569 N N   . ASN A 1 101 ? 5.607   8.670   9.706   1.00 25.00 ? 96  ASN A N   1 
ATOM   570 C CA  . ASN A 1 101 ? 6.068   9.912   10.241  1.00 28.55 ? 96  ASN A CA  1 
ATOM   571 C C   . ASN A 1 101 ? 6.762   9.717   11.609  1.00 29.91 ? 96  ASN A C   1 
ATOM   572 O O   . ASN A 1 101 ? 7.784   10.343  11.877  1.00 29.35 ? 96  ASN A O   1 
ATOM   573 C CB  . ASN A 1 101 ? 4.871   10.860  10.403  1.00 30.92 ? 96  ASN A CB  1 
ATOM   574 C CG  . ASN A 1 101 ? 5.306   12.287  10.504  1.00 36.62 ? 96  ASN A CG  1 
ATOM   575 O OD1 . ASN A 1 101 ? 6.099   12.753  9.673   1.00 40.73 ? 96  ASN A OD1 1 
ATOM   576 N ND2 . ASN A 1 101 ? 4.817   13.002  11.525  1.00 37.80 ? 96  ASN A ND2 1 
ATOM   577 N N   . GLN A 1 102 ? 6.168   8.888   12.488  1.00 30.75 ? 97  GLN A N   1 
ATOM   578 C CA  . GLN A 1 102 ? 6.773   8.645   13.787  1.00 33.55 ? 97  GLN A CA  1 
ATOM   579 C C   . GLN A 1 102 ? 8.173   8.029   13.596  1.00 31.44 ? 97  GLN A C   1 
ATOM   580 O O   . GLN A 1 102 ? 9.061   8.298   14.364  1.00 33.39 ? 97  GLN A O   1 
ATOM   581 C CB  . GLN A 1 102 ? 5.900   7.716   14.643  1.00 35.37 ? 97  GLN A CB  1 
ATOM   582 C CG  . GLN A 1 102 ? 4.553   8.343   15.070  1.00 44.16 ? 97  GLN A CG  1 
ATOM   583 C CD  . GLN A 1 102 ? 4.633   9.361   16.216  1.00 58.15 ? 97  GLN A CD  1 
ATOM   584 O OE1 . GLN A 1 102 ? 5.596   10.138  16.343  1.00 58.60 ? 97  GLN A OE1 1 
ATOM   585 N NE2 . GLN A 1 102 ? 3.574   9.372   17.070  1.00 66.81 ? 97  GLN A NE2 1 
ATOM   586 N N   . LEU A 1 103 ? 8.347   7.183   12.584  1.00 29.19 ? 98  LEU A N   1 
ATOM   587 C CA  . LEU A 1 103 ? 9.669   6.624   12.244  1.00 28.95 ? 98  LEU A CA  1 
ATOM   588 C C   . LEU A 1 103 ? 10.646  7.667   11.676  1.00 29.70 ? 98  LEU A C   1 
ATOM   589 O O   . LEU A 1 103 ? 11.827  7.651   12.040  1.00 30.10 ? 98  LEU A O   1 
ATOM   590 C CB  . LEU A 1 103 ? 9.527   5.411   11.312  1.00 27.45 ? 98  LEU A CB  1 
ATOM   591 C CG  . LEU A 1 103 ? 9.047   4.188   12.074  1.00 28.95 ? 98  LEU A CG  1 
ATOM   592 C CD1 . LEU A 1 103 ? 8.392   3.213   11.070  1.00 28.33 ? 98  LEU A CD1 1 
ATOM   593 C CD2 . LEU A 1 103 ? 10.215  3.496   12.820  1.00 29.28 ? 98  LEU A CD2 1 
ATOM   594 N N   . CYS A 1 104 ? 10.166  8.591   10.828  1.00 29.93 ? 99  CYS A N   1 
ATOM   595 C CA  . CYS A 1 104 ? 11.007  9.695   10.373  1.00 31.85 ? 99  CYS A CA  1 
ATOM   596 C C   . CYS A 1 104 ? 11.622  10.381  11.577  1.00 33.69 ? 99  CYS A C   1 
ATOM   597 O O   . CYS A 1 104 ? 12.802  10.753  11.539  1.00 34.45 ? 99  CYS A O   1 
ATOM   598 C CB  . CYS A 1 104 ? 10.203  10.785  9.655   1.00 33.68 ? 99  CYS A CB  1 
ATOM   599 S SG  . CYS A 1 104 ? 9.456   10.200  8.189   1.00 34.43 ? 99  CYS A SG  1 
ATOM   600 N N   . GLU A 1 105 ? 10.807  10.587  12.615  1.00 34.84 ? 100 GLU A N   1 
ATOM   601 C CA  . GLU A 1 105 ? 11.231  11.310  13.827  1.00 38.65 ? 100 GLU A CA  1 
ATOM   602 C C   . GLU A 1 105 ? 12.251  10.531  14.633  1.00 39.07 ? 100 GLU A C   1 
ATOM   603 O O   . GLU A 1 105 ? 12.890  11.082  15.511  1.00 40.99 ? 100 GLU A O   1 
ATOM   604 C CB  . GLU A 1 105 ? 10.027  11.662  14.709  1.00 41.32 ? 100 GLU A CB  1 
ATOM   605 C CG  . GLU A 1 105 ? 9.068   12.616  13.994  1.00 47.72 ? 100 GLU A CG  1 
ATOM   606 C CD  . GLU A 1 105 ? 7.759   12.852  14.730  1.00 59.25 ? 100 GLU A CD  1 
ATOM   607 O OE1 . GLU A 1 105 ? 6.955   13.694  14.241  1.00 63.29 ? 100 GLU A OE1 1 
ATOM   608 O OE2 . GLU A 1 105 ? 7.532   12.215  15.801  1.00 63.92 ? 100 GLU A OE2 1 
ATOM   609 N N   . LYS A 1 106 ? 12.413  9.250   14.320  1.00 36.12 ? 101 LYS A N   1 
ATOM   610 C CA  . LYS A 1 106 ? 13.404  8.414   14.961  1.00 36.61 ? 101 LYS A CA  1 
ATOM   611 C C   . LYS A 1 106 ? 14.742  8.335   14.213  1.00 36.50 ? 101 LYS A C   1 
ATOM   612 O O   . LYS A 1 106 ? 15.667  7.646   14.657  1.00 35.78 ? 101 LYS A O   1 
ATOM   613 C CB  . LYS A 1 106 ? 12.796  7.039   15.241  1.00 35.64 ? 101 LYS A CB  1 
ATOM   614 C CG  . LYS A 1 106 ? 11.753  7.127   16.354  1.00 39.18 ? 101 LYS A CG  1 
ATOM   615 C CD  . LYS A 1 106 ? 11.199  5.772   16.697  1.00 45.23 ? 101 LYS A CD  1 
ATOM   616 C CE  . LYS A 1 106 ? 10.341  5.882   17.944  1.00 49.71 ? 101 LYS A CE  1 
ATOM   617 N NZ  . LYS A 1 106 ? 9.049   6.585   17.584  1.00 52.65 ? 101 LYS A NZ  1 
ATOM   618 N N   . ILE A 1 107 ? 14.808  8.991   13.049  1.00 34.81 ? 102 ILE A N   1 
ATOM   619 C CA  . ILE A 1 107 ? 16.019  9.035   12.259  1.00 35.61 ? 102 ILE A CA  1 
ATOM   620 C C   . ILE A 1 107 ? 16.964  10.055  12.903  1.00 38.76 ? 102 ILE A C   1 
ATOM   621 O O   . ILE A 1 107 ? 16.612  11.213  13.024  1.00 39.83 ? 102 ILE A O   1 
ATOM   622 C CB  . ILE A 1 107 ? 15.743  9.444   10.772  1.00 35.95 ? 102 ILE A CB  1 
ATOM   623 C CG1 . ILE A 1 107 ? 14.791  8.436   10.119  1.00 31.86 ? 102 ILE A CG1 1 
ATOM   624 C CG2 . ILE A 1 107 ? 17.097  9.491   9.955   1.00 37.80 ? 102 ILE A CG2 1 
ATOM   625 C CD1 . ILE A 1 107 ? 14.276  8.911   8.767   1.00 33.85 ? 102 ILE A CD1 1 
ATOM   626 N N   . PRO A 1 108 ? 18.142  9.615   13.342  1.00 40.31 ? 103 PRO A N   1 
ATOM   627 C CA  . PRO A 1 108 ? 19.093  10.580  13.934  1.00 44.36 ? 103 PRO A CA  1 
ATOM   628 C C   . PRO A 1 108 ? 19.918  11.320  12.864  1.00 46.99 ? 103 PRO A C   1 
ATOM   629 O O   . PRO A 1 108 ? 20.780  12.166  13.119  1.00 52.02 ? 103 PRO A O   1 
ATOM   630 C CB  . PRO A 1 108 ? 19.990  9.705   14.811  1.00 45.21 ? 103 PRO A CB  1 
ATOM   631 C CG  . PRO A 1 108 ? 19.743  8.283   14.390  1.00 42.14 ? 103 PRO A CG  1 
ATOM   632 C CD  . PRO A 1 108 ? 18.595  8.213   13.445  1.00 40.37 ? 103 PRO A CD  1 
ATOM   633 O OXT . PRO A 1 108 ? 19.759  11.106  11.667  1.00 48.19 ? 103 PRO A OXT 1 
HETATM 634 O O   . HOH B 2 .   ? -6.384  2.068   -5.943  1.00 27.00 ? 104 HOH A O   1 
HETATM 635 O O   . HOH B 2 .   ? 8.661   16.246  -6.769  1.00 9.94  ? 105 HOH A O   1 
HETATM 636 O O   . HOH B 2 .   ? 0.935   13.555  -1.470  1.00 14.53 ? 106 HOH A O   1 
HETATM 637 O O   . HOH B 2 .   ? -3.925  17.994  6.357   1.00 66.34 ? 107 HOH A O   1 
HETATM 638 O O   . HOH B 2 .   ? -9.743  -1.687  -5.195  1.00 13.52 ? 108 HOH A O   1 
HETATM 639 O O   . HOH B 2 .   ? -0.038  5.087   13.030  1.00 15.28 ? 109 HOH A O   1 
HETATM 640 O O   . HOH B 2 .   ? 1.127   7.909   16.305  1.00 28.94 ? 110 HOH A O   1 
HETATM 641 O O   . HOH B 2 .   ? 0.700   2.345   -9.130  1.00 38.15 ? 111 HOH A O   1 
HETATM 642 O O   . HOH B 2 .   ? 6.642   -8.200  -10.981 1.00 51.91 ? 112 HOH A O   1 
HETATM 643 O O   . HOH B 2 .   ? 4.664   9.706   20.019  1.00 30.18 ? 113 HOH A O   1 
HETATM 644 O O   . HOH B 2 .   ? -6.084  9.882   -2.192  1.00 33.73 ? 114 HOH A O   1 
HETATM 645 O O   . HOH B 2 .   ? 0.303   2.077   13.665  1.00 31.88 ? 115 HOH A O   1 
HETATM 646 O O   . HOH B 2 .   ? 7.416   1.489   14.950  1.00 29.32 ? 116 HOH A O   1 
HETATM 647 O O   . HOH B 2 .   ? 9.457   2.936   16.684  1.00 23.11 ? 117 HOH A O   1 
HETATM 648 O O   . HOH B 2 .   ? 10.008  18.517  -3.076  1.00 16.72 ? 118 HOH A O   1 
HETATM 649 O O   . HOH B 2 .   ? 5.970   14.810  7.930   1.00 13.38 ? 119 HOH A O   1 
HETATM 650 O O   . HOH B 2 .   ? 6.981   -0.917  14.430  1.00 17.82 ? 120 HOH A O   1 
HETATM 651 O O   . HOH B 2 .   ? -9.851  -22.619 -8.124  1.00 22.64 ? 121 HOH A O   1 
HETATM 652 O O   . HOH B 2 .   ? -4.811  -7.937  -11.694 1.00 18.63 ? 122 HOH A O   1 
HETATM 653 O O   . HOH B 2 .   ? -7.177  -21.533 -8.296  1.00 21.50 ? 123 HOH A O   1 
HETATM 654 O O   . HOH B 2 .   ? 0.996   -18.422 -11.834 1.00 28.14 ? 124 HOH A O   1 
HETATM 655 O O   . HOH B 2 .   ? -12.399 -11.370 -9.700  1.00 30.45 ? 125 HOH A O   1 
HETATM 656 O O   . HOH B 2 .   ? -5.682  6.551   11.536  1.00 33.76 ? 126 HOH A O   1 
HETATM 657 O O   . HOH B 2 .   ? -1.631  -7.247  -13.776 1.00 29.70 ? 127 HOH A O   1 
HETATM 658 O O   . HOH B 2 .   ? 2.399   -4.453  -6.145  0.50 16.12 ? 128 HOH A O   1 
HETATM 659 O O   . HOH B 2 .   ? 1.023   -6.518  -6.833  1.00 24.64 ? 129 HOH A O   1 
HETATM 660 O O   . HOH B 2 .   ? 8.569   9.325   16.710  1.00 23.69 ? 130 HOH A O   1 
HETATM 661 O O   . HOH B 2 .   ? -4.849  4.362   -4.800  1.00 20.78 ? 131 HOH A O   1 
HETATM 662 O O   . HOH B 2 .   ? 3.551   20.084  -0.883  1.00 28.88 ? 132 HOH A O   1 
HETATM 663 O O   . HOH B 2 .   ? -6.556  -19.766 -12.738 1.00 23.60 ? 133 HOH A O   1 
HETATM 664 O O   . HOH B 2 .   ? -5.712  -18.041 -13.859 1.00 27.31 ? 134 HOH A O   1 
HETATM 665 O O   . HOH B 2 .   ? 6.131   4.423   13.914  1.00 18.34 ? 135 HOH A O   1 
HETATM 666 O O   . HOH B 2 .   ? 18.623  12.959  10.018  1.00 15.10 ? 136 HOH A O   1 
HETATM 667 O O   . HOH B 2 .   ? 2.201   -1.577  -5.142  1.00 36.40 ? 137 HOH A O   1 
HETATM 668 O O   . HOH B 2 .   ? -10.277 -20.281 -21.932 1.00 29.10 ? 138 HOH A O   1 
HETATM 669 O O   . HOH B 2 .   ? 2.235   14.726  -3.492  1.00 22.02 ? 139 HOH A O   1 
HETATM 670 O O   . HOH B 2 .   ? -9.400  -14.446 -13.515 1.00 32.41 ? 140 HOH A O   1 
HETATM 671 O O   . HOH B 2 .   ? -1.169  13.490  4.580   1.00 41.68 ? 141 HOH A O   1 
HETATM 672 O O   . HOH B 2 .   ? 0.884   13.809  1.686   1.00 34.36 ? 142 HOH A O   1 
HETATM 673 O O   . HOH B 2 .   ? -1.376  -1.896  -11.297 1.00 37.28 ? 143 HOH A O   1 
HETATM 674 O O   . HOH B 2 .   ? 3.753   -15.386 -9.773  1.00 30.75 ? 144 HOH A O   1 
HETATM 675 O O   . HOH B 2 .   ? -1.624  9.475   -6.252  1.00 34.08 ? 145 HOH A O   1 
HETATM 676 O O   . HOH B 2 .   ? 7.982   5.217   15.553  1.00 27.65 ? 146 HOH A O   1 
HETATM 677 O O   . HOH B 2 .   ? -5.201  15.270  1.549   1.00 36.21 ? 147 HOH A O   1 
HETATM 678 O O   . HOH B 2 .   ? 10.538  18.153  6.444   1.00 26.48 ? 148 HOH A O   1 
HETATM 679 O O   . HOH B 2 .   ? 5.677   15.546  11.969  1.00 26.09 ? 149 HOH A O   1 
HETATM 680 O O   . HOH B 2 .   ? -6.898  -3.877  -8.522  1.00 30.40 ? 150 HOH A O   1 
HETATM 681 O O   . HOH B 2 .   ? -6.219  -2.061  7.521   1.00 22.74 ? 151 HOH A O   1 
HETATM 682 O O   . HOH B 2 .   ? 0.678   17.003  4.567   1.00 38.47 ? 152 HOH A O   1 
HETATM 683 O O   . HOH B 2 .   ? -5.387  -0.012  9.237   0.50 16.00 ? 153 HOH A O   1 
HETATM 684 O O   . HOH B 2 .   ? 16.996  8.819   3.030   1.00 24.78 ? 154 HOH A O   1 
HETATM 685 O O   . HOH B 2 .   ? -14.303 -18.169 -12.087 1.00 29.24 ? 155 HOH A O   1 
HETATM 686 O O   . HOH B 2 .   ? -14.994 -17.679 -7.786  1.00 23.31 ? 156 HOH A O   1 
HETATM 687 O O   . HOH B 2 .   ? -2.620  5.946   -7.878  1.00 36.58 ? 157 HOH A O   1 
HETATM 688 O O   . HOH B 2 .   ? -7.905  -5.046  -10.640 1.00 27.47 ? 158 HOH A O   1 
HETATM 689 O O   . HOH B 2 .   ? -5.505  0.105   -9.270  1.00 26.72 ? 159 HOH A O   1 
HETATM 690 O O   . HOH B 2 .   ? 2.246   -2.489  -10.115 1.00 35.85 ? 160 HOH A O   1 
HETATM 691 O O   . HOH B 2 .   ? -4.632  13.990  8.779   1.00 59.95 ? 161 HOH A O   1 
HETATM 692 O O   . HOH B 2 .   ? 2.471   -8.579  -6.052  1.00 27.71 ? 162 HOH A O   1 
HETATM 693 O O   . HOH B 2 .   ? 13.614  17.934  3.128   1.00 32.74 ? 163 HOH A O   1 
HETATM 694 O O   . HOH B 2 .   ? -9.809  -7.777  -10.418 1.00 49.77 ? 164 HOH A O   1 
HETATM 695 O O   . HOH B 2 .   ? 6.535   17.593  14.693  0.50 32.07 ? 167 HOH A O   1 
HETATM 696 O O   . HOH B 2 .   ? 2.807   2.083   -7.412  1.00 35.03 ? 169 HOH A O   1 
# 
loop_
_atom_site_anisotrop.id 
_atom_site_anisotrop.type_symbol 
_atom_site_anisotrop.pdbx_label_atom_id 
_atom_site_anisotrop.pdbx_label_alt_id 
_atom_site_anisotrop.pdbx_label_comp_id 
_atom_site_anisotrop.pdbx_label_asym_id 
_atom_site_anisotrop.pdbx_label_seq_id 
_atom_site_anisotrop.pdbx_PDB_ins_code 
_atom_site_anisotrop.U[1][1] 
_atom_site_anisotrop.U[2][2] 
_atom_site_anisotrop.U[3][3] 
_atom_site_anisotrop.U[1][2] 
_atom_site_anisotrop.U[1][3] 
_atom_site_anisotrop.U[2][3] 
_atom_site_anisotrop.pdbx_auth_seq_id 
_atom_site_anisotrop.pdbx_auth_comp_id 
_atom_site_anisotrop.pdbx_auth_asym_id 
_atom_site_anisotrop.pdbx_auth_atom_id 
1   N N   . ALA A 5   ? 1.0181 0.8702 0.9500 -0.2102 -0.3547 0.0447  0   ALA A N   
2   C CA  . ALA A 5   ? 1.0172 0.8313 0.9096 -0.2211 -0.3139 0.0258  0   ALA A CA  
3   C C   . ALA A 5   ? 0.9257 0.7735 0.8757 -0.1955 -0.2641 0.0244  0   ALA A C   
4   O O   . ALA A 5   ? 0.9209 0.7345 0.8274 -0.1771 -0.2275 0.0186  0   ALA A O   
5   C CB  . ALA A 5   ? 1.0637 0.8762 0.9642 -0.2606 -0.3398 0.0178  0   ALA A CB  
6   N N   . ILE A 6   ? 0.8590 0.7756 0.9067 -0.1961 -0.2634 0.0292  1   ILE A N   
7   C CA  . ILE A 6   ? 0.7708 0.7175 0.8661 -0.1802 -0.2188 0.0280  1   ILE A CA  
8   C C   . ILE A 6   ? 0.6942 0.6465 0.7909 -0.1439 -0.1935 0.0333  1   ILE A C   
9   O O   . ILE A 6   ? 0.6631 0.5888 0.7289 -0.1319 -0.1582 0.0293  1   ILE A O   
10  C CB  . ILE A 6   ? 0.7566 0.7796 0.9545 -0.1956 -0.2205 0.0291  1   ILE A CB  
11  C CG1 . ILE A 6   ? 0.7364 0.7605 0.9433 -0.2017 -0.1763 0.0250  1   ILE A CG1 
12  C CG2 . ILE A 6   ? 0.7236 0.8210 1.0144 -0.1745 -0.2385 0.0366  1   ILE A CG2 
13  C CD1 . ILE A 6   ? 0.6968 0.7632 0.9517 -0.1762 -0.1440 0.0274  1   ILE A CD1 
14  N N   . VAL A 7   ? 0.6461 0.6296 0.7790 -0.1271 -0.2146 0.0428  2   VAL A N   
15  C CA  . VAL A 7   ? 0.5825 0.5693 0.7192 -0.0967 -0.1923 0.0477  2   VAL A CA  
16  C C   . VAL A 7   ? 0.5980 0.5202 0.6400 -0.0921 -0.1786 0.0460  2   VAL A C   
17  O O   . VAL A 7   ? 0.5553 0.4699 0.5863 -0.0765 -0.1456 0.0438  2   VAL A O   
18  C CB  . VAL A 7   ? 0.5730 0.5991 0.7719 -0.0777 -0.2197 0.0584  2   VAL A CB  
19  C CG1 . VAL A 7   ? 0.5464 0.5545 0.7255 -0.0513 -0.2009 0.0635  2   VAL A CG1 
20  C CG2 . VAL A 7   ? 0.5309 0.6310 0.8382 -0.0750 -0.2130 0.0534  2   VAL A CG2 
21  N N   . SER A 8   ? 0.6523 0.5296 0.6260 -0.1084 -0.2036 0.0454  3   SER A N   
22  C CA  . SER A 8   ? 0.6825 0.5025 0.5681 -0.1074 -0.1840 0.0392  3   SER A CA  
23  C C   . SER A 8   ? 0.6588 0.4613 0.5318 -0.1031 -0.1426 0.0242  3   SER A C   
24  O O   . SER A 8   ? 0.6224 0.4169 0.4823 -0.0862 -0.1113 0.0212  3   SER A O   
25  C CB  . SER A 8   ? 0.7823 0.5532 0.5894 -0.1327 -0.2156 0.0367  3   SER A CB  
26  O OG  . SER A 8   ? 0.8708 0.5909 0.5948 -0.1323 -0.1893 0.0279  3   SER A OG  
27  N N   . MET A 9   ? 0.6650 0.4618 0.5472 -0.1194 -0.1458 0.0163  4   MET A N   
28  C CA  . MET A 9   ? 0.6633 0.4382 0.5394 -0.1151 -0.1150 0.0058  4   MET A CA  
29  C C   . MET A 9   ? 0.5805 0.3906 0.5059 -0.0933 -0.0886 0.0130  4   MET A C   
30  O O   . MET A 9   ? 0.5795 0.3691 0.4884 -0.0781 -0.0629 0.0076  4   MET A O   
31  C CB  . MET A 9   ? 0.6758 0.4432 0.5649 -0.1400 -0.1272 0.0018  4   MET A CB  
32  C CG  . MET A 9   ? 0.8377 0.5474 0.6617 -0.1636 -0.1441 -0.0121 4   MET A CG  
33  S SD  . MET A 9   ? 0.9823 0.6877 0.8305 -0.1988 -0.1603 -0.0140 4   MET A SD  
34  C CE  . MET A 9   ? 1.0585 0.7412 0.8622 -0.2345 -0.2073 -0.0202 4   MET A CE  
35  N N   . GLU A 10  ? 0.5241 0.3875 0.5122 -0.0924 -0.0953 0.0233  5   GLU A N   
36  C CA  . GLU A 10  ? 0.4818 0.3771 0.5101 -0.0761 -0.0714 0.0287  5   GLU A CA  
37  C C   . GLU A 10  ? 0.4655 0.3569 0.4769 -0.0541 -0.0584 0.0311  5   GLU A C   
38  O O   . GLU A 10  ? 0.4451 0.3373 0.4596 -0.0421 -0.0362 0.0314  5   GLU A O   
39  C CB  . GLU A 10  ? 0.4558 0.4092 0.5548 -0.0802 -0.0775 0.0339  5   GLU A CB  
40  C CG  . GLU A 10  ? 0.5148 0.4822 0.6399 -0.1053 -0.0773 0.0316  5   GLU A CG  
41  C CD  A GLU A 10  ? 0.5508 0.5010 0.6617 -0.1089 -0.0502 0.0326  5   GLU A CD  
42  C CD  B GLU A 10  ? 0.5377 0.5679 0.7384 -0.1137 -0.0874 0.0320  5   GLU A CD  
43  O OE1 A GLU A 10  ? 0.6126 0.5110 0.6755 -0.1134 -0.0496 0.0306  5   GLU A OE1 
44  O OE1 B GLU A 10  ? 0.5443 0.6059 0.7824 -0.0950 -0.0964 0.0342  5   GLU A OE1 
45  O OE2 A GLU A 10  ? 0.5277 0.5113 0.6719 -0.1074 -0.0309 0.0349  5   GLU A OE2 
46  O OE2 B GLU A 10  ? 0.5952 0.6435 0.8221 -0.1402 -0.0864 0.0295  5   GLU A OE2 
47  N N   . CYS A 11  ? 0.4727 0.3576 0.4640 -0.0523 -0.0754 0.0344  6   CYS A N   
48  C CA  . CYS A 11  ? 0.4774 0.3497 0.4406 -0.0392 -0.0635 0.0368  6   CYS A CA  
49  C C   . CYS A 11  ? 0.4929 0.3324 0.4122 -0.0367 -0.0392 0.0256  6   CYS A C   
50  O O   . CYS A 11  ? 0.4679 0.3156 0.3956 -0.0239 -0.0171 0.0253  6   CYS A O   
51  C CB  . CYS A 11  ? 0.5175 0.3717 0.4464 -0.0456 -0.0906 0.0441  6   CYS A CB  
52  S SG  . CYS A 11  ? 0.5689 0.4083 0.4658 -0.0356 -0.0761 0.0514  6   CYS A SG  
53  N N   . LYS A 12  ? 0.5409 0.3442 0.4178 -0.0491 -0.0439 0.0147  7   LYS A N   
54  C CA  . LYS A 12  ? 0.5854 0.3568 0.4290 -0.0431 -0.0181 -0.0011 7   LYS A CA  
55  C C   . LYS A 12  ? 0.5469 0.3267 0.4284 -0.0289 -0.0018 -0.0029 7   LYS A C   
56  O O   . LYS A 12  ? 0.5553 0.3321 0.4386 -0.0137 0.0206  -0.0103 7   LYS A O   
57  C CB  . LYS A 12  ? 0.6598 0.3822 0.4441 -0.0596 -0.0247 -0.0167 7   LYS A CB  
58  C CG  . LYS A 12  ? 0.7158 0.4166 0.4383 -0.0736 -0.0326 -0.0172 7   LYS A CG  
59  C CD  . LYS A 12  ? 0.8831 0.5285 0.5347 -0.0943 -0.0384 -0.0356 7   LYS A CD  
60  C CE  . LYS A 12  ? 1.0018 0.6241 0.5895 -0.1185 -0.0675 -0.0281 7   LYS A CE  
61  N NZ  . LYS A 12  ? 1.1040 0.6768 0.6305 -0.1454 -0.0889 -0.0419 7   LYS A NZ  
62  N N   . THR A 13  ? 0.5265 0.3190 0.4397 -0.0355 -0.0139 0.0052  8   THR A N   
63  C CA  . THR A 13  ? 0.5112 0.3052 0.4510 -0.0268 -0.0041 0.0089  8   THR A CA  
64  C C   . THR A 13  ? 0.4498 0.2785 0.4184 -0.0119 0.0079  0.0176  8   THR A C   
65  O O   . THR A 13  ? 0.4436 0.2681 0.4210 0.0024  0.0189  0.0167  8   THR A O   
66  C CB  . THR A 13  ? 0.5060 0.3053 0.4644 -0.0451 -0.0167 0.0167  8   THR A CB  
67  O OG1 . THR A 13  ? 0.6131 0.3728 0.5407 -0.0616 -0.0288 0.0072  8   THR A OG1 
68  C CG2 . THR A 13  ? 0.5392 0.3309 0.5110 -0.0410 -0.0091 0.0249  8   THR A CG2 
69  N N   . ILE A 14  ? 0.4053 0.2666 0.3905 -0.0145 0.0033  0.0253  9   ILE A N   
70  C CA  . ILE A 14  ? 0.3802 0.2669 0.3847 -0.0036 0.0141  0.0311  9   ILE A CA  
71  C C   . ILE A 14  ? 0.3967 0.2748 0.3859 0.0078  0.0289  0.0244  9   ILE A C   
72  O O   . ILE A 14  ? 0.3810 0.2704 0.3891 0.0177  0.0383  0.0258  9   ILE A O   
73  C CB  . ILE A 14  ? 0.3439 0.2547 0.3629 -0.0053 0.0068  0.0372  9   ILE A CB  
74  C CG1 . ILE A 14  ? 0.3578 0.2932 0.4124 -0.0127 0.0010  0.0406  9   ILE A CG1 
75  C CG2 . ILE A 14  ? 0.3534 0.2753 0.3754 0.0039  0.0184  0.0403  9   ILE A CG2 
76  C CD1 . ILE A 14  ? 0.3242 0.2729 0.3951 -0.0138 0.0154  0.0431  9   ILE A CD1 
77  N N   . VAL A 15  ? 0.4257 0.2866 0.3814 0.0038  0.0311  0.0168  10  VAL A N   
78  C CA  . VAL A 15  ? 0.4499 0.3103 0.3946 0.0105  0.0524  0.0082  10  VAL A CA  
79  C C   . VAL A 15  ? 0.4771 0.3283 0.4375 0.0245  0.0656  -0.0043 10  VAL A C   
80  O O   . VAL A 15  ? 0.4915 0.3657 0.4844 0.0371  0.0782  -0.0054 10  VAL A O   
81  C CB  . VAL A 15  ? 0.5040 0.3403 0.3944 -0.0027 0.0555  0.0018  10  VAL A CB  
82  C CG1 . VAL A 15  ? 0.5548 0.3957 0.4349 -0.0007 0.0861  -0.0097 10  VAL A CG1 
83  C CG2 . VAL A 15  ? 0.4791 0.3189 0.3587 -0.0128 0.0349  0.0178  10  VAL A CG2 
84  N N   . SER A 16  ? 0.5019 0.3185 0.4432 0.0229  0.0603  -0.0136 11  SER A N   
85  C CA  . SER A 16  ? 0.5565 0.3523 0.5104 0.0396  0.0720  -0.0282 11  SER A CA  
86  C C   . SER A 16  ? 0.5210 0.3287 0.5192 0.0525  0.0607  -0.0149 11  SER A C   
87  O O   . SER A 16  ? 0.5366 0.3550 0.5691 0.0720  0.0693  -0.0196 11  SER A O   
88  C CB  . SER A 16  ? 0.5977 0.3417 0.5126 0.0322  0.0672  -0.0425 11  SER A CB  
89  O OG  . SER A 16  ? 0.6549 0.3884 0.5699 0.0190  0.0426  -0.0285 11  SER A OG  
90  N N   . GLN A 17  ? 0.5016 0.3091 0.4992 0.0398  0.0415  0.0019  12  GLN A N   
91  C CA  . GLN A 17  ? 0.4941 0.3005 0.5147 0.0444  0.0289  0.0167  12  GLN A CA  
92  C C   . GLN A 17  ? 0.4300 0.2774 0.4741 0.0447  0.0279  0.0300  12  GLN A C   
93  O O   . GLN A 17  ? 0.4244 0.2725 0.4867 0.0525  0.0185  0.0398  12  GLN A O   
94  C CB  . GLN A 17  ? 0.4893 0.2710 0.4910 0.0244  0.0140  0.0262  12  GLN A CB  
95  C CG  . GLN A 17  ? 0.6466 0.3778 0.6244 0.0231  0.0109  0.0138  12  GLN A CG  
96  C CD  . GLN A 17  ? 0.7240 0.4241 0.6879 0.0038  -0.0043 0.0255  12  GLN A CD  
97  O OE1 . GLN A 17  ? 0.7862 0.4852 0.7575 0.0012  -0.0124 0.0426  12  GLN A OE1 
98  N NE2 . GLN A 17  ? 0.7483 0.4200 0.6863 -0.0151 -0.0095 0.0173  12  GLN A NE2 
99  N N   . TYR A 18  ? 0.3762 0.2513 0.4164 0.0355  0.0343  0.0309  13  TYR A N   
100 C CA  . TYR A 18  ? 0.3490 0.2544 0.4040 0.0319  0.0333  0.0415  13  TYR A CA  
101 C C   . TYR A 18  ? 0.3412 0.2723 0.4037 0.0348  0.0454  0.0372  13  TYR A C   
102 O O   . TYR A 18  ? 0.3057 0.2570 0.3773 0.0306  0.0447  0.0437  13  TYR A O   
103 C CB  . TYR A 18  ? 0.3244 0.2364 0.3711 0.0153  0.0293  0.0477  13  TYR A CB  
104 C CG  . TYR A 18  ? 0.3305 0.2222 0.3682 0.0037  0.0212  0.0538  13  TYR A CG  
105 C CD1 . TYR A 18  ? 0.3054 0.1782 0.3326 -0.0049 0.0171  0.0492  13  TYR A CD1 
106 C CD2 . TYR A 18  ? 0.3776 0.2654 0.4111 -0.0034 0.0165  0.0650  13  TYR A CD2 
107 C CE1 . TYR A 18  ? 0.3665 0.2189 0.3837 -0.0216 0.0109  0.0553  13  TYR A CE1 
108 C CE2 . TYR A 18  ? 0.3576 0.2211 0.3735 -0.0201 0.0108  0.0725  13  TYR A CE2 
109 C CZ  . TYR A 18  ? 0.3778 0.2250 0.3881 -0.0296 0.0095  0.0675  13  TYR A CZ  
110 O OH  . TYR A 18  ? 0.3868 0.2094 0.3788 -0.0519 0.0054  0.0755  13  TYR A OH  
111 N N   . GLY A 19  ? 0.3898 0.3153 0.4416 0.0384  0.0574  0.0254  14  GLY A N   
112 C CA  . GLY A 19  ? 0.3720 0.3132 0.4155 0.0320  0.0692  0.0239  14  GLY A CA  
113 C C   . GLY A 19  ? 0.3629 0.3350 0.4382 0.0356  0.0768  0.0254  14  GLY A C   
114 O O   . GLY A 19  ? 0.3733 0.3583 0.4476 0.0261  0.0769  0.0319  14  GLY A O   
115 N N   . GLU A 20  ? 0.3609 0.3444 0.4682 0.0494  0.0817  0.0185  15  GLU A N   
116 C CA  . GLU A 20  ? 0.3645 0.3862 0.5138 0.0520  0.0846  0.0201  15  GLU A CA  
117 C C   . GLU A 20  ? 0.3353 0.3633 0.4895 0.0453  0.0628  0.0361  15  GLU A C   
118 O O   . GLU A 20  ? 0.3081 0.3595 0.4734 0.0349  0.0627  0.0402  15  GLU A O   
119 C CB  . GLU A 20  ? 0.3783 0.4154 0.5767 0.0735  0.0884  0.0097  15  GLU A CB  
120 C CG  . GLU A 20  ? 0.4977 0.5358 0.6954 0.0781  0.1190  -0.0119 15  GLU A CG  
121 C CD  . GLU A 20  ? 0.5909 0.6629 0.8578 0.1001  0.1297  -0.0259 15  GLU A CD  
122 O OE1 . GLU A 20  ? 0.6142 0.6970 0.9260 0.1156  0.1034  -0.0152 15  GLU A OE1 
123 O OE2 . GLU A 20  ? 0.6825 0.7697 0.9586 0.1009  0.1642  -0.0478 15  GLU A OE2 
124 N N   . MET A 21  ? 0.3335 0.3374 0.4745 0.0475  0.0457  0.0442  16  MET A N   
125 C CA  . MET A 21  ? 0.3198 0.3234 0.4521 0.0366  0.0291  0.0573  16  MET A CA  
126 C C   . MET A 21  ? 0.3059 0.3105 0.4140 0.0208  0.0370  0.0572  16  MET A C   
127 O O   . MET A 21  ? 0.2876 0.3026 0.3944 0.0100  0.0328  0.0610  16  MET A O   
128 C CB  . MET A 21  ? 0.3410 0.3136 0.4532 0.0358  0.0158  0.0648  16  MET A CB  
129 C CG  . MET A 21  ? 0.3287 0.2933 0.4180 0.0197  0.0028  0.0771  16  MET A CG  
130 S SD  A MET A 21  ? 0.3670 0.2907 0.4315 0.0155  -0.0140 0.0893  16  MET A SD  
131 S SD  B MET A 21  ? 0.4157 0.3453 0.4667 0.0050  0.0014  0.0827  16  MET A SD  
132 C CE  A MET A 21  ? 0.2900 0.2093 0.3126 -0.0132 -0.0143 0.0970  16  MET A CE  
133 C CE  B MET A 21  ? 0.3571 0.2577 0.4161 0.0203  -0.0061 0.0820  16  MET A CE  
134 N N   . ILE A 22  ? 0.3044 0.2951 0.3937 0.0196  0.0458  0.0524  17  ILE A N   
135 C CA  . ILE A 22  ? 0.2907 0.2785 0.3653 0.0103  0.0498  0.0523  17  ILE A CA  
136 C C   . ILE A 22  ? 0.3055 0.3034 0.3822 0.0047  0.0573  0.0510  17  ILE A C   
137 O O   . ILE A 22  ? 0.2915 0.2877 0.3625 -0.0044 0.0563  0.0524  17  ILE A O   
138 C CB  . ILE A 22  ? 0.3053 0.2784 0.3675 0.0119  0.0501  0.0496  17  ILE A CB  
139 C CG1 . ILE A 22  ? 0.2679 0.2341 0.3306 0.0104  0.0440  0.0508  17  ILE A CG1 
140 C CG2 . ILE A 22  ? 0.3040 0.2714 0.3589 0.0085  0.0510  0.0497  17  ILE A CG2 
141 C CD1 A ILE A 22  ? 0.1581 0.1146 0.2162 0.0100  0.0397  0.0477  17  ILE A CD1 
142 C CD1 B ILE A 22  ? 0.3664 0.3371 0.4299 0.0018  0.0456  0.0519  17  ILE A CD1 
143 N N   . TRP A 23  ? 0.3090 0.3138 0.3903 0.0072  0.0671  0.0468  18  TRP A N   
144 C CA  . TRP A 23  ? 0.3270 0.3423 0.4086 -0.0040 0.0778  0.0461  18  TRP A CA  
145 C C   . TRP A 23  ? 0.3164 0.3574 0.4253 -0.0103 0.0721  0.0486  18  TRP A C   
146 O O   . TRP A 23  ? 0.3257 0.3658 0.4271 -0.0255 0.0733  0.0507  18  TRP A O   
147 C CB  . TRP A 23  ? 0.3483 0.3741 0.4348 -0.0023 0.0958  0.0375  18  TRP A CB  
148 C CG  . TRP A 23  ? 0.3428 0.3846 0.4318 -0.0191 0.1116  0.0362  18  TRP A CG  
149 C CD1 . TRP A 23  ? 0.3333 0.4172 0.4657 -0.0219 0.1253  0.0292  18  TRP A CD1 
150 C CD2 . TRP A 23  ? 0.3398 0.3554 0.3885 -0.0377 0.1152  0.0425  18  TRP A CD2 
151 N NE1 . TRP A 23  ? 0.3649 0.4530 0.4834 -0.0464 0.1411  0.0302  18  TRP A NE1 
152 C CE2 . TRP A 23  ? 0.3506 0.3906 0.4120 -0.0567 0.1336  0.0398  18  TRP A CE2 
153 C CE3 . TRP A 23  ? 0.3611 0.3342 0.3687 -0.0400 0.1019  0.0511  18  TRP A CE3 
154 C CZ2 . TRP A 23  ? 0.3837 0.3973 0.4045 -0.0816 0.1406  0.0470  18  TRP A CZ2 
155 C CZ3 . TRP A 23  ? 0.3470 0.2932 0.3201 -0.0590 0.1045  0.0586  18  TRP A CZ3 
156 C CH2 . TRP A 23  ? 0.3749 0.3364 0.3486 -0.0811 0.1234  0.0576  18  TRP A CH2 
157 N N   . ASP A 24  ? 0.3083 0.3680 0.4471 -0.0001 0.0622  0.0493  19  ASP A N   
158 C CA  . ASP A 24  ? 0.3266 0.4106 0.4906 -0.0078 0.0482  0.0543  19  ASP A CA  
159 C C   . ASP A 24  ? 0.3195 0.3825 0.4504 -0.0236 0.0379  0.0590  19  ASP A C   
160 O O   . ASP A 24  ? 0.3268 0.3985 0.4585 -0.0408 0.0330  0.0597  19  ASP A O   
161 C CB  . ASP A 24  ? 0.3481 0.4444 0.5438 0.0081  0.0310  0.0582  19  ASP A CB  
162 C CG  . ASP A 24  ? 0.3973 0.5251 0.6445 0.0244  0.0436  0.0484  19  ASP A CG  
163 O OD1 . ASP A 24  ? 0.4765 0.6112 0.7577 0.0425  0.0285  0.0504  19  ASP A OD1 
164 O OD2 . ASP A 24  ? 0.4098 0.5513 0.6606 0.0187  0.0696  0.0379  19  ASP A OD2 
165 N N   . LEU A 25  ? 0.3103 0.3454 0.4123 -0.0195 0.0371  0.0594  20  LEU A N   
166 C CA  . LEU A 25  ? 0.3160 0.3298 0.3872 -0.0315 0.0350  0.0584  20  LEU A CA  
167 C C   . LEU A 25  ? 0.3099 0.3078 0.3670 -0.0384 0.0465  0.0524  20  LEU A C   
168 O O   . LEU A 25  ? 0.3404 0.3243 0.3790 -0.0515 0.0454  0.0487  20  LEU A O   
169 C CB  . LEU A 25  ? 0.2918 0.2876 0.3450 -0.0266 0.0362  0.0582  20  LEU A CB  
170 C CG  . LEU A 25  ? 0.3370 0.3327 0.3889 -0.0263 0.0203  0.0674  20  LEU A CG  
171 C CD1 . LEU A 25  ? 0.3303 0.3095 0.3695 -0.0229 0.0251  0.0678  20  LEU A CD1 
172 C CD2 . LEU A 25  ? 0.3821 0.3710 0.4086 -0.0450 0.0054  0.0727  20  LEU A CD2 
173 N N   . LEU A 26  ? 0.3080 0.3006 0.3672 -0.0307 0.0555  0.0519  21  LEU A N   
174 C CA  . LEU A 26  ? 0.3330 0.3008 0.3748 -0.0364 0.0610  0.0505  21  LEU A CA  
175 C C   . LEU A 26  ? 0.3456 0.3211 0.3888 -0.0559 0.0615  0.0516  21  LEU A C   
176 O O   . LEU A 26  ? 0.3765 0.3280 0.4016 -0.0677 0.0602  0.0486  21  LEU A O   
177 C CB  . LEU A 26  ? 0.3271 0.2849 0.3619 -0.0294 0.0651  0.0539  21  LEU A CB  
178 C CG  . LEU A 26  ? 0.3621 0.2838 0.3722 -0.0342 0.0639  0.0578  21  LEU A CG  
179 C CD1 . LEU A 26  ? 0.3620 0.2724 0.3585 -0.0262 0.0605  0.0624  21  LEU A CD1 
180 C CD2 . LEU A 26  ? 0.4012 0.3227 0.4010 -0.0561 0.0717  0.0612  21  LEU A CD2 
181 N N   . VAL A 27  ? 0.3321 0.3418 0.4005 -0.0589 0.0643  0.0537  22  VAL A N   
182 C CA  . VAL A 27  ? 0.3478 0.3787 0.4313 -0.0795 0.0659  0.0543  22  VAL A CA  
183 C C   . VAL A 27  ? 0.3424 0.3761 0.4256 -0.0928 0.0491  0.0537  22  VAL A C   
184 O O   . VAL A 27  ? 0.3482 0.3654 0.4146 -0.1149 0.0477  0.0522  22  VAL A O   
185 C CB  . VAL A 27  ? 0.3367 0.4143 0.4627 -0.0763 0.0757  0.0528  22  VAL A CB  
186 C CG1 . VAL A 27  ? 0.3820 0.4950 0.5383 -0.1011 0.0780  0.0522  22  VAL A CG1 
187 C CG2 . VAL A 27  ? 0.3666 0.4304 0.4736 -0.0725 0.0958  0.0509  22  VAL A CG2 
188 N N   . SER A 28  ? 0.3300 0.3758 0.4220 -0.0828 0.0351  0.0555  23  SER A N   
189 C CA  A SER A 28  ? 0.3698 0.4150 0.4507 -0.0990 0.0152  0.0567  23  SER A CA  
190 C CA  B SER A 28  ? 0.3569 0.4024 0.4381 -0.0991 0.0151  0.0567  23  SER A CA  
191 C C   . SER A 28  ? 0.3994 0.3966 0.4281 -0.1090 0.0192  0.0486  23  SER A C   
192 O O   . SER A 28  ? 0.4424 0.4270 0.4463 -0.1313 0.0073  0.0454  23  SER A O   
193 C CB  A SER A 28  ? 0.3697 0.4327 0.4660 -0.0876 -0.0044 0.0645  23  SER A CB  
194 C CB  B SER A 28  ? 0.3551 0.4167 0.4494 -0.0879 -0.0044 0.0644  23  SER A CB  
195 O OG  A SER A 28  ? 0.3909 0.5019 0.5463 -0.0808 -0.0126 0.0690  23  SER A OG  
196 O OG  B SER A 28  ? 0.3100 0.3444 0.3774 -0.0741 0.0030  0.0634  23  SER A OG  
197 N N   . GLY A 29  ? 0.3793 0.3503 0.3936 -0.0932 0.0354  0.0434  24  GLY A N   
198 C CA  . GLY A 29  ? 0.4125 0.3417 0.3909 -0.0964 0.0444  0.0313  24  GLY A CA  
199 C C   . GLY A 29  ? 0.4441 0.3420 0.4075 -0.1097 0.0489  0.0257  24  GLY A C   
200 O O   . GLY A 29  ? 0.5067 0.3663 0.4403 -0.1166 0.0543  0.0126  24  GLY A O   
201 N N   . VAL A 30  ? 0.4386 0.3475 0.4182 -0.1160 0.0485  0.0340  25  VAL A N   
202 C CA  . VAL A 30  ? 0.4822 0.3517 0.4392 -0.1347 0.0508  0.0310  25  VAL A CA  
203 C C   . VAL A 30  ? 0.5094 0.3699 0.4463 -0.1641 0.0407  0.0239  25  VAL A C   
204 O O   . VAL A 30  ? 0.4759 0.3783 0.4313 -0.1773 0.0274  0.0288  25  VAL A O   
205 C CB  . VAL A 30  ? 0.4763 0.3489 0.4421 -0.1410 0.0563  0.0419  25  VAL A CB  
206 C CG1 . VAL A 30  ? 0.5175 0.4454 0.5189 -0.1358 0.0593  0.0494  25  VAL A CG1 
207 C CG2 . VAL A 30  ? 0.5213 0.3704 0.4691 -0.1752 0.0547  0.0425  25  VAL A CG2 
208 N N   . ARG A 31  ? 0.5572 0.3604 0.4565 -0.1734 0.0445  0.0112  26  ARG A N   
209 C CA  . ARG A 31  ? 0.6126 0.3980 0.4811 -0.2053 0.0341  0.0015  26  ARG A CA  
210 C C   . ARG A 31  ? 0.6517 0.3993 0.5048 -0.2301 0.0335  0.0019  26  ARG A C   
211 O O   . ARG A 31  ? 0.6495 0.3373 0.4793 -0.2213 0.0428  -0.0053 26  ARG A O   
212 C CB  . ARG A 31  ? 0.6598 0.4010 0.4860 -0.2008 0.0427  -0.0196 26  ARG A CB  
213 C CG  . ARG A 31  ? 0.7113 0.4869 0.5402 -0.1884 0.0425  -0.0190 26  ARG A CG  
214 C CD  . ARG A 31  ? 0.8873 0.6233 0.6840 -0.1770 0.0646  -0.0418 26  ARG A CD  
215 N NE  . ARG A 31  ? 0.9799 0.6924 0.8008 -0.1464 0.0829  -0.0492 26  ARG A NE  
216 C CZ  . ARG A 31  ? 1.0226 0.7347 0.8560 -0.1219 0.1030  -0.0621 26  ARG A CZ  
217 N NH1 . ARG A 31  ? 1.0504 0.7809 0.8665 -0.1274 0.1127  -0.0693 26  ARG A NH1 
218 N NH2 . ARG A 31  ? 1.0253 0.7190 0.8899 -0.0936 0.1117  -0.0667 26  ARG A NH2 
219 N N   . PRO A 32  ? 0.3964 0.3028 0.3204 -0.0108 0.0704  0.0558  27  PRO A N   
220 C CA  . PRO A 32  ? 0.3837 0.3124 0.3117 -0.0088 0.0439  0.0495  27  PRO A CA  
221 C C   . PRO A 32  ? 0.4046 0.3271 0.3185 -0.0060 0.0499  0.0444  27  PRO A C   
222 O O   . PRO A 32  ? 0.3802 0.3223 0.3178 -0.0076 0.0405  0.0370  27  PRO A O   
223 C CB  . PRO A 32  ? 0.3938 0.3100 0.2883 -0.0007 0.0236  0.0538  27  PRO A CB  
224 C CG  . PRO A 32  ? 0.4284 0.3374 0.3291 -0.0019 0.0301  0.0607  27  PRO A CG  
225 C CD  . PRO A 32  ? 0.4177 0.3008 0.3087 -0.0045 0.0635  0.0662  27  PRO A CD  
226 N N   . ASP A 33  ? 0.4488 0.3373 0.3159 0.0006  0.0661  0.0488  28  ASP A N   
227 C CA  . ASP A 33  ? 0.4927 0.3727 0.3425 0.0046  0.0720  0.0416  28  ASP A CA  
228 C C   . ASP A 33  ? 0.4661 0.3654 0.3655 -0.0020 0.0921  0.0328  28  ASP A C   
229 O O   . ASP A 33  ? 0.4516 0.3617 0.3617 0.0000  0.0844  0.0238  28  ASP A O   
230 C CB  . ASP A 33  ? 0.5531 0.3832 0.3255 0.0177  0.0828  0.0462  28  ASP A CB  
231 C CG  . ASP A 33  ? 0.6619 0.4542 0.4087 0.0176  0.1244  0.0571  28  ASP A CG  
232 O OD1 . ASP A 33  ? 0.8243 0.5653 0.4966 0.0304  0.1415  0.0614  28  ASP A OD1 
233 O OD2 . ASP A 33  ? 0.7178 0.5242 0.5128 0.0063  0.1421  0.0607  28  ASP A OD2 
234 N N   . GLN A 34  ? 0.4551 0.3597 0.3925 -0.0093 0.1158  0.0326  29  GLN A N   
235 C CA  . GLN A 34  ? 0.4346 0.3626 0.4379 -0.0143 0.1326  0.0182  29  GLN A CA  
236 C C   . GLN A 34  ? 0.3723 0.3380 0.4217 -0.0131 0.0979  0.0084  29  GLN A C   
237 O O   . GLN A 34  ? 0.3531 0.3341 0.4337 -0.0087 0.0921  -0.0040 29  GLN A O   
238 C CB  . GLN A 34  ? 0.4440 0.3685 0.4886 -0.0239 0.1647  0.0167  29  GLN A CB  
239 C CG  . GLN A 34  ? 0.5701 0.4975 0.6645 -0.0285 0.2013  0.0028  29  GLN A CG  
240 C CD  . GLN A 34  ? 0.7463 0.6324 0.7762 -0.0224 0.2323  0.0091  29  GLN A CD  
241 O OE1 . GLN A 34  ? 0.8549 0.6892 0.8060 -0.0184 0.2550  0.0262  29  GLN A OE1 
242 N NE2 . GLN A 34  ? 0.7670 0.6702 0.8237 -0.0183 0.2320  -0.0055 29  GLN A NE2 
243 N N   . VAL A 35  ? 0.3304 0.3047 0.3784 -0.0145 0.0764  0.0138  30  VAL A N   
244 C CA  . VAL A 35  ? 0.3024 0.2985 0.3741 -0.0100 0.0465  0.0069  30  VAL A CA  
245 C C   . VAL A 35  ? 0.3065 0.2953 0.3461 -0.0039 0.0315  0.0101  30  VAL A C   
246 O O   . VAL A 35  ? 0.2919 0.2870 0.3482 0.0036  0.0192  0.0020  30  VAL A O   
247 C CB  . VAL A 35  ? 0.2808 0.2786 0.3421 -0.0119 0.0321  0.0137  30  VAL A CB  
248 C CG1 . VAL A 35  ? 0.2502 0.2555 0.3118 -0.0039 0.0056  0.0091  30  VAL A CG1 
249 C CG2 . VAL A 35  ? 0.3027 0.3078 0.4040 -0.0178 0.0430  0.0071  30  VAL A CG2 
250 N N   . CYS A 36  ? 0.3232 0.2956 0.3197 -0.0056 0.0321  0.0197  31  CYS A N   
251 C CA  . CYS A 36  ? 0.3248 0.2891 0.3005 -0.0026 0.0208  0.0194  31  CYS A CA  
252 C C   . CYS A 36  ? 0.3284 0.2871 0.3070 0.0020  0.0289  0.0111  31  CYS A C   
253 O O   . CYS A 36  ? 0.3406 0.2956 0.3205 0.0059  0.0190  0.0079  31  CYS A O   
254 C CB  . CYS A 36  ? 0.3119 0.2646 0.2561 -0.0043 0.0153  0.0241  31  CYS A CB  
255 S SG  . CYS A 36  ? 0.3419 0.3057 0.2976 -0.0087 0.0039  0.0303  31  CYS A SG  
256 N N   . SER A 37  ? 0.3490 0.3020 0.3280 0.0020  0.0512  0.0076  32  SER A N   
257 C CA  . SER A 37  ? 0.3657 0.3162 0.3578 0.0067  0.0645  -0.0033 32  SER A CA  
258 C C   . SER A 37  ? 0.3483 0.3216 0.3974 0.0120  0.0554  -0.0146 32  SER A C   
259 O O   . SER A 37  ? 0.3237 0.2944 0.3793 0.0199  0.0470  -0.0217 32  SER A O   
260 C CB  . SER A 37  ? 0.4079 0.3413 0.3875 0.0054  0.1000  -0.0046 32  SER A CB  
261 O OG  A SER A 37  ? 0.4875 0.3886 0.3978 0.0092  0.1011  0.0022  32  SER A OG  
262 O OG  B SER A 37  ? 0.3825 0.3160 0.3838 0.0097  0.1172  -0.0176 32  SER A OG  
263 N N   . GLN A 38  ? 0.3212 0.3134 0.4105 0.0102  0.0527  -0.0185 33  GLN A N   
264 C CA  . GLN A 38  ? 0.3398 0.3513 0.4798 0.0209  0.0323  -0.0335 33  GLN A CA  
265 C C   . GLN A 38  ? 0.3165 0.3150 0.4230 0.0315  0.0010  -0.0266 33  GLN A C   
266 O O   . GLN A 38  ? 0.3123 0.3105 0.4368 0.0466  -0.0173 -0.0369 33  GLN A O   
267 C CB  . GLN A 38  ? 0.3219 0.3545 0.5108 0.0179  0.0301  -0.0431 33  GLN A CB  
268 C CG  . GLN A 38  ? 0.4432 0.4823 0.6742 0.0065  0.0694  -0.0511 33  GLN A CG  
269 C CD  . GLN A 38  ? 0.5064 0.5636 0.7897 0.0003  0.0690  -0.0610 33  GLN A CD  
270 O OE1 . GLN A 38  ? 0.5856 0.6690 0.9507 0.0033  0.0658  -0.0864 33  GLN A OE1 
271 N NE2 . GLN A 38  ? 0.5625 0.6077 0.8059 -0.0069 0.0674  -0.0446 33  GLN A NE2 
272 N N   . ALA A 39  ? 0.2998 0.2835 0.3593 0.0250  -0.0024 -0.0103 34  ALA A N   
273 C CA  . ALA A 39  ? 0.3181 0.2789 0.3414 0.0319  -0.0187 -0.0014 34  ALA A CA  
274 C C   . ALA A 39  ? 0.3365 0.2780 0.3415 0.0326  -0.0134 0.0002  34  ALA A C   
275 O O   . ALA A 39  ? 0.3715 0.2876 0.3501 0.0367  -0.0197 0.0076  34  ALA A O   
276 C CB  . ALA A 39  ? 0.2870 0.2411 0.2818 0.0229  -0.0179 0.0115  34  ALA A CB  
277 N N   . GLY A 40  ? 0.3282 0.2757 0.3429 0.0281  0.0018  -0.0068 35  GLY A N   
278 C CA  . GLY A 40  ? 0.3553 0.2850 0.3565 0.0301  0.0053  -0.0102 35  GLY A CA  
279 C C   . GLY A 40  ? 0.3411 0.2579 0.3126 0.0190  0.0067  -0.0043 35  GLY A C   
280 O O   . GLY A 40  ? 0.3318 0.2306 0.2949 0.0188  0.0054  -0.0077 35  GLY A O   
281 N N   . LEU A 41  ? 0.3491 0.2748 0.3121 0.0109  0.0070  0.0018  36  LEU A N   
282 C CA  . LEU A 41  ? 0.3458 0.2636 0.2957 0.0031  0.0022  0.0022  36  LEU A CA  
283 C C   . LEU A 41  ? 0.3942 0.3105 0.3231 0.0029  0.0023  -0.0043 36  LEU A C   
284 O O   . LEU A 41  ? 0.3946 0.3037 0.3174 0.0008  -0.0086 -0.0124 36  LEU A O   
285 C CB  . LEU A 41  ? 0.3283 0.2514 0.2829 -0.0032 -0.0014 0.0114  36  LEU A CB  
286 C CG  . LEU A 41  ? 0.3282 0.2377 0.2821 0.0009  -0.0005 0.0193  36  LEU A CG  
287 C CD1 . LEU A 41  ? 0.2845 0.1958 0.2365 -0.0044 0.0016  0.0271  36  LEU A CD1 
288 C CD2 . LEU A 41  ? 0.3079 0.1910 0.2594 0.0001  0.0038  0.0175  36  LEU A CD2 
289 N N   . CYS A 42  ? 0.4044 0.3221 0.3218 0.0070  0.0150  -0.0030 37  CYS A N   
290 C CA  . CYS A 42  ? 0.4561 0.3560 0.3318 0.0120  0.0195  -0.0060 37  CYS A CA  
291 C C   . CYS A 42  ? 0.4985 0.3857 0.3625 0.0177  0.0429  -0.0113 37  CYS A C   
292 O O   . CYS A 42  ? 0.4556 0.3575 0.3573 0.0165  0.0558  -0.0123 37  CYS A O   
293 C CB  . CYS A 42  ? 0.4478 0.3480 0.3108 0.0110  0.0243  0.0050  37  CYS A CB  
294 S SG  . CYS A 42  ? 0.4940 0.4084 0.3719 0.0062  -0.0009 0.0083  37  CYS A SG  
295 N N   . PHE A 43  ? 0.5752 0.4323 0.3852 0.0263  0.0483  -0.0166 38  PHE A N   
296 C CA  . PHE A 43  ? 0.6704 0.5073 0.4600 0.0321  0.0806  -0.0208 38  PHE A CA  
297 C C   . PHE A 43  ? 0.7434 0.5542 0.4928 0.0348  0.1088  -0.0096 38  PHE A C   
298 O O   . PHE A 43  ? 0.7853 0.5711 0.4804 0.0417  0.0960  -0.0029 38  PHE A O   
299 C CB  . PHE A 43  ? 0.7150 0.5240 0.4617 0.0427  0.0761  -0.0361 38  PHE A CB  
300 C CG  . PHE A 43  ? 0.8327 0.6047 0.5300 0.0520  0.1144  -0.0389 38  PHE A CG  
301 C CD1 . PHE A 43  ? 0.8501 0.6349 0.5946 0.0469  0.1536  -0.0400 38  PHE A CD1 
302 C CD2 . PHE A 43  ? 0.9466 0.6663 0.5486 0.0684  0.1130  -0.0425 38  PHE A CD2 
303 C CE1 . PHE A 43  ? 0.9061 0.6514 0.6083 0.0541  0.2023  -0.0436 38  PHE A CE1 
304 C CE2 . PHE A 43  ? 1.0475 0.7188 0.5872 0.0789  0.1580  -0.0431 38  PHE A CE2 
305 C CZ  . PHE A 43  ? 1.0175 0.7024 0.6108 0.0697  0.2075  -0.0428 38  PHE A CZ  
306 N N   . VAL A 44  ? 0.7822 0.5991 0.5677 0.0292  0.1472  -0.0089 39  VAL A N   
307 C CA  . VAL A 44  ? 0.8542 0.6401 0.6147 0.0287  0.1922  -0.0003 39  VAL A CA  
308 C C   . VAL A 44  ? 0.9510 0.6725 0.5983 0.0439  0.1975  0.0089  39  VAL A C   
309 O O   . VAL A 44  ? 1.0268 0.6995 0.6124 0.0541  0.2330  0.0066  39  VAL A O   
310 C CB  . VAL A 44  ? 0.8835 0.6714 0.6879 0.0259  0.2394  -0.0134 39  VAL A CB  
311 C CG1 . VAL A 44  ? 0.9660 0.7096 0.7414 0.0242  0.3011  -0.0061 39  VAL A CG1 
312 C CG2 . VAL A 44  ? 0.8245 0.6738 0.7434 0.0166  0.2271  -0.0260 39  VAL A CG2 
313 N N   . GLU A 69  ? 0.8093 0.6373 0.5566 0.0519  -0.0868 -0.0657 64  GLU A N   
314 C CA  . GLU A 69  ? 0.8222 0.6511 0.5878 0.0583  -0.1264 -0.0946 64  GLU A CA  
315 C C   . GLU A 69  ? 0.7551 0.6184 0.6134 0.0372  -0.1278 -0.1048 64  GLU A C   
316 O O   . GLU A 69  ? 0.7657 0.6436 0.6720 0.0360  -0.1560 -0.1272 64  GLU A O   
317 C CB  . GLU A 69  ? 0.8887 0.6779 0.5884 0.0783  -0.1416 -0.1155 64  GLU A CB  
318 C CG  . GLU A 69  ? 0.9977 0.7481 0.6158 0.1074  -0.1733 -0.1229 64  GLU A CG  
319 C CD  . GLU A 69  ? 1.1247 0.8223 0.6528 0.1335  -0.1898 -0.1435 64  GLU A CD  
320 O OE1 . GLU A 69  ? 1.2446 0.8929 0.6772 0.1626  -0.2085 -0.1438 64  GLU A OE1 
321 O OE2 . GLU A 69  ? 1.0892 0.7877 0.6340 0.1278  -0.1847 -0.1597 64  GLU A OE2 
322 N N   . ALA A 70  ? 0.6856 0.5585 0.5710 0.0220  -0.0967 -0.0896 65  ALA A N   
323 C CA  . ALA A 70  ? 0.6178 0.5093 0.5758 0.0034  -0.0895 -0.0926 65  ALA A CA  
324 C C   . ALA A 70  ? 0.5595 0.4749 0.5592 -0.0055 -0.0896 -0.0850 65  ALA A C   
325 O O   . ALA A 70  ? 0.5265 0.4470 0.5002 -0.0008 -0.0860 -0.0680 65  ALA A O   
326 C CB  . ALA A 70  ? 0.5998 0.4856 0.5610 -0.0041 -0.0604 -0.0757 65  ALA A CB  
327 N N   . PRO A 71  ? 0.5241 0.4513 0.5924 -0.0196 -0.0884 -0.0986 66  PRO A N   
328 C CA  . PRO A 71  ? 0.4841 0.4316 0.5943 -0.0281 -0.0820 -0.0933 66  PRO A CA  
329 C C   . PRO A 71  ? 0.4372 0.3837 0.5243 -0.0329 -0.0531 -0.0616 66  PRO A C   
330 O O   . PRO A 71  ? 0.3989 0.3595 0.4907 -0.0320 -0.0535 -0.0542 66  PRO A O   
331 C CB  . PRO A 71  ? 0.4889 0.4414 0.6801 -0.0452 -0.0725 -0.1137 66  PRO A CB  
332 C CG  . PRO A 71  ? 0.5183 0.4618 0.7148 -0.0392 -0.0981 -0.1425 66  PRO A CG  
333 C CD  . PRO A 71  ? 0.5424 0.4633 0.6585 -0.0276 -0.0934 -0.1245 66  PRO A CD  
334 N N   . LEU A 72  ? 0.4161 0.3453 0.4796 -0.0351 -0.0321 -0.0457 67  LEU A N   
335 C CA  . LEU A 72  ? 0.3937 0.3212 0.4339 -0.0347 -0.0143 -0.0216 67  LEU A CA  
336 C C   . LEU A 72  ? 0.3697 0.3059 0.3713 -0.0236 -0.0236 -0.0129 67  LEU A C   
337 O O   . LEU A 72  ? 0.3733 0.3146 0.3654 -0.0227 -0.0160 0.0009  67  LEU A O   
338 C CB  . LEU A 72  ? 0.3974 0.3003 0.4205 -0.0343 0.0038  -0.0090 67  LEU A CB  
339 C CG  . LEU A 72  ? 0.4549 0.3345 0.5062 -0.0457 0.0249  -0.0105 67  LEU A CG  
340 C CD1 . LEU A 72  ? 0.4604 0.3071 0.4792 -0.0380 0.0345  0.0010  67  LEU A CD1 
341 C CD2 . LEU A 72  ? 0.4237 0.3027 0.4790 -0.0507 0.0420  0.0009  67  LEU A CD2 
342 N N   . CYS A 73  ? 0.3792 0.3102 0.3550 -0.0147 -0.0363 -0.0216 68  CYS A N   
343 C CA  . CYS A 73  ? 0.3750 0.3047 0.3130 -0.0056 -0.0357 -0.0126 68  CYS A CA  
344 C C   . CYS A 73  ? 0.3739 0.3132 0.3157 -0.0037 -0.0470 -0.0109 68  CYS A C   
345 O O   . CYS A 73  ? 0.3503 0.2948 0.2857 -0.0038 -0.0383 0.0025  68  CYS A O   
346 C CB  . CYS A 73  ? 0.4180 0.3280 0.3149 0.0059  -0.0427 -0.0228 68  CYS A CB  
347 S SG  . CYS A 73  ? 0.4776 0.3725 0.3226 0.0163  -0.0313 -0.0091 68  CYS A SG  
348 N N   . THR A 74  ? 0.3966 0.3382 0.3536 -0.0004 -0.0690 -0.0279 69  THR A N   
349 C CA  . THR A 74  ? 0.4092 0.3592 0.3750 0.0051  -0.0849 -0.0304 69  THR A CA  
350 C C   . THR A 74  ? 0.3593 0.3294 0.3668 -0.0073 -0.0683 -0.0206 69  THR A C   
351 O O   . THR A 74  ? 0.3292 0.3028 0.3292 -0.0035 -0.0684 -0.0116 69  THR A O   
352 C CB  . THR A 74  ? 0.4423 0.3967 0.4365 0.0120  -0.1171 -0.0584 69  THR A CB  
353 O OG1 . THR A 74  ? 0.5238 0.4537 0.4710 0.0248  -0.1321 -0.0694 69  THR A OG1 
354 C CG2 . THR A 74  ? 0.4910 0.4494 0.4873 0.0255  -0.1425 -0.0645 69  THR A CG2 
355 N N   . ALA A 75  ? 0.3269 0.3026 0.3717 -0.0207 -0.0517 -0.0223 70  ALA A N   
356 C CA  . ALA A 75  ? 0.2963 0.2793 0.3650 -0.0298 -0.0312 -0.0128 70  ALA A CA  
357 C C   . ALA A 75  ? 0.2928 0.2693 0.3229 -0.0268 -0.0194 0.0071  70  ALA A C   
358 O O   . ALA A 75  ? 0.2825 0.2650 0.3148 -0.0268 -0.0141 0.0137  70  ALA A O   
359 C CB  . ALA A 75  ? 0.2976 0.2718 0.4015 -0.0431 -0.0086 -0.0172 70  ALA A CB  
360 N N   . CYS A 76  ? 0.2915 0.2572 0.2932 -0.0233 -0.0167 0.0129  71  CYS A N   
361 C CA  . CYS A 76  ? 0.2945 0.2589 0.2758 -0.0195 -0.0099 0.0246  71  CYS A CA  
362 C C   . CYS A 76  ? 0.2787 0.2498 0.2512 -0.0154 -0.0152 0.0277  71  CYS A C   
363 O O   . CYS A 76  ? 0.2801 0.2557 0.2546 -0.0155 -0.0105 0.0337  71  CYS A O   
364 C CB  . CYS A 76  ? 0.2994 0.2556 0.2651 -0.0149 -0.0079 0.0244  71  CYS A CB  
365 S SG  . CYS A 76  ? 0.3452 0.3062 0.3094 -0.0094 -0.0033 0.0297  71  CYS A SG  
366 N N   . GLU A 77  ? 0.2966 0.2606 0.2513 -0.0095 -0.0241 0.0237  72  GLU A N   
367 C CA  . GLU A 77  ? 0.3241 0.2802 0.2579 -0.0035 -0.0240 0.0303  72  GLU A CA  
368 C C   . GLU A 77  ? 0.3221 0.2884 0.2762 -0.0036 -0.0321 0.0303  72  GLU A C   
369 O O   . GLU A 77  ? 0.3204 0.2850 0.2719 -0.0031 -0.0256 0.0380  72  GLU A O   
370 C CB  . GLU A 77  ? 0.3678 0.3007 0.2611 0.0082  -0.0339 0.0266  72  GLU A CB  
371 C CG  . GLU A 77  ? 0.3919 0.3088 0.2588 0.0091  -0.0151 0.0293  72  GLU A CG  
372 C CD  . GLU A 77  ? 0.5233 0.4082 0.3362 0.0226  -0.0214 0.0240  72  GLU A CD  
373 O OE1 . GLU A 77  ? 0.5710 0.4357 0.3556 0.0248  0.0018  0.0279  72  GLU A OE1 
374 O OE2 . GLU A 77  ? 0.5717 0.4504 0.3725 0.0322  -0.0490 0.0129  72  GLU A OE2 
375 N N   . MET A 78  ? 0.3182 0.2956 0.3005 -0.0049 -0.0438 0.0191  73  MET A N   
376 C CA  . MET A 78  ? 0.3207 0.3117 0.3356 -0.0057 -0.0476 0.0153  73  MET A CA  
377 C C   . MET A 78  ? 0.3041 0.3002 0.3270 -0.0138 -0.0278 0.0238  73  MET A C   
378 O O   . MET A 78  ? 0.3124 0.3110 0.3389 -0.0113 -0.0270 0.0270  73  MET A O   
379 C CB  . MET A 78  ? 0.3196 0.3252 0.3825 -0.0092 -0.0562 -0.0030 73  MET A CB  
380 C CG  A MET A 78  ? 0.3516 0.3571 0.4214 0.0042  -0.0879 -0.0197 73  MET A CG  
381 C CG  B MET A 78  ? 0.2911 0.3135 0.4013 -0.0098 -0.0576 -0.0123 73  MET A CG  
382 S SD  A MET A 78  ? 0.3430 0.3697 0.4887 -0.0021 -0.1000 -0.0502 73  MET A SD  
383 S SD  B MET A 78  ? 0.3493 0.3914 0.5369 -0.0167 -0.0635 -0.0408 73  MET A SD  
384 C CE  A MET A 78  ? 0.3160 0.3498 0.4997 -0.0251 -0.0546 -0.0421 73  MET A CE  
385 C CE  B MET A 78  ? 0.3217 0.3648 0.5077 0.0059  -0.1140 -0.0606 73  MET A CE  
386 N N   . ALA A 79  ? 0.2943 0.2866 0.3137 -0.0200 -0.0144 0.0266  74  ALA A N   
387 C CA  . ALA A 79  ? 0.3024 0.2902 0.3138 -0.0215 -0.0016 0.0329  74  ALA A CA  
388 C C   . ALA A 79  ? 0.2868 0.2751 0.2844 -0.0171 -0.0052 0.0377  74  ALA A C   
389 O O   . ALA A 79  ? 0.2768 0.2658 0.2765 -0.0161 -0.0025 0.0378  74  ALA A O   
390 C CB  . ALA A 79  ? 0.2862 0.2587 0.2828 -0.0227 0.0087  0.0358  74  ALA A CB  
391 N N   . VAL A 80  ? 0.2784 0.2641 0.2658 -0.0154 -0.0076 0.0396  75  VAL A N   
392 C CA  . VAL A 80  ? 0.2628 0.2482 0.2521 -0.0144 -0.0037 0.0412  75  VAL A CA  
393 C C   . VAL A 80  ? 0.2722 0.2532 0.2622 -0.0132 -0.0037 0.0446  75  VAL A C   
394 O O   . VAL A 80  ? 0.2596 0.2420 0.2620 -0.0144 -0.0005 0.0434  75  VAL A O   
395 C CB  . VAL A 80  ? 0.2689 0.2489 0.2535 -0.0141 0.0038  0.0412  75  VAL A CB  
396 C CG1 . VAL A 80  ? 0.2514 0.2299 0.2536 -0.0165 0.0162  0.0402  75  VAL A CG1 
397 C CG2 . VAL A 80  ? 0.2579 0.2423 0.2474 -0.0124 0.0008  0.0360  75  VAL A CG2 
398 N N   . VAL A 81  ? 0.2839 0.2564 0.2603 -0.0084 -0.0107 0.0467  76  VAL A N   
399 C CA  . VAL A 81  ? 0.2979 0.2609 0.2715 -0.0027 -0.0153 0.0497  76  VAL A CA  
400 C C   . VAL A 81  ? 0.2773 0.2558 0.2793 -0.0053 -0.0163 0.0447  76  VAL A C   
401 O O   . VAL A 81  ? 0.3066 0.2801 0.3144 -0.0041 -0.0133 0.0463  76  VAL A O   
402 C CB  . VAL A 81  ? 0.3075 0.2599 0.2637 0.0087  -0.0338 0.0470  76  VAL A CB  
403 C CG1 . VAL A 81  ? 0.3464 0.2910 0.3060 0.0191  -0.0458 0.0469  76  VAL A CG1 
404 C CG2 . VAL A 81  ? 0.3741 0.2994 0.2849 0.0152  -0.0305 0.0526  76  VAL A CG2 
405 N N   . TRP A 82  ? 0.2684 0.2607 0.2865 -0.0089 -0.0163 0.0381  77  TRP A N   
406 C CA  . TRP A 82  ? 0.2620 0.2611 0.2975 -0.0104 -0.0097 0.0335  77  TRP A CA  
407 C C   . TRP A 82  ? 0.2656 0.2600 0.2901 -0.0115 -0.0034 0.0337  77  TRP A C   
408 O O   . TRP A 82  ? 0.2847 0.2778 0.3150 -0.0097 -0.0009 0.0296  77  TRP A O   
409 C CB  . TRP A 82  ? 0.2616 0.2672 0.3145 -0.0145 -0.0019 0.0270  77  TRP A CB  
410 C CG  . TRP A 82  ? 0.2789 0.2963 0.3657 -0.0117 -0.0128 0.0176  77  TRP A CG  
411 C CD1 . TRP A 82  ? 0.2639 0.2828 0.3603 -0.0017 -0.0299 0.0146  77  TRP A CD1 
412 C CD2 . TRP A 82  ? 0.2686 0.2960 0.3898 -0.0166 -0.0101 0.0062  77  TRP A CD2 
413 N NE1 . TRP A 82  ? 0.2310 0.2637 0.3676 0.0025  -0.0437 -0.0005 77  TRP A NE1 
414 C CE2 . TRP A 82  ? 0.2136 0.2547 0.3729 -0.0085 -0.0309 -0.0076 77  TRP A CE2 
415 C CE3 . TRP A 82  ? 0.2648 0.2874 0.3912 -0.0264 0.0074  0.0049  77  TRP A CE3 
416 C CZ2 . TRP A 82  ? 0.2122 0.2699 0.4272 -0.0112 -0.0364 -0.0273 77  TRP A CZ2 
417 C CZ3 . TRP A 82  ? 0.2109 0.2455 0.3905 -0.0322 0.0100  -0.0113 77  TRP A CZ3 
418 C CH2 . TRP A 82  ? 0.2433 0.2993 0.4727 -0.0251 -0.0138 -0.0297 77  TRP A CH2 
419 N N   . MET A 83  ? 0.2605 0.2520 0.2719 -0.0125 -0.0039 0.0347  78  MET A N   
420 C CA  . MET A 83  ? 0.2651 0.2542 0.2745 -0.0097 -0.0072 0.0286  78  MET A CA  
421 C C   . MET A 83  ? 0.2512 0.2415 0.2810 -0.0118 -0.0070 0.0262  78  MET A C   
422 O O   . MET A 83  ? 0.2564 0.2458 0.2944 -0.0095 -0.0108 0.0170  78  MET A O   
423 C CB  . MET A 83  ? 0.2544 0.2433 0.2586 -0.0075 -0.0123 0.0262  78  MET A CB  
424 C CG  . MET A 83  ? 0.2674 0.2442 0.2450 -0.0039 -0.0101 0.0297  78  MET A CG  
425 S SD  . MET A 83  ? 0.3155 0.2919 0.2923 0.0012  -0.0192 0.0266  78  MET A SD  
426 C CE  . MET A 83  ? 0.3329 0.2834 0.2719 0.0057  -0.0126 0.0339  78  MET A CE  
427 N N   . GLN A 84  ? 0.2655 0.2513 0.2983 -0.0148 -0.0010 0.0339  79  GLN A N   
428 C CA  . GLN A 84  ? 0.2811 0.2563 0.3284 -0.0174 0.0073  0.0348  79  GLN A CA  
429 C C   . GLN A 84  ? 0.2667 0.2364 0.3161 -0.0139 0.0044  0.0351  79  GLN A C   
430 O O   . GLN A 84  ? 0.2700 0.2330 0.3383 -0.0161 0.0090  0.0301  79  GLN A O   
431 C CB  . GLN A 84  ? 0.2844 0.2397 0.3131 -0.0173 0.0194  0.0471  79  GLN A CB  
432 C CG  . GLN A 84  ? 0.3807 0.3379 0.4164 -0.0221 0.0312  0.0447  79  GLN A CG  
433 C CD  . GLN A 84  ? 0.4490 0.3767 0.4473 -0.0189 0.0463  0.0577  79  GLN A CD  
434 O OE1 . GLN A 84  ? 0.4458 0.3705 0.4125 -0.0122 0.0351  0.0616  79  GLN A OE1 
435 N NE2 . GLN A 84  ? 0.4707 0.3701 0.4687 -0.0225 0.0731  0.0635  79  GLN A NE2 
436 N N   . ASN A 85  ? 0.2610 0.2339 0.2996 -0.0088 -0.0023 0.0382  80  ASN A N   
437 C CA  . ASN A 85  ? 0.2850 0.2551 0.3340 -0.0037 -0.0052 0.0356  80  ASN A CA  
438 C C   . ASN A 85  ? 0.2650 0.2427 0.3244 -0.0047 -0.0032 0.0235  80  ASN A C   
439 O O   . ASN A 85  ? 0.3031 0.2737 0.3748 -0.0026 -0.0024 0.0187  80  ASN A O   
440 C CB  . ASN A 85  ? 0.2856 0.2631 0.3385 0.0026  -0.0136 0.0350  80  ASN A CB  
441 C CG  . ASN A 85  ? 0.3391 0.3094 0.4055 0.0119  -0.0201 0.0332  80  ASN A CG  
442 O OD1 . ASN A 85  ? 0.3537 0.3002 0.4037 0.0191  -0.0243 0.0418  80  ASN A OD1 
443 N ND2 . ASN A 85  ? 0.3019 0.2876 0.3959 0.0134  -0.0181 0.0219  80  ASN A ND2 
444 N N   . GLN A 86  ? 0.2643 0.2483 0.3113 -0.0056 -0.0028 0.0186  81  GLN A N   
445 C CA  . GLN A 86  ? 0.2958 0.2743 0.3323 -0.0013 -0.0032 0.0066  81  GLN A CA  
446 C C   . GLN A 86  ? 0.2917 0.2683 0.3449 -0.0020 -0.0118 -0.0036 81  GLN A C   
447 O O   . GLN A 86  ? 0.3188 0.2891 0.3769 0.0018  -0.0151 -0.0160 81  GLN A O   
448 C CB  . GLN A 86  ? 0.3291 0.3001 0.3326 0.0027  -0.0021 0.0056  81  GLN A CB  
449 C CG  . GLN A 86  ? 0.4389 0.3900 0.4093 0.0119  0.0046  -0.0031 81  GLN A CG  
450 C CD  . GLN A 86  ? 0.5380 0.4805 0.4997 0.0203  -0.0118 -0.0186 81  GLN A CD  
451 O OE1 . GLN A 86  ? 0.6056 0.5377 0.5603 0.0257  -0.0085 -0.0287 81  GLN A OE1 
452 N NE2 . GLN A 86  ? 0.4989 0.4464 0.4675 0.0225  -0.0309 -0.0248 81  GLN A NE2 
453 N N   . LEU A 87  ? 0.2728 0.2537 0.3422 -0.0075 -0.0129 -0.0011 82  LEU A N   
454 C CA  . LEU A 87  ? 0.2914 0.2737 0.3940 -0.0102 -0.0181 -0.0166 82  LEU A CA  
455 C C   . LEU A 87  ? 0.2830 0.2542 0.4110 -0.0152 -0.0082 -0.0165 82  LEU A C   
456 O O   . LEU A 87  ? 0.3075 0.2781 0.4701 -0.0178 -0.0119 -0.0343 82  LEU A O   
457 C CB  . LEU A 87  ? 0.2811 0.2711 0.4060 -0.0164 -0.0142 -0.0163 82  LEU A CB  
458 C CG  . LEU A 87  ? 0.3324 0.3310 0.4409 -0.0089 -0.0290 -0.0221 82  LEU A CG  
459 C CD1 . LEU A 87  ? 0.3554 0.3649 0.5038 -0.0149 -0.0238 -0.0279 82  LEU A CD1 
460 C CD2 . LEU A 87  ? 0.3584 0.3535 0.4562 0.0042  -0.0523 -0.0430 82  LEU A CD2 
461 N N   . LYS A 88  ? 0.3096 0.4736 0.4757 0.0497  -0.0425 -0.0532 83  LYS A N   
462 C CA  . LYS A 88  ? 0.3341 0.4959 0.4956 0.0620  -0.0592 -0.0368 83  LYS A CA  
463 C C   . LYS A 88  ? 0.3273 0.4838 0.5266 0.0768  -0.0508 -0.0416 83  LYS A C   
464 O O   . LYS A 88  ? 0.3566 0.4980 0.5701 0.0921  -0.0694 -0.0339 83  LYS A O   
465 C CB  . LYS A 88  ? 0.3591 0.5555 0.5379 0.0634  -0.0870 -0.0368 83  LYS A CB  
466 C CG  . LYS A 88  ? 0.3907 0.6172 0.5296 0.0489  -0.1002 -0.0396 83  LYS A CG  
467 C CD  . LYS A 88  ? 0.4358 0.7038 0.5935 0.0490  -0.1304 -0.0409 83  LYS A CD  
468 C CE  . LYS A 88  ? 0.4514 0.7683 0.6015 0.0369  -0.1353 -0.0763 83  LYS A CE  
469 N NZ  . LYS A 88  ? 0.3313 0.6828 0.5254 0.0392  -0.1577 -0.0925 83  LYS A NZ  
470 N N   . GLN A 89  ? 0.2938 0.4719 0.5185 0.0705  -0.0277 -0.0561 84  GLN A N   
471 C CA  . GLN A 89  ? 0.2939 0.5019 0.5611 0.0821  -0.0156 -0.0736 84  GLN A CA  
472 C C   . GLN A 89  ? 0.3072 0.4870 0.5574 0.0946  -0.0099 -0.0782 84  GLN A C   
473 O O   . GLN A 89  ? 0.2751 0.4203 0.4777 0.0841  -0.0024 -0.0643 84  GLN A O   
474 C CB  . GLN A 89  ? 0.2904 0.5468 0.5797 0.0602  0.0103  -0.0805 84  GLN A CB  
475 C CG  . GLN A 89  ? 0.3053 0.5914 0.6305 0.0451  -0.0001 -0.0789 84  GLN A CG  
476 C CD  . GLN A 89  ? 0.4046 0.7237 0.7804 0.0650  -0.0211 -0.0944 84  GLN A CD  
477 O OE1 . GLN A 89  ? 0.4414 0.7999 0.8611 0.0832  -0.0165 -0.1158 84  GLN A OE1 
478 N NE2 . GLN A 89  ? 0.3794 0.6920 0.7571 0.0627  -0.0471 -0.0900 84  GLN A NE2 
479 N N   . GLU A 90  ? 0.3261 0.5214 0.6248 0.1194  -0.0184 -0.1033 85  GLU A N   
480 C CA  . GLU A 90  ? 0.3790 0.5451 0.6754 0.1342  -0.0201 -0.1178 85  GLU A CA  
481 C C   . GLU A 90  ? 0.3657 0.5430 0.6182 0.1167  0.0146  -0.1241 85  GLU A C   
482 O O   . GLU A 90  ? 0.3657 0.4957 0.5780 0.1127  0.0118  -0.1108 85  GLU A O   
483 C CB  . GLU A 90  ? 0.4000 0.5963 0.7789 0.1680  -0.0346 -0.1648 85  GLU A CB  
484 C CG  . GLU A 90  ? 0.5238 0.6639 0.9478 0.1927  -0.0892 -0.1541 85  GLU A CG  
485 C CD  . GLU A 90  ? 0.6025 0.6626 0.9731 0.1790  -0.1115 -0.1086 85  GLU A CD  
486 O OE1 . GLU A 90  ? 0.6713 0.7042 1.0181 0.1654  -0.1400 -0.0610 85  GLU A OE1 
487 O OE2 . GLU A 90  ? 0.5971 0.6320 0.9503 0.1787  -0.1020 -0.1203 85  GLU A OE2 
488 N N   . GLY A 91  ? 0.3665 0.6144 0.6290 0.1026  0.0446  -0.1414 86  GLY A N   
489 C CA  . GLY A 91  ? 0.3944 0.6659 0.6118 0.0771  0.0730  -0.1370 86  GLY A CA  
490 C C   . GLY A 91  ? 0.3998 0.6079 0.5594 0.0569  0.0677  -0.0944 86  GLY A C   
491 O O   . GLY A 91  ? 0.4108 0.5990 0.5330 0.0507  0.0732  -0.0905 86  GLY A O   
492 N N   . THR A 92  ? 0.3914 0.5751 0.5511 0.0481  0.0547  -0.0697 87  THR A N   
493 C CA  . THR A 92  ? 0.3973 0.5355 0.5208 0.0327  0.0479  -0.0435 87  THR A CA  
494 C C   . THR A 92  ? 0.3949 0.4834 0.4901 0.0467  0.0361  -0.0410 87  THR A C   
495 O O   . THR A 92  ? 0.4032 0.4683 0.4682 0.0386  0.0393  -0.0325 87  THR A O   
496 C CB  . THR A 92  ? 0.3992 0.5353 0.5431 0.0238  0.0343  -0.0344 87  THR A CB  
497 O OG1 . THR A 92  ? 0.4109 0.5911 0.5839 0.0019  0.0431  -0.0285 87  THR A OG1 
498 C CG2 . THR A 92  ? 0.3511 0.4461 0.4755 0.0161  0.0219  -0.0243 87  THR A CG2 
499 N N   . LYS A 93  ? 0.4022 0.4790 0.5105 0.0633  0.0186  -0.0433 88  LYS A N   
500 C CA  . LYS A 93  ? 0.4230 0.4619 0.5105 0.0685  0.0030  -0.0319 88  LYS A CA  
501 C C   . LYS A 93  ? 0.4263 0.4474 0.5072 0.0735  0.0095  -0.0429 88  LYS A C   
502 O O   . LYS A 93  ? 0.4340 0.4294 0.4848 0.0647  0.0092  -0.0316 88  LYS A O   
503 C CB  . LYS A 93  ? 0.4473 0.4806 0.5609 0.0808  -0.0254 -0.0241 88  LYS A CB  
504 C CG  . LYS A 93  ? 0.5165 0.5087 0.6204 0.0799  -0.0498 -0.0027 88  LYS A CG  
505 C CD  . LYS A 93  ? 0.6423 0.6172 0.7968 0.0963  -0.0890 0.0043  88  LYS A CD  
506 C CE  . LYS A 93  ? 0.6576 0.6656 0.8277 0.0978  -0.1024 0.0115  88  LYS A CE  
507 N NZ  . LYS A 93  ? 0.7165 0.7032 0.9064 0.0964  -0.1528 0.0482  88  LYS A NZ  
508 N N   . GLU A 94  ? 0.4230 0.4688 0.5364 0.0878  0.0155  -0.0722 89  GLU A N   
509 C CA  . GLU A 94  ? 0.4483 0.4848 0.5633 0.0965  0.0169  -0.0964 89  GLU A CA  
510 C C   . GLU A 94  ? 0.4390 0.4877 0.5056 0.0753  0.0398  -0.0906 89  GLU A C   
511 O O   . GLU A 94  ? 0.4468 0.4698 0.4935 0.0739  0.0360  -0.0937 89  GLU A O   
512 C CB  . GLU A 94  ? 0.4680 0.5494 0.6387 0.1196  0.0189  -0.1461 89  GLU A CB  
513 C CG  . GLU A 94  ? 0.5297 0.5931 0.7681 0.1463  -0.0163 -0.1545 89  GLU A CG  
514 C CD  . GLU A 94  ? 0.6146 0.7441 0.9271 0.1738  -0.0122 -0.2178 89  GLU A CD  
515 O OE1 . GLU A 94  ? 0.6173 0.8109 0.9244 0.1715  0.0184  -0.2603 89  GLU A OE1 
516 O OE2 . GLU A 94  ? 0.6510 0.7813 1.0301 0.1964  -0.0402 -0.2281 89  GLU A OE2 
517 N N   . LYS A 95  ? 0.4129 0.4977 0.4663 0.0563  0.0570  -0.0780 90  LYS A N   
518 C CA  . LYS A 95  ? 0.4236 0.5173 0.4376 0.0316  0.0678  -0.0605 90  LYS A CA  
519 C C   . LYS A 95  ? 0.4050 0.4424 0.3980 0.0284  0.0531  -0.0372 90  LYS A C   
520 O O   . LYS A 95  ? 0.4001 0.4241 0.3672 0.0206  0.0516  -0.0321 90  LYS A O   
521 C CB  . LYS A 95  ? 0.4375 0.5692 0.4574 0.0075  0.0760  -0.0394 90  LYS A CB  
522 C CG  . LYS A 95  ? 0.5022 0.6417 0.4917 -0.0253 0.0756  -0.0072 90  LYS A CG  
523 C CD  . LYS A 95  ? 0.5663 0.7683 0.5696 -0.0557 0.0853  0.0108  90  LYS A CD  
524 C CE  . LYS A 95  ? 0.6578 0.8410 0.6532 -0.0925 0.0657  0.0622  90  LYS A CE  
525 N NZ  . LYS A 95  ? 0.7255 0.9223 0.6736 -0.1131 0.0642  0.0804  90  LYS A NZ  
526 N N   . VAL A 96  ? 0.3721 0.3889 0.3780 0.0336  0.0419  -0.0275 91  VAL A N   
527 C CA  . VAL A 96  ? 0.3695 0.3600 0.3626 0.0291  0.0324  -0.0159 91  VAL A CA  
528 C C   . VAL A 96  ? 0.3652 0.3327 0.3452 0.0339  0.0266  -0.0173 91  VAL A C   
529 O O   . VAL A 96  ? 0.3754 0.3313 0.3406 0.0269  0.0248  -0.0133 91  VAL A O   
530 C CB  . VAL A 96  ? 0.3626 0.3597 0.3701 0.0311  0.0240  -0.0151 91  VAL A CB  
531 C CG1 . VAL A 96  ? 0.4194 0.4137 0.4171 0.0273  0.0178  -0.0160 91  VAL A CG1 
532 C CG2 . VAL A 96  ? 0.3968 0.4075 0.4276 0.0236  0.0223  -0.0151 91  VAL A CG2 
533 N N   . LEU A 97  ? 0.3709 0.3293 0.3649 0.0444  0.0176  -0.0208 92  LEU A N   
534 C CA  . LEU A 97  ? 0.4025 0.3305 0.3956 0.0440  0.0031  -0.0161 92  LEU A CA  
535 C C   . LEU A 97  ? 0.4160 0.3356 0.4022 0.0459  0.0075  -0.0357 92  LEU A C   
536 O O   . LEU A 97  ? 0.4355 0.3350 0.4112 0.0371  0.0001  -0.0289 92  LEU A O   
537 C CB  . LEU A 97  ? 0.4341 0.3438 0.4574 0.0529  -0.0208 -0.0094 92  LEU A CB  
538 C CG  . LEU A 97  ? 0.4451 0.3713 0.4645 0.0445  -0.0301 0.0163  92  LEU A CG  
539 C CD1 . LEU A 97  ? 0.5043 0.4064 0.5568 0.0495  -0.0655 0.0345  92  LEU A CD1 
540 C CD2 . LEU A 97  ? 0.4456 0.3902 0.4316 0.0216  -0.0255 0.0361  92  LEU A CD2 
541 N N   . GLU A 98  ? 0.4106 0.3583 0.4016 0.0538  0.0202  -0.0618 93  GLU A N   
542 C CA  . GLU A 98  ? 0.4263 0.3875 0.4029 0.0524  0.0261  -0.0860 93  GLU A CA  
543 C C   . GLU A 98  ? 0.4128 0.3753 0.3509 0.0322  0.0312  -0.0628 93  GLU A C   
544 O O   . GLU A 98  ? 0.4216 0.3708 0.3463 0.0277  0.0240  -0.0675 93  GLU A O   
545 C CB  . GLU A 98  ? 0.4499 0.4709 0.4370 0.0594  0.0429  -0.1222 93  GLU A CB  
546 C CG  . GLU A 98  ? 0.5652 0.6247 0.5323 0.0554  0.0509  -0.1568 93  GLU A CG  
547 C CD  . GLU A 98  ? 0.6889 0.7021 0.6747 0.0685  0.0281  -0.1804 93  GLU A CD  
548 O OE1 . GLU A 98  ? 0.7607 0.7751 0.7138 0.0559  0.0266  -0.1817 93  GLU A OE1 
549 O OE2 . GLU A 98  ? 0.7513 0.7237 0.7891 0.0886  0.0057  -0.1925 93  GLU A OE2 
550 N N   . TYR A 99  ? 0.3810 0.3559 0.3116 0.0211  0.0369  -0.0394 94  TYR A N   
551 C CA  . TYR A 99  ? 0.3884 0.3548 0.3029 0.0061  0.0293  -0.0171 94  TYR A CA  
552 C C   . TYR A 99  ? 0.3643 0.3020 0.2839 0.0088  0.0179  -0.0149 94  TYR A C   
553 O O   . TYR A 99  ? 0.3709 0.3031 0.2793 0.0018  0.0093  -0.0125 94  TYR A O   
554 C CB  . TYR A 99  ? 0.3746 0.3443 0.3064 -0.0006 0.0259  0.0023  94  TYR A CB  
555 C CG  . TYR A 99  ? 0.4003 0.3552 0.3390 -0.0111 0.0071  0.0210  94  TYR A CG  
556 C CD1 . TYR A 99  ? 0.3326 0.2723 0.2985 -0.0016 -0.0041 0.0132  94  TYR A CD1 
557 C CD2 . TYR A 99  ? 0.4318 0.3972 0.3545 -0.0325 -0.0031 0.0458  94  TYR A CD2 
558 C CE1 . TYR A 99  ? 0.3884 0.3158 0.3813 -0.0047 -0.0279 0.0202  94  TYR A CE1 
559 C CE2 . TYR A 99  ? 0.4370 0.3798 0.3795 -0.0413 -0.0324 0.0677  94  TYR A CE2 
560 C CZ  . TYR A 99  ? 0.4373 0.3570 0.4226 -0.0228 -0.0463 0.0499  94  TYR A CZ  
561 O OH  . TYR A 99  ? 0.4245 0.3230 0.4484 -0.0248 -0.0813 0.0613  94  TYR A OH  
562 N N   . VAL A 100 ? 0.3366 0.2668 0.2725 0.0144  0.0166  -0.0134 95  VAL A N   
563 C CA  . VAL A 100 ? 0.3321 0.2579 0.2729 0.0086  0.0095  -0.0085 95  VAL A CA  
564 C C   . VAL A 100 ? 0.3620 0.2666 0.2987 0.0053  0.0014  -0.0126 95  VAL A C   
565 O O   . VAL A 100 ? 0.3633 0.2676 0.2998 -0.0037 -0.0047 -0.0110 95  VAL A O   
566 C CB  . VAL A 100 ? 0.3261 0.2657 0.2755 0.0063  0.0094  -0.0006 95  VAL A CB  
567 C CG1 . VAL A 100 ? 0.3248 0.2809 0.2748 -0.0102 0.0047  0.0092  95  VAL A CG1 
568 C CG2 . VAL A 100 ? 0.3226 0.2869 0.2829 0.0111  0.0142  -0.0075 95  VAL A CG2 
569 N N   . ASN A 101 ? 0.3723 0.2610 0.3166 0.0143  -0.0025 -0.0231 96  ASN A N   
570 C CA  . ASN A 101 ? 0.4221 0.2849 0.3777 0.0140  -0.0178 -0.0353 96  ASN A CA  
571 C C   . ASN A 101 ? 0.4429 0.3156 0.3781 0.0112  -0.0157 -0.0539 96  ASN A C   
572 O O   . ASN A 101 ? 0.4393 0.2962 0.3798 0.0028  -0.0291 -0.0565 96  ASN A O   
573 C CB  . ASN A 101 ? 0.4471 0.2956 0.4322 0.0321  -0.0277 -0.0588 96  ASN A CB  
574 C CG  . ASN A 101 ? 0.5216 0.3278 0.5421 0.0323  -0.0574 -0.0683 96  ASN A CG  
575 O OD1 . ASN A 101 ? 0.5788 0.3602 0.6085 0.0127  -0.0751 -0.0332 96  ASN A OD1 
576 N ND2 . ASN A 101 ? 0.5283 0.3335 0.5744 0.0515  -0.0656 -0.1182 96  ASN A ND2 
577 N N   . GLN A 102 ? 0.4509 0.3549 0.3624 0.0133  -0.0019 -0.0631 97  GLN A N   
578 C CA  . GLN A 102 ? 0.4891 0.4131 0.3726 0.0041  -0.0041 -0.0722 97  GLN A CA  
579 C C   . GLN A 102 ? 0.4666 0.3791 0.3488 -0.0073 -0.0156 -0.0477 97  GLN A C   
580 O O   . GLN A 102 ? 0.4941 0.4077 0.3667 -0.0142 -0.0275 -0.0548 97  GLN A O   
581 C CB  . GLN A 102 ? 0.5063 0.4772 0.3606 -0.0038 0.0096  -0.0689 97  GLN A CB  
582 C CG  . GLN A 102 ? 0.6027 0.6128 0.4625 0.0069  0.0246  -0.1067 97  GLN A CG  
583 C CD  . GLN A 102 ? 0.7714 0.8139 0.6241 0.0115  0.0224  -0.1583 97  GLN A CD  
584 O OE1 . GLN A 102 ? 0.7850 0.7944 0.6470 0.0150  0.0042  -0.1729 97  GLN A OE1 
585 N NE2 . GLN A 102 ? 0.8590 0.9795 0.6999 0.0100  0.0413  -0.1929 97  GLN A NE2 
586 N N   . LEU A 103 ? 0.4336 0.3435 0.3321 -0.0076 -0.0137 -0.0266 98  LEU A N   
587 C CA  . LEU A 103 ? 0.4237 0.3361 0.3403 -0.0130 -0.0248 -0.0173 98  LEU A CA  
588 C C   . LEU A 103 ? 0.4287 0.3369 0.3628 -0.0200 -0.0292 -0.0213 98  LEU A C   
589 O O   . LEU A 103 ? 0.4279 0.3435 0.3722 -0.0268 -0.0408 -0.0235 98  LEU A O   
590 C CB  . LEU A 103 ? 0.3925 0.3169 0.3337 -0.0079 -0.0230 -0.0100 98  LEU A CB  
591 C CG  . LEU A 103 ? 0.4133 0.3355 0.3513 -0.0098 -0.0336 0.0042  98  LEU A CG  
592 C CD1 . LEU A 103 ? 0.3941 0.3202 0.3620 -0.0025 -0.0317 0.0037  98  LEU A CD1 
593 C CD2 . LEU A 103 ? 0.4132 0.3326 0.3668 -0.0145 -0.0614 0.0131  98  LEU A CD2 
594 N N   . CYS A 104 ? 0.4327 0.3302 0.3742 -0.0222 -0.0250 -0.0175 99  CYS A N   
595 C CA  . CYS A 104 ? 0.4534 0.3439 0.4127 -0.0389 -0.0359 -0.0094 99  CYS A CA  
596 C C   . CYS A 104 ? 0.4835 0.3536 0.4429 -0.0413 -0.0514 -0.0262 99  CYS A C   
597 O O   . CYS A 104 ? 0.4849 0.3624 0.4617 -0.0576 -0.0617 -0.0217 99  CYS A O   
598 C CB  . CYS A 104 ? 0.4820 0.3455 0.4524 -0.0429 -0.0440 0.0037  99  CYS A CB  
599 S SG  . CYS A 104 ? 0.4833 0.3764 0.4487 -0.0448 -0.0313 0.0249  99  CYS A SG  
600 N N   . GLU A 105 ? 0.5082 0.3648 0.4507 -0.0271 -0.0527 -0.0498 100 GLU A N   
601 C CA  . GLU A 105 ? 0.5602 0.4083 0.4998 -0.0277 -0.0683 -0.0785 100 GLU A CA  
602 C C   . GLU A 105 ? 0.5636 0.4369 0.4837 -0.0354 -0.0732 -0.0760 100 GLU A C   
603 O O   . GLU A 105 ? 0.5888 0.4618 0.5068 -0.0408 -0.0895 -0.0961 100 GLU A O   
604 C CB  . GLU A 105 ? 0.5960 0.4510 0.5228 -0.0109 -0.0642 -0.1160 100 GLU A CB  
605 C CG  . GLU A 105 ? 0.6744 0.4981 0.6406 0.0018  -0.0710 -0.1260 100 GLU A CG  
606 C CD  . GLU A 105 ? 0.8115 0.6602 0.7795 0.0235  -0.0630 -0.1728 100 GLU A CD  
607 O OE1 . GLU A 105 ? 0.8557 0.6777 0.8714 0.0394  -0.0765 -0.1894 100 GLU A OE1 
608 O OE2 . GLU A 105 ? 0.8665 0.7694 0.7928 0.0223  -0.0463 -0.1928 100 GLU A OE2 
609 N N   . LYS A 106 ? 0.5217 0.4150 0.4359 -0.0351 -0.0657 -0.0535 101 LYS A N   
610 C CA  . LYS A 106 ? 0.5225 0.4337 0.4348 -0.0404 -0.0807 -0.0456 101 LYS A CA  
611 C C   . LYS A 106 ? 0.5021 0.4264 0.4584 -0.0469 -0.0883 -0.0406 101 LYS A C   
612 O O   . LYS A 106 ? 0.4821 0.4230 0.4543 -0.0475 -0.1063 -0.0383 101 LYS A O   
613 C CB  . LYS A 106 ? 0.5121 0.4344 0.4077 -0.0366 -0.0802 -0.0264 101 LYS A CB  
614 C CG  . LYS A 106 ? 0.5686 0.5053 0.4146 -0.0414 -0.0751 -0.0309 101 LYS A CG  
615 C CD  . LYS A 106 ? 0.6459 0.5958 0.4767 -0.0493 -0.0806 0.0014  101 LYS A CD  
616 C CE  . LYS A 106 ? 0.7075 0.6993 0.4823 -0.0653 -0.0746 -0.0003 101 LYS A CE  
617 N NZ  . LYS A 106 ? 0.7412 0.7455 0.5137 -0.0540 -0.0437 -0.0297 101 LYS A NZ  
618 N N   . ILE A 107 ? 0.4722 0.3987 0.4518 -0.0542 -0.0765 -0.0369 102 ILE A N   
619 C CA  . ILE A 107 ? 0.4564 0.4201 0.4765 -0.0682 -0.0773 -0.0341 102 ILE A CA  
620 C C   . ILE A 107 ? 0.4948 0.4501 0.5279 -0.0851 -0.0963 -0.0398 102 ILE A C   
621 O O   . ILE A 107 ? 0.5217 0.4416 0.5501 -0.0943 -0.1032 -0.0395 102 ILE A O   
622 C CB  . ILE A 107 ? 0.4496 0.4356 0.4807 -0.0822 -0.0593 -0.0191 102 ILE A CB  
623 C CG1 . ILE A 107 ? 0.3975 0.3950 0.4181 -0.0649 -0.0429 -0.0203 102 ILE A CG1 
624 C CG2 . ILE A 107 ? 0.4360 0.4921 0.5081 -0.1056 -0.0554 -0.0187 102 ILE A CG2 
625 C CD1 . ILE A 107 ? 0.4170 0.4354 0.4337 -0.0799 -0.0290 -0.0028 102 ILE A CD1 
626 N N   . PRO A 108 ? 0.4958 0.4812 0.5546 -0.0872 -0.1105 -0.0483 103 PRO A N   
627 C CA  . PRO A 108 ? 0.5424 0.5241 0.6189 -0.1057 -0.1310 -0.0555 103 PRO A CA  
628 C C   . PRO A 108 ? 0.5488 0.5669 0.6695 -0.1367 -0.1252 -0.0423 103 PRO A C   
629 O O   . PRO A 108 ? 0.6024 0.6232 0.7508 -0.1600 -0.1426 -0.0425 103 PRO A O   
630 C CB  . PRO A 108 ? 0.5407 0.5465 0.6307 -0.0959 -0.1525 -0.0663 103 PRO A CB  
631 C CG  . PRO A 108 ? 0.4909 0.5177 0.5925 -0.0751 -0.1457 -0.0630 103 PRO A CG  
632 C CD  . PRO A 108 ? 0.4786 0.4952 0.5600 -0.0704 -0.1173 -0.0545 103 PRO A CD  
633 O OXT . PRO A 108 ? 0.5484 0.6044 0.6784 -0.1455 -0.1036 -0.0284 103 PRO A OXT 
# 
